data_9LFY
#
_entry.id   9LFY
#
_cell.length_a   52.889
_cell.length_b   141.231
_cell.length_c   129.333
_cell.angle_alpha   90.00
_cell.angle_beta   101.49
_cell.angle_gamma   90.00
#
_symmetry.space_group_name_H-M   'P 1 21 1'
#
loop_
_entity.id
_entity.type
_entity.pdbx_description
1 polymer AprG
2 non-polymer DI(HYDROXYETHYL)ETHER
3 water water
#
_entity_poly.entity_id   1
_entity_poly.type   'polypeptide(L)'
_entity_poly.pdbx_seq_one_letter_code
;GAGAGALSGNSPHELKNAAQRAADWLVERQRPNGALPSRTAVIESCYKGMWALHTAGHTQAASAVADYVTSLLQPDGDIP
QPREERYFLDVHYLYANGYLTIGAHVLGRFGLSRKLMSFVETMRNPATGGFRSHGPAIPGDGRCDSVSTSISGLAALYTG
RVDTARSAADFLGSLWVGQPDRKNVFHAVADASGAVLTSDDAVAVQVRKAEGDWYFIGLPAFFLTALYEATEDRAYLDLA
TDLMTYMDEDCDEDAFVDSSCG(A1EJZ)AGVAAALLYRLTGRPRYREIAEGIGTLLCERQSPYGYWSEEETGDVADLFW
GDLDMTAEYVLWLDLIGRNLASGERVWAGKR
;
_entity_poly.pdbx_strand_id   A,B,C,D,E,F
#
# COMPACT_ATOMS: atom_id res chain seq x y z
N ASN A 10 23.49 -31.20 -3.34
CA ASN A 10 22.34 -32.06 -3.61
C ASN A 10 21.18 -31.77 -2.66
N SER A 11 21.37 -32.12 -1.39
CA SER A 11 20.31 -31.93 -0.40
C SER A 11 20.19 -30.46 -0.03
N PRO A 12 19.03 -30.04 0.48
CA PRO A 12 18.89 -28.64 0.93
C PRO A 12 19.89 -28.24 1.99
N HIS A 13 20.34 -29.17 2.83
CA HIS A 13 21.36 -28.84 3.83
C HIS A 13 22.70 -28.51 3.17
N GLU A 14 23.03 -29.20 2.09
CA GLU A 14 24.31 -28.96 1.42
C GLU A 14 24.29 -27.66 0.61
N LEU A 15 23.14 -27.33 0.00
CA LEU A 15 23.02 -26.02 -0.64
C LEU A 15 23.19 -24.90 0.37
N LYS A 16 22.59 -25.05 1.54
CA LYS A 16 22.69 -24.03 2.57
C LYS A 16 24.10 -23.93 3.14
N ASN A 17 24.76 -25.07 3.34
CA ASN A 17 26.13 -25.05 3.83
C ASN A 17 27.05 -24.36 2.83
N ALA A 18 26.85 -24.61 1.54
CA ALA A 18 27.64 -23.92 0.52
C ALA A 18 27.41 -22.43 0.57
N ALA A 19 26.17 -22.01 0.86
CA ALA A 19 25.86 -20.58 0.94
C ALA A 19 26.48 -19.96 2.18
N GLN A 20 26.47 -20.68 3.31
CA GLN A 20 27.09 -20.14 4.52
C GLN A 20 28.59 -19.98 4.37
N ARG A 21 29.25 -20.88 3.63
CA ARG A 21 30.68 -20.73 3.38
C ARG A 21 30.97 -19.45 2.61
N ALA A 22 30.24 -19.23 1.51
CA ALA A 22 30.43 -18.01 0.73
C ALA A 22 30.16 -16.77 1.57
N ALA A 23 29.10 -16.81 2.39
CA ALA A 23 28.80 -15.67 3.25
C ALA A 23 29.91 -15.44 4.27
N ASP A 24 30.47 -16.52 4.81
CA ASP A 24 31.62 -16.37 5.71
C ASP A 24 32.80 -15.76 4.96
N TRP A 25 33.01 -16.18 3.71
CA TRP A 25 34.09 -15.61 2.89
C TRP A 25 33.89 -14.11 2.71
N LEU A 26 32.65 -13.67 2.52
CA LEU A 26 32.38 -12.25 2.33
C LEU A 26 32.60 -11.47 3.61
N VAL A 27 32.11 -11.99 4.74
CA VAL A 27 32.14 -11.25 5.99
C VAL A 27 33.57 -11.09 6.50
N GLU A 28 34.42 -12.09 6.29
CA GLU A 28 35.81 -12.00 6.74
C GLU A 28 36.57 -10.89 6.00
N ARG A 29 36.23 -10.64 4.75
CA ARG A 29 36.92 -9.64 3.94
C ARG A 29 36.11 -8.37 3.76
N GLN A 30 35.08 -8.16 4.58
CA GLN A 30 34.31 -6.93 4.50
C GLN A 30 35.14 -5.76 5.01
N ARG A 31 34.95 -4.60 4.38
CA ARG A 31 35.72 -3.41 4.69
C ARG A 31 35.05 -2.63 5.81
N PRO A 32 35.82 -1.83 6.55
CA PRO A 32 35.25 -1.15 7.73
C PRO A 32 34.05 -0.27 7.43
N ASN A 33 33.98 0.32 6.24
CA ASN A 33 32.86 1.15 5.87
C ASN A 33 31.62 0.36 5.46
N GLY A 34 31.70 -0.97 5.48
CA GLY A 34 30.60 -1.83 5.11
C GLY A 34 30.67 -2.37 3.70
N ALA A 35 31.58 -1.85 2.86
CA ALA A 35 31.67 -2.32 1.49
C ALA A 35 32.26 -3.72 1.42
N LEU A 36 31.79 -4.48 0.43
CA LEU A 36 32.31 -5.82 0.21
C LEU A 36 33.61 -5.77 -0.58
N PRO A 37 34.49 -6.76 -0.42
CA PRO A 37 35.84 -6.67 -1.00
C PRO A 37 35.86 -6.69 -2.52
N SER A 38 35.49 -5.58 -3.15
CA SER A 38 35.55 -5.46 -4.60
C SER A 38 36.85 -4.76 -5.01
N ARG A 39 37.36 -5.15 -6.18
CA ARG A 39 38.57 -4.51 -6.71
C ARG A 39 38.27 -3.14 -7.29
N THR A 40 37.01 -2.84 -7.59
CA THR A 40 36.57 -1.50 -7.96
C THR A 40 35.37 -1.15 -7.10
N ALA A 41 35.46 -0.02 -6.39
CA ALA A 41 34.36 0.42 -5.55
C ALA A 41 33.20 0.91 -6.41
N VAL A 42 32.28 0.01 -6.75
CA VAL A 42 31.08 0.34 -7.52
C VAL A 42 29.88 -0.32 -6.85
N ILE A 43 28.70 0.25 -7.12
CA ILE A 43 27.49 -0.28 -6.50
C ILE A 43 27.14 -1.66 -7.05
N GLU A 44 27.50 -1.92 -8.31
CA GLU A 44 27.19 -3.21 -8.92
C GLU A 44 28.02 -4.35 -8.35
N SER A 45 28.88 -4.08 -7.37
CA SER A 45 29.64 -5.13 -6.72
C SER A 45 29.01 -5.59 -5.41
N CYS A 46 28.07 -4.82 -4.85
CA CYS A 46 27.55 -5.12 -3.52
C CYS A 46 26.06 -4.82 -3.38
N TYR A 47 25.33 -4.71 -4.49
CA TYR A 47 23.90 -4.36 -4.38
C TYR A 47 23.08 -5.52 -3.82
N LYS A 48 23.55 -6.76 -4.00
CA LYS A 48 22.89 -7.91 -3.40
C LYS A 48 23.38 -8.20 -1.98
N GLY A 49 24.26 -7.36 -1.43
CA GLY A 49 24.93 -7.70 -0.18
C GLY A 49 24.00 -7.67 1.02
N MET A 50 23.15 -6.65 1.13
CA MET A 50 22.25 -6.55 2.27
C MET A 50 21.36 -7.78 2.38
N TRP A 51 20.69 -8.13 1.28
CA TRP A 51 19.77 -9.25 1.29
C TRP A 51 20.49 -10.58 1.48
N ALA A 52 21.63 -10.75 0.82
CA ALA A 52 22.34 -12.03 0.87
C ALA A 52 22.88 -12.30 2.27
N LEU A 53 23.58 -11.32 2.87
CA LEU A 53 24.12 -11.53 4.20
C LEU A 53 23.03 -11.69 5.25
N HIS A 54 21.87 -11.03 5.04
CA HIS A 54 20.76 -11.16 5.97
C HIS A 54 20.25 -12.60 6.01
N THR A 55 20.07 -13.21 4.83
CA THR A 55 19.55 -14.58 4.77
C THR A 55 20.56 -15.59 5.29
N ALA A 56 21.84 -15.24 5.33
CA ALA A 56 22.86 -16.09 5.93
C ALA A 56 23.01 -15.87 7.43
N GLY A 57 22.26 -14.92 8.00
CA GLY A 57 22.35 -14.63 9.41
C GLY A 57 23.42 -13.64 9.80
N HIS A 58 24.21 -13.14 8.84
CA HIS A 58 25.23 -12.14 9.14
C HIS A 58 24.60 -10.74 9.12
N THR A 59 23.80 -10.49 10.16
CA THR A 59 22.97 -9.29 10.21
C THR A 59 23.77 -8.03 10.51
N GLN A 60 24.91 -8.13 11.19
CA GLN A 60 25.75 -6.96 11.41
C GLN A 60 26.61 -6.65 10.18
N ALA A 61 26.97 -7.68 9.41
CA ALA A 61 27.60 -7.43 8.12
C ALA A 61 26.61 -6.85 7.13
N ALA A 62 25.38 -7.39 7.09
CA ALA A 62 24.35 -6.84 6.22
C ALA A 62 24.00 -5.42 6.61
N SER A 63 23.89 -5.16 7.91
CA SER A 63 23.65 -3.80 8.38
C SER A 63 24.81 -2.87 8.02
N ALA A 64 26.03 -3.40 8.00
CA ALA A 64 27.17 -2.58 7.59
C ALA A 64 27.08 -2.22 6.12
N VAL A 65 26.62 -3.15 5.28
CA VAL A 65 26.39 -2.83 3.87
C VAL A 65 25.31 -1.75 3.76
N ALA A 66 24.29 -1.82 4.62
CA ALA A 66 23.27 -0.79 4.62
C ALA A 66 23.85 0.57 5.01
N ASP A 67 24.80 0.58 5.94
CA ASP A 67 25.48 1.83 6.27
C ASP A 67 26.22 2.38 5.05
N TYR A 68 26.90 1.50 4.31
CA TYR A 68 27.61 1.92 3.11
C TYR A 68 26.64 2.40 2.03
N VAL A 69 25.55 1.66 1.83
CA VAL A 69 24.57 2.03 0.82
C VAL A 69 23.90 3.35 1.18
N THR A 70 23.60 3.55 2.46
CA THR A 70 22.94 4.78 2.89
C THR A 70 23.80 6.01 2.63
N SER A 71 25.10 5.91 2.87
CA SER A 71 25.99 7.04 2.67
C SER A 71 26.14 7.42 1.20
N LEU A 72 25.82 6.50 0.28
CA LEU A 72 25.85 6.81 -1.14
C LEU A 72 24.52 7.32 -1.66
N LEU A 73 23.47 7.34 -0.84
CA LEU A 73 22.12 7.62 -1.31
C LEU A 73 21.96 9.10 -1.65
N GLN A 74 21.30 9.36 -2.78
CA GLN A 74 20.97 10.72 -3.19
C GLN A 74 19.59 11.12 -2.67
N PRO A 75 19.31 12.44 -2.56
CA PRO A 75 18.01 12.88 -2.02
C PRO A 75 16.80 12.31 -2.72
N ASP A 76 16.93 11.91 -3.99
CA ASP A 76 15.80 11.37 -4.74
C ASP A 76 15.65 9.87 -4.57
N GLY A 77 16.52 9.22 -3.80
CA GLY A 77 16.41 7.80 -3.54
C GLY A 77 17.22 6.90 -4.45
N ASP A 78 17.98 7.46 -5.38
CA ASP A 78 18.82 6.69 -6.28
C ASP A 78 20.25 6.64 -5.77
N ILE A 79 21.01 5.70 -6.31
CA ILE A 79 22.46 5.68 -6.17
C ILE A 79 23.07 5.68 -7.56
N PRO A 80 23.22 6.85 -8.19
CA PRO A 80 23.76 6.88 -9.56
C PRO A 80 25.25 6.68 -9.64
N GLN A 81 25.98 6.87 -8.54
CA GLN A 81 27.41 6.66 -8.49
C GLN A 81 27.77 5.98 -7.18
N PRO A 82 28.78 5.10 -7.18
CA PRO A 82 29.65 4.74 -8.31
C PRO A 82 29.08 3.64 -9.21
N ARG A 83 29.06 3.88 -10.52
CA ARG A 83 28.61 2.89 -11.49
C ARG A 83 29.57 2.90 -12.67
N GLU A 84 30.02 1.74 -13.08
CA GLU A 84 30.93 1.63 -14.21
C GLU A 84 30.44 0.64 -15.25
N GLU A 85 29.82 -0.45 -14.84
CA GLU A 85 29.41 -1.48 -15.79
C GLU A 85 28.30 -0.97 -16.70
N ARG A 86 28.45 -1.25 -18.00
CA ARG A 86 27.47 -0.84 -18.99
C ARG A 86 26.08 -1.39 -18.69
N TYR A 87 26.01 -2.64 -18.25
CA TYR A 87 24.71 -3.26 -17.97
C TYR A 87 23.96 -2.57 -16.84
N PHE A 88 24.67 -1.89 -15.94
CA PHE A 88 24.05 -1.13 -14.86
C PHE A 88 23.89 0.35 -15.21
N LEU A 89 23.96 0.68 -16.50
CA LEU A 89 23.76 2.05 -16.96
C LEU A 89 22.59 2.15 -17.92
N ASP A 90 22.57 1.39 -19.01
CA ASP A 90 21.47 1.48 -19.97
C ASP A 90 20.93 0.14 -20.41
N VAL A 91 21.26 -0.95 -19.71
CA VAL A 91 20.66 -2.25 -20.00
C VAL A 91 19.59 -2.56 -18.97
N HIS A 92 19.99 -2.72 -17.70
CA HIS A 92 19.05 -2.82 -16.57
C HIS A 92 19.66 -2.01 -15.42
N TYR A 93 19.46 -0.69 -15.50
CA TYR A 93 19.99 0.23 -14.50
C TYR A 93 19.43 -0.11 -13.11
N LEU A 94 18.12 -0.36 -13.03
CA LEU A 94 17.44 -0.60 -11.76
C LEU A 94 17.73 -1.97 -11.17
N TYR A 95 18.50 -2.82 -11.85
CA TYR A 95 18.86 -4.12 -11.29
C TYR A 95 19.55 -3.97 -9.95
N ALA A 96 20.42 -2.95 -9.82
CA ALA A 96 21.03 -2.68 -8.52
C ALA A 96 20.00 -2.16 -7.52
N ASN A 97 19.20 -1.17 -7.94
CA ASN A 97 18.20 -0.59 -7.05
C ASN A 97 17.21 -1.62 -6.54
N GLY A 98 16.88 -2.62 -7.37
CA GLY A 98 15.90 -3.61 -6.95
C GLY A 98 16.35 -4.43 -5.76
N TYR A 99 17.55 -5.00 -5.84
CA TYR A 99 18.08 -5.77 -4.71
C TYR A 99 18.33 -4.87 -3.51
N LEU A 100 18.75 -3.62 -3.75
CA LEU A 100 18.95 -2.69 -2.64
C LEU A 100 17.66 -2.47 -1.86
N THR A 101 16.54 -2.32 -2.56
CA THR A 101 15.26 -2.11 -1.90
C THR A 101 14.88 -3.33 -1.06
N ILE A 102 14.97 -4.52 -1.63
CA ILE A 102 14.62 -5.74 -0.91
C ILE A 102 15.52 -5.90 0.31
N GLY A 103 16.83 -5.78 0.10
CA GLY A 103 17.76 -5.97 1.20
C GLY A 103 17.55 -4.99 2.34
N ALA A 104 17.25 -3.73 1.99
CA ALA A 104 17.00 -2.74 3.03
C ALA A 104 15.70 -3.03 3.78
N HIS A 105 14.67 -3.46 3.06
CA HIS A 105 13.36 -3.64 3.70
C HIS A 105 13.36 -4.81 4.68
N VAL A 106 13.96 -5.94 4.29
CA VAL A 106 14.03 -7.09 5.20
C VAL A 106 14.91 -6.80 6.41
N LEU A 107 15.85 -5.86 6.30
CA LEU A 107 16.65 -5.44 7.45
C LEU A 107 15.91 -4.50 8.39
N GLY A 108 14.70 -4.07 8.02
CA GLY A 108 13.99 -3.08 8.79
C GLY A 108 14.45 -1.65 8.58
N ARG A 109 15.34 -1.40 7.62
CA ARG A 109 15.75 -0.06 7.24
C ARG A 109 14.64 0.57 6.40
N PHE A 110 13.55 0.91 7.08
CA PHE A 110 12.34 1.34 6.38
C PHE A 110 12.52 2.69 5.70
N GLY A 111 13.40 3.53 6.22
CA GLY A 111 13.67 4.80 5.55
C GLY A 111 14.47 4.60 4.28
N LEU A 112 15.49 3.73 4.34
CA LEU A 112 16.29 3.43 3.16
C LEU A 112 15.43 2.78 2.07
N SER A 113 14.58 1.83 2.45
CA SER A 113 13.79 1.11 1.45
C SER A 113 12.69 1.98 0.87
N ARG A 114 12.11 2.87 1.68
CA ARG A 114 11.08 3.78 1.17
C ARG A 114 11.67 4.70 0.10
N LYS A 115 12.84 5.28 0.37
CA LYS A 115 13.46 6.18 -0.59
C LYS A 115 13.93 5.43 -1.83
N LEU A 116 14.51 4.24 -1.65
CA LEU A 116 14.94 3.43 -2.79
C LEU A 116 13.74 3.05 -3.66
N MET A 117 12.69 2.51 -3.05
CA MET A 117 11.51 2.09 -3.81
C MET A 117 10.81 3.28 -4.46
N SER A 118 10.82 4.43 -3.78
CA SER A 118 10.21 5.62 -4.36
C SER A 118 10.90 6.02 -5.65
N PHE A 119 12.23 5.97 -5.69
CA PHE A 119 12.94 6.29 -6.93
C PHE A 119 12.63 5.27 -8.01
N VAL A 120 12.60 3.98 -7.63
CA VAL A 120 12.25 2.92 -8.58
C VAL A 120 10.90 3.22 -9.22
N GLU A 121 9.95 3.76 -8.43
CA GLU A 121 8.63 4.08 -8.96
C GLU A 121 8.70 5.19 -10.00
N THR A 122 9.59 6.16 -9.81
CA THR A 122 9.72 7.26 -10.76
C THR A 122 10.19 6.78 -12.12
N MET A 123 10.82 5.61 -12.18
CA MET A 123 11.27 5.01 -13.43
C MET A 123 10.22 4.10 -14.04
N ARG A 124 9.06 3.96 -13.40
CA ARG A 124 8.01 3.12 -13.95
C ARG A 124 7.33 3.84 -15.11
N ASN A 125 7.10 3.10 -16.20
CA ASN A 125 6.33 3.60 -17.33
C ASN A 125 4.85 3.41 -17.02
N PRO A 126 4.13 4.49 -16.69
CA PRO A 126 2.72 4.31 -16.27
C PRO A 126 1.83 3.75 -17.36
N ALA A 127 2.24 3.87 -18.63
CA ALA A 127 1.41 3.39 -19.72
C ALA A 127 1.53 1.88 -19.88
N THR A 128 2.71 1.32 -19.62
CA THR A 128 2.99 -0.08 -19.92
C THR A 128 3.25 -0.94 -18.68
N GLY A 129 3.58 -0.33 -17.55
CA GLY A 129 3.96 -1.09 -16.37
C GLY A 129 5.41 -1.52 -16.32
N GLY A 130 6.18 -1.30 -17.38
CA GLY A 130 7.60 -1.62 -17.36
C GLY A 130 8.41 -0.52 -16.71
N PHE A 131 9.68 -0.83 -16.48
CA PHE A 131 10.60 0.10 -15.83
C PHE A 131 11.76 0.42 -16.76
N ARG A 132 12.13 1.70 -16.82
CA ARG A 132 13.04 2.17 -17.84
C ARG A 132 14.43 1.56 -17.66
N SER A 133 15.02 1.11 -18.77
CA SER A 133 16.27 0.37 -18.73
C SER A 133 17.45 1.25 -18.35
N HIS A 134 17.46 2.51 -18.78
CA HIS A 134 18.58 3.41 -18.56
C HIS A 134 18.23 4.43 -17.50
N GLY A 135 19.18 4.69 -16.60
CA GLY A 135 18.95 5.60 -15.50
C GLY A 135 18.89 7.04 -15.95
N PRO A 136 18.64 7.94 -14.99
CA PRO A 136 18.65 9.37 -15.31
C PRO A 136 20.01 9.81 -15.84
N ALA A 137 19.98 10.75 -16.78
CA ALA A 137 21.15 11.32 -17.43
C ALA A 137 21.95 10.29 -18.23
N ILE A 138 21.42 9.09 -18.40
CA ILE A 138 22.01 8.08 -19.28
C ILE A 138 21.27 8.12 -20.61
N PRO A 139 21.97 8.27 -21.73
CA PRO A 139 21.28 8.30 -23.03
C PRO A 139 20.49 7.03 -23.28
N GLY A 140 19.28 7.20 -23.80
CA GLY A 140 18.40 6.08 -24.06
C GLY A 140 17.09 6.56 -24.65
N ASP A 141 16.27 5.61 -25.05
CA ASP A 141 15.04 5.89 -25.77
C ASP A 141 13.79 5.54 -24.97
N GLY A 142 13.91 5.36 -23.65
CA GLY A 142 12.77 5.03 -22.83
C GLY A 142 12.35 3.58 -22.85
N ARG A 143 13.18 2.70 -23.37
CA ARG A 143 12.85 1.28 -23.43
C ARG A 143 12.74 0.69 -22.03
N CYS A 144 11.98 -0.40 -21.93
CA CYS A 144 11.79 -1.13 -20.68
C CYS A 144 12.07 -2.60 -20.91
N ASP A 145 12.84 -3.22 -20.02
CA ASP A 145 13.28 -4.59 -20.18
C ASP A 145 12.69 -5.49 -19.10
N SER A 146 12.72 -6.79 -19.36
CA SER A 146 12.11 -7.75 -18.46
C SER A 146 12.84 -7.85 -17.12
N VAL A 147 14.14 -7.60 -17.11
CA VAL A 147 14.91 -7.70 -15.87
C VAL A 147 14.63 -6.51 -14.96
N SER A 148 14.72 -5.29 -15.50
CA SER A 148 14.38 -4.11 -14.71
C SER A 148 12.96 -4.20 -14.17
N THR A 149 12.03 -4.70 -15.00
CA THR A 149 10.64 -4.78 -14.58
C THR A 149 10.43 -5.87 -13.54
N SER A 150 11.13 -7.01 -13.68
CA SER A 150 10.92 -8.11 -12.75
C SER A 150 11.50 -7.81 -11.38
N ILE A 151 12.70 -7.24 -11.33
CA ILE A 151 13.33 -6.97 -10.04
C ILE A 151 12.62 -5.82 -9.33
N SER A 152 12.14 -4.83 -10.09
CA SER A 152 11.35 -3.77 -9.49
C SER A 152 10.01 -4.30 -8.99
N GLY A 153 9.40 -5.22 -9.74
CA GLY A 153 8.18 -5.85 -9.28
C GLY A 153 8.40 -6.70 -8.04
N LEU A 154 9.56 -7.35 -7.95
CA LEU A 154 9.88 -8.09 -6.73
C LEU A 154 10.13 -7.15 -5.56
N ALA A 155 10.86 -6.06 -5.81
CA ALA A 155 11.01 -5.04 -4.78
C ALA A 155 9.66 -4.46 -4.37
N ALA A 156 8.72 -4.38 -5.32
CA ALA A 156 7.37 -3.92 -4.99
C ALA A 156 6.68 -4.89 -4.05
N LEU A 157 6.86 -6.20 -4.27
CA LEU A 157 6.22 -7.19 -3.40
C LEU A 157 6.74 -7.10 -1.98
N TYR A 158 8.06 -6.94 -1.81
CA TYR A 158 8.63 -6.91 -0.47
C TYR A 158 8.24 -5.65 0.29
N THR A 159 8.06 -4.53 -0.40
CA THR A 159 7.63 -3.30 0.24
C THR A 159 6.10 -3.15 0.30
N GLY A 160 5.35 -4.16 -0.14
CA GLY A 160 3.91 -4.09 -0.06
C GLY A 160 3.24 -3.23 -1.11
N ARG A 161 3.93 -2.88 -2.19
CA ARG A 161 3.33 -2.12 -3.28
C ARG A 161 2.83 -3.09 -4.35
N VAL A 162 1.75 -3.79 -3.99
CA VAL A 162 1.26 -4.91 -4.79
C VAL A 162 0.73 -4.43 -6.14
N ASP A 163 0.13 -3.24 -6.20
CA ASP A 163 -0.37 -2.72 -7.46
C ASP A 163 0.77 -2.46 -8.45
N THR A 164 1.90 -1.97 -7.95
CA THR A 164 3.08 -1.82 -8.81
C THR A 164 3.57 -3.17 -9.32
N ALA A 165 3.56 -4.18 -8.44
CA ALA A 165 3.98 -5.52 -8.84
C ALA A 165 3.01 -6.13 -9.85
N ARG A 166 1.71 -5.96 -9.64
CA ARG A 166 0.72 -6.43 -10.61
C ARG A 166 0.93 -5.77 -11.97
N SER A 167 1.15 -4.45 -11.97
CA SER A 167 1.36 -3.74 -13.23
C SER A 167 2.62 -4.21 -13.93
N ALA A 168 3.65 -4.55 -13.15
CA ALA A 168 4.86 -5.12 -13.72
C ALA A 168 4.62 -6.49 -14.33
N ALA A 169 3.72 -7.28 -13.75
CA ALA A 169 3.37 -8.56 -14.34
C ALA A 169 2.53 -8.38 -15.61
N ASP A 170 1.71 -7.34 -15.67
CA ASP A 170 1.01 -7.05 -16.92
C ASP A 170 2.00 -6.77 -18.04
N PHE A 171 3.08 -6.06 -17.73
CA PHE A 171 4.12 -5.81 -18.72
C PHE A 171 4.73 -7.11 -19.22
N LEU A 172 5.08 -8.00 -18.30
CA LEU A 172 5.69 -9.27 -18.69
C LEU A 172 4.72 -10.15 -19.48
N GLY A 173 3.43 -10.09 -19.12
CA GLY A 173 2.43 -10.80 -19.90
C GLY A 173 2.31 -10.27 -21.31
N SER A 174 2.32 -8.95 -21.47
CA SER A 174 2.28 -8.37 -22.81
C SER A 174 3.56 -8.70 -23.58
N LEU A 175 4.72 -8.63 -22.90
CA LEU A 175 5.98 -8.94 -23.55
C LEU A 175 6.03 -10.39 -24.02
N TRP A 176 5.39 -11.29 -23.28
CA TRP A 176 5.41 -12.70 -23.65
C TRP A 176 4.49 -12.97 -24.84
N VAL A 177 3.28 -12.42 -24.82
CA VAL A 177 2.33 -12.67 -25.89
C VAL A 177 2.79 -12.02 -27.19
N GLY A 178 3.40 -10.83 -27.09
CA GLY A 178 3.82 -10.10 -28.27
C GLY A 178 5.09 -10.59 -28.93
N GLN A 179 5.68 -11.69 -28.47
CA GLN A 179 6.90 -12.22 -29.05
C GLN A 179 6.69 -12.57 -30.51
N PRO A 180 7.48 -12.03 -31.45
CA PRO A 180 7.26 -12.32 -32.87
C PRO A 180 7.76 -13.69 -33.30
N ASP A 181 8.71 -14.28 -32.58
CA ASP A 181 9.32 -15.54 -32.98
C ASP A 181 9.99 -16.19 -31.78
N ARG A 182 9.18 -16.64 -30.81
CA ARG A 182 9.74 -17.07 -29.53
C ARG A 182 10.59 -18.33 -29.66
N LYS A 183 10.34 -19.14 -30.68
CA LYS A 183 11.08 -20.40 -30.82
C LYS A 183 12.54 -20.17 -31.17
N ASN A 184 12.89 -18.99 -31.69
CA ASN A 184 14.26 -18.69 -32.06
C ASN A 184 14.89 -17.58 -31.22
N VAL A 185 14.11 -16.58 -30.81
CA VAL A 185 14.63 -15.42 -30.10
C VAL A 185 13.61 -14.96 -29.08
N PHE A 186 14.08 -14.55 -27.90
CA PHE A 186 13.26 -13.91 -26.89
C PHE A 186 13.68 -12.45 -26.81
N HIS A 187 12.83 -11.55 -27.30
CA HIS A 187 13.07 -10.12 -27.18
C HIS A 187 12.63 -9.68 -25.80
N ALA A 188 13.59 -9.34 -24.94
CA ALA A 188 13.33 -9.02 -23.54
C ALA A 188 13.03 -7.55 -23.31
N VAL A 189 12.89 -6.74 -24.37
CA VAL A 189 12.73 -5.30 -24.22
C VAL A 189 11.49 -4.85 -24.99
N ALA A 190 10.80 -3.85 -24.42
CA ALA A 190 9.73 -3.15 -25.11
C ALA A 190 10.06 -1.67 -25.18
N ASP A 191 9.47 -0.98 -26.16
CA ASP A 191 9.69 0.46 -26.29
C ASP A 191 8.80 1.19 -25.28
N ALA A 192 8.81 2.53 -25.34
CA ALA A 192 8.05 3.31 -24.36
C ALA A 192 6.55 3.19 -24.55
N SER A 193 6.08 2.76 -25.73
CA SER A 193 4.65 2.64 -25.97
C SER A 193 4.11 1.27 -25.57
N GLY A 194 4.97 0.29 -25.29
CA GLY A 194 4.53 -1.03 -24.89
C GLY A 194 4.68 -2.11 -25.94
N ALA A 195 5.21 -1.79 -27.13
CA ALA A 195 5.39 -2.78 -28.17
C ALA A 195 6.74 -3.49 -27.99
N VAL A 196 6.76 -4.77 -28.35
CA VAL A 196 8.01 -5.53 -28.29
C VAL A 196 9.05 -4.87 -29.17
N LEU A 197 10.24 -4.63 -28.60
CA LEU A 197 11.30 -3.92 -29.29
C LEU A 197 12.26 -4.93 -29.91
N THR A 198 12.29 -4.98 -31.24
CA THR A 198 13.13 -5.92 -31.96
C THR A 198 14.35 -5.24 -32.59
N SER A 199 14.74 -4.07 -32.09
CA SER A 199 15.90 -3.39 -32.64
C SER A 199 17.18 -4.16 -32.31
N ASP A 200 18.17 -4.02 -33.19
CA ASP A 200 19.42 -4.76 -33.02
C ASP A 200 20.12 -4.42 -31.70
N ASP A 201 20.00 -3.17 -31.23
CA ASP A 201 20.66 -2.75 -30.01
C ASP A 201 19.88 -3.11 -28.74
N ALA A 202 18.85 -3.93 -28.85
CA ALA A 202 18.05 -4.33 -27.71
C ALA A 202 18.39 -5.76 -27.30
N VAL A 203 18.27 -6.04 -26.00
CA VAL A 203 18.59 -7.37 -25.49
C VAL A 203 17.67 -8.40 -26.13
N ALA A 204 18.27 -9.41 -26.75
CA ALA A 204 17.53 -10.49 -27.40
C ALA A 204 18.24 -11.80 -27.11
N VAL A 205 17.60 -12.68 -26.34
CA VAL A 205 18.19 -13.96 -26.01
C VAL A 205 18.12 -14.89 -27.22
N GLN A 206 19.28 -15.38 -27.64
CA GLN A 206 19.33 -16.41 -28.68
C GLN A 206 18.99 -17.74 -28.01
N VAL A 207 17.75 -18.19 -28.22
CA VAL A 207 17.20 -19.26 -27.40
C VAL A 207 17.75 -20.62 -27.83
N ARG A 208 17.87 -20.87 -29.13
CA ARG A 208 18.39 -22.15 -29.60
C ARG A 208 19.92 -22.21 -29.56
N LYS A 209 20.57 -21.30 -28.85
CA LYS A 209 22.03 -21.27 -28.77
C LYS A 209 22.44 -21.14 -27.31
N ALA A 210 23.74 -21.32 -27.06
CA ALA A 210 24.25 -21.31 -25.70
C ALA A 210 25.04 -20.04 -25.44
N GLU A 211 24.36 -18.89 -25.45
CA GLU A 211 25.03 -17.60 -25.29
C GLU A 211 24.50 -16.83 -24.08
N GLY A 212 24.02 -17.55 -23.06
CA GLY A 212 23.73 -16.92 -21.79
C GLY A 212 22.52 -16.01 -21.81
N ASP A 213 22.50 -15.06 -20.88
CA ASP A 213 21.45 -14.06 -20.73
C ASP A 213 20.08 -14.69 -20.46
N TRP A 214 20.04 -15.92 -19.93
CA TRP A 214 18.76 -16.56 -19.69
C TRP A 214 18.01 -15.92 -18.53
N TYR A 215 18.67 -15.10 -17.71
CA TYR A 215 17.99 -14.47 -16.59
C TYR A 215 17.01 -13.39 -17.04
N PHE A 216 17.00 -13.02 -18.32
CA PHE A 216 15.93 -12.19 -18.86
C PHE A 216 14.62 -12.96 -18.99
N ILE A 217 14.68 -14.30 -18.90
CA ILE A 217 13.51 -15.14 -18.81
C ILE A 217 13.33 -15.71 -17.40
N GLY A 218 14.45 -16.04 -16.73
CA GLY A 218 14.36 -16.71 -15.44
C GLY A 218 13.93 -15.80 -14.31
N LEU A 219 14.39 -14.55 -14.33
CA LEU A 219 13.97 -13.61 -13.29
C LEU A 219 12.49 -13.27 -13.42
N PRO A 220 11.93 -13.03 -14.62
CA PRO A 220 10.46 -12.94 -14.72
C PRO A 220 9.75 -14.17 -14.20
N ALA A 221 10.30 -15.37 -14.42
CA ALA A 221 9.67 -16.58 -13.90
C ALA A 221 9.66 -16.58 -12.38
N PHE A 222 10.76 -16.16 -11.76
CA PHE A 222 10.82 -16.06 -10.30
C PHE A 222 9.81 -15.04 -9.79
N PHE A 223 9.85 -13.81 -10.32
CA PHE A 223 8.97 -12.76 -9.83
C PHE A 223 7.49 -13.14 -10.00
N LEU A 224 7.15 -13.74 -11.14
CA LEU A 224 5.75 -14.09 -11.38
C LEU A 224 5.27 -15.17 -10.42
N THR A 225 6.13 -16.14 -10.11
CA THR A 225 5.76 -17.15 -9.13
C THR A 225 5.58 -16.55 -7.75
N ALA A 226 6.47 -15.63 -7.36
CA ALA A 226 6.33 -14.93 -6.08
C ALA A 226 5.06 -14.10 -6.06
N LEU A 227 4.73 -13.45 -7.18
CA LEU A 227 3.50 -12.67 -7.24
C LEU A 227 2.27 -13.57 -7.18
N TYR A 228 2.35 -14.77 -7.79
CA TYR A 228 1.25 -15.72 -7.64
C TYR A 228 1.07 -16.10 -6.17
N GLU A 229 2.17 -16.42 -5.48
CA GLU A 229 2.06 -16.75 -4.06
C GLU A 229 1.43 -15.60 -3.27
N ALA A 230 1.74 -14.36 -3.67
CA ALA A 230 1.19 -13.20 -2.97
C ALA A 230 -0.31 -13.08 -3.19
N THR A 231 -0.78 -13.37 -4.41
CA THR A 231 -2.16 -13.09 -4.79
C THR A 231 -2.99 -14.32 -5.10
N GLU A 232 -2.37 -15.47 -5.39
CA GLU A 232 -3.09 -16.67 -5.82
C GLU A 232 -3.94 -16.41 -7.06
N ASP A 233 -3.52 -15.45 -7.87
CA ASP A 233 -4.12 -15.22 -9.18
C ASP A 233 -3.54 -16.21 -10.17
N ARG A 234 -4.41 -17.00 -10.80
CA ARG A 234 -3.98 -18.06 -11.71
C ARG A 234 -3.15 -17.53 -12.87
N ALA A 235 -3.47 -16.32 -13.34
CA ALA A 235 -2.77 -15.79 -14.51
C ALA A 235 -1.27 -15.67 -14.28
N TYR A 236 -0.87 -15.30 -13.06
CA TYR A 236 0.56 -15.18 -12.77
C TYR A 236 1.23 -16.55 -12.70
N LEU A 237 0.51 -17.56 -12.24
CA LEU A 237 1.06 -18.92 -12.21
C LEU A 237 1.21 -19.46 -13.64
N ASP A 238 0.18 -19.30 -14.47
CA ASP A 238 0.22 -19.86 -15.82
C ASP A 238 1.33 -19.22 -16.64
N LEU A 239 1.57 -17.93 -16.46
CA LEU A 239 2.64 -17.27 -17.18
C LEU A 239 4.01 -17.71 -16.68
N ALA A 240 4.13 -17.91 -15.35
CA ALA A 240 5.41 -18.39 -14.81
C ALA A 240 5.69 -19.82 -15.26
N THR A 241 4.68 -20.68 -15.24
CA THR A 241 4.86 -22.04 -15.74
C THR A 241 5.08 -22.06 -17.24
N ASP A 242 4.49 -21.12 -17.97
CA ASP A 242 4.78 -21.02 -19.40
C ASP A 242 6.24 -20.69 -19.64
N LEU A 243 6.81 -19.79 -18.83
CA LEU A 243 8.23 -19.48 -18.97
C LEU A 243 9.11 -20.64 -18.58
N MET A 244 8.70 -21.43 -17.57
CA MET A 244 9.50 -22.58 -17.17
C MET A 244 9.44 -23.68 -18.21
N THR A 245 8.25 -23.97 -18.73
CA THR A 245 8.13 -24.91 -19.83
C THR A 245 8.93 -24.42 -21.03
N TYR A 246 8.85 -23.13 -21.31
CA TYR A 246 9.60 -22.53 -22.42
C TYR A 246 11.11 -22.73 -22.24
N MET A 247 11.59 -22.53 -21.01
CA MET A 247 13.03 -22.69 -20.76
C MET A 247 13.45 -24.16 -20.75
N ASP A 248 12.53 -25.06 -20.40
CA ASP A 248 12.90 -26.47 -20.27
C ASP A 248 12.86 -27.20 -21.61
N GLU A 249 11.87 -26.90 -22.45
CA GLU A 249 11.68 -27.62 -23.70
C GLU A 249 12.09 -26.85 -24.94
N ASP A 250 11.77 -25.56 -25.02
CA ASP A 250 12.09 -24.78 -26.21
C ASP A 250 13.51 -24.21 -26.20
N CYS A 251 14.08 -23.98 -25.03
CA CYS A 251 15.37 -23.32 -24.92
C CYS A 251 16.51 -24.33 -24.92
N ASP A 252 17.72 -23.82 -25.20
CA ASP A 252 18.92 -24.63 -25.19
C ASP A 252 19.16 -25.19 -23.79
N GLU A 253 20.00 -26.25 -23.74
CA GLU A 253 20.38 -26.83 -22.47
C GLU A 253 21.14 -25.83 -21.59
N ASP A 254 21.68 -24.77 -22.19
CA ASP A 254 22.38 -23.72 -21.46
C ASP A 254 21.46 -22.89 -20.56
N ALA A 255 20.15 -23.00 -20.73
CA ALA A 255 19.23 -22.26 -19.88
C ALA A 255 19.33 -22.68 -18.42
N PHE A 256 19.76 -23.91 -18.17
CA PHE A 256 19.95 -24.42 -16.81
C PHE A 256 21.41 -24.72 -16.51
N VAL A 257 22.33 -24.16 -17.29
CA VAL A 257 23.76 -24.41 -17.11
C VAL A 257 24.50 -23.08 -17.01
N ASP A 258 24.06 -22.09 -17.77
CA ASP A 258 24.70 -20.78 -17.76
C ASP A 258 24.68 -20.18 -16.36
N SER A 259 25.66 -19.31 -16.09
CA SER A 259 25.78 -18.71 -14.77
C SER A 259 24.53 -17.95 -14.36
N SER A 260 23.70 -17.51 -15.31
CA SER A 260 22.48 -16.79 -15.00
C SER A 260 21.29 -17.70 -14.75
N CYS A 261 21.51 -19.02 -14.67
CA CYS A 261 20.40 -19.95 -14.51
C CYS A 261 19.86 -19.97 -13.09
N GLY A 262 20.50 -19.28 -12.15
CA GLY A 262 20.10 -19.27 -10.76
C GLY A 262 18.68 -18.77 -10.55
N ALA A 264 16.06 -19.03 -12.65
CA ALA A 264 15.13 -20.10 -13.01
C ALA A 264 15.16 -21.21 -11.97
N GLY A 265 16.32 -21.45 -11.39
CA GLY A 265 16.42 -22.46 -10.33
C GLY A 265 15.62 -22.10 -9.10
N VAL A 266 15.66 -20.82 -8.70
CA VAL A 266 14.83 -20.35 -7.61
C VAL A 266 13.36 -20.44 -7.99
N ALA A 267 13.03 -20.06 -9.22
CA ALA A 267 11.64 -20.14 -9.68
C ALA A 267 11.14 -21.57 -9.63
N ALA A 268 11.96 -22.53 -10.08
CA ALA A 268 11.54 -23.94 -10.04
C ALA A 268 11.38 -24.41 -8.60
N ALA A 269 12.27 -23.98 -7.70
CA ALA A 269 12.16 -24.37 -6.30
C ALA A 269 10.88 -23.83 -5.68
N LEU A 270 10.56 -22.57 -5.96
CA LEU A 270 9.32 -21.98 -5.48
C LEU A 270 8.11 -22.70 -6.08
N LEU A 271 8.16 -22.96 -7.40
CA LEU A 271 7.07 -23.65 -8.06
C LEU A 271 6.89 -25.07 -7.54
N TYR A 272 7.98 -25.70 -7.07
CA TYR A 272 7.84 -27.02 -6.49
C TYR A 272 7.09 -26.96 -5.17
N ARG A 273 7.38 -25.98 -4.33
CA ARG A 273 6.65 -25.86 -3.08
C ARG A 273 5.19 -25.47 -3.31
N LEU A 274 4.92 -24.68 -4.35
CA LEU A 274 3.55 -24.25 -4.60
C LEU A 274 2.72 -25.30 -5.33
N THR A 275 3.32 -26.08 -6.23
CA THR A 275 2.59 -27.03 -7.05
C THR A 275 2.89 -28.49 -6.74
N GLY A 276 4.10 -28.81 -6.29
CA GLY A 276 4.48 -30.18 -6.04
C GLY A 276 4.86 -30.97 -7.25
N ARG A 277 4.90 -30.35 -8.43
CA ARG A 277 5.27 -31.07 -9.65
C ARG A 277 6.74 -31.44 -9.58
N PRO A 278 7.07 -32.74 -9.62
CA PRO A 278 8.47 -33.15 -9.39
C PRO A 278 9.45 -32.63 -10.43
N ARG A 279 8.99 -32.25 -11.63
CA ARG A 279 9.91 -31.70 -12.62
C ARG A 279 10.53 -30.39 -12.15
N TYR A 280 9.80 -29.61 -11.36
CA TYR A 280 10.37 -28.39 -10.79
C TYR A 280 11.43 -28.72 -9.75
N ARG A 281 11.25 -29.80 -8.99
CA ARG A 281 12.27 -30.20 -8.03
C ARG A 281 13.54 -30.63 -8.74
N GLU A 282 13.41 -31.32 -9.87
CA GLU A 282 14.59 -31.74 -10.62
C GLU A 282 15.36 -30.54 -11.16
N ILE A 283 14.65 -29.53 -11.67
CA ILE A 283 15.31 -28.34 -12.20
C ILE A 283 15.98 -27.56 -11.08
N ALA A 284 15.31 -27.44 -9.92
CA ALA A 284 15.90 -26.74 -8.79
C ALA A 284 17.10 -27.49 -8.22
N GLU A 285 16.96 -28.81 -8.06
CA GLU A 285 18.06 -29.60 -7.51
C GLU A 285 19.25 -29.62 -8.48
N GLY A 286 18.99 -29.80 -9.77
CA GLY A 286 20.09 -29.84 -10.72
C GLY A 286 20.83 -28.52 -10.81
N ILE A 287 20.12 -27.41 -10.71
CA ILE A 287 20.76 -26.10 -10.77
C ILE A 287 21.49 -25.80 -9.46
N GLY A 288 20.84 -26.08 -8.33
CA GLY A 288 21.50 -25.87 -7.05
C GLY A 288 22.74 -26.74 -6.88
N THR A 289 22.67 -27.98 -7.37
CA THR A 289 23.85 -28.83 -7.36
C THR A 289 24.94 -28.27 -8.27
N LEU A 290 24.55 -27.76 -9.45
CA LEU A 290 25.53 -27.26 -10.41
C LEU A 290 26.27 -26.05 -9.85
N LEU A 291 25.59 -25.20 -9.11
CA LEU A 291 26.26 -24.05 -8.48
C LEU A 291 27.18 -24.50 -7.35
N CYS A 292 26.82 -25.57 -6.64
CA CYS A 292 27.68 -26.08 -5.58
C CYS A 292 29.00 -26.58 -6.13
N GLU A 293 28.96 -27.31 -7.25
CA GLU A 293 30.18 -27.85 -7.84
C GLU A 293 31.10 -26.74 -8.33
N ARG A 294 30.55 -25.64 -8.82
CA ARG A 294 31.37 -24.54 -9.32
C ARG A 294 31.95 -23.67 -8.23
N GLN A 295 31.55 -23.87 -6.98
CA GLN A 295 32.06 -23.04 -5.89
C GLN A 295 33.52 -23.35 -5.62
N SER A 296 34.31 -22.30 -5.42
CA SER A 296 35.68 -22.47 -5.01
C SER A 296 35.74 -23.00 -3.58
N PRO A 297 36.67 -23.92 -3.28
CA PRO A 297 36.81 -24.42 -1.90
C PRO A 297 37.03 -23.30 -0.89
N TYR A 298 37.58 -22.17 -1.34
CA TYR A 298 37.76 -21.02 -0.44
C TYR A 298 36.43 -20.36 -0.08
N GLY A 299 35.39 -20.55 -0.87
CA GLY A 299 34.09 -20.00 -0.54
C GLY A 299 33.43 -19.19 -1.64
N TYR A 300 34.22 -18.52 -2.45
CA TYR A 300 33.70 -17.62 -3.47
C TYR A 300 33.38 -18.38 -4.76
N TRP A 301 32.77 -17.66 -5.69
CA TRP A 301 32.62 -18.09 -7.07
C TRP A 301 33.38 -17.13 -7.97
N SER A 302 33.88 -17.65 -9.09
CA SER A 302 34.63 -16.83 -10.01
C SER A 302 34.71 -17.53 -11.36
N GLU A 303 34.98 -16.74 -12.40
CA GLU A 303 35.22 -17.25 -13.74
C GLU A 303 36.68 -17.66 -13.95
N GLU A 304 37.62 -16.88 -13.42
CA GLU A 304 39.04 -17.10 -13.64
C GLU A 304 39.80 -17.43 -12.36
N GLU A 305 39.45 -16.80 -11.25
CA GLU A 305 40.25 -16.90 -10.03
C GLU A 305 40.12 -18.27 -9.39
N THR A 306 41.23 -18.79 -8.87
CA THR A 306 41.25 -20.08 -8.17
C THR A 306 42.00 -20.05 -6.85
N GLY A 307 42.76 -19.00 -6.56
CA GLY A 307 43.61 -18.97 -5.38
C GLY A 307 42.92 -18.38 -4.16
N ASP A 308 43.73 -18.22 -3.11
CA ASP A 308 43.25 -17.67 -1.84
C ASP A 308 43.36 -16.15 -1.88
N VAL A 309 42.45 -15.54 -2.64
CA VAL A 309 42.48 -14.10 -2.89
C VAL A 309 41.70 -13.38 -1.80
N ALA A 310 42.08 -12.13 -1.55
CA ALA A 310 41.44 -11.27 -0.56
C ALA A 310 40.40 -10.35 -1.15
N ASP A 311 40.22 -10.36 -2.47
CA ASP A 311 39.18 -9.57 -3.12
C ASP A 311 38.88 -10.17 -4.48
N LEU A 312 37.80 -9.70 -5.10
CA LEU A 312 37.39 -10.13 -6.42
C LEU A 312 37.04 -8.93 -7.27
N PHE A 313 37.06 -9.12 -8.58
CA PHE A 313 36.49 -8.11 -9.47
C PHE A 313 34.97 -8.14 -9.34
N TRP A 314 34.35 -7.00 -9.62
CA TRP A 314 32.97 -6.76 -9.21
C TRP A 314 32.03 -7.88 -9.64
N GLY A 315 32.28 -8.46 -10.82
CA GLY A 315 31.38 -9.49 -11.33
C GLY A 315 31.41 -10.76 -10.51
N ASP A 316 32.60 -11.18 -10.07
CA ASP A 316 32.71 -12.37 -9.23
C ASP A 316 32.15 -12.12 -7.84
N LEU A 317 32.44 -10.94 -7.26
CA LEU A 317 31.92 -10.62 -5.94
C LEU A 317 30.40 -10.54 -5.94
N ASP A 318 29.82 -9.98 -7.00
CA ASP A 318 28.37 -9.95 -7.12
C ASP A 318 27.80 -11.36 -7.26
N MET A 319 28.45 -12.21 -8.06
CA MET A 319 27.99 -13.58 -8.24
C MET A 319 28.07 -14.37 -6.94
N THR A 320 29.08 -14.09 -6.11
CA THR A 320 29.22 -14.80 -4.85
C THR A 320 28.07 -14.48 -3.91
N ALA A 321 27.78 -13.19 -3.72
CA ALA A 321 26.62 -12.81 -2.90
C ALA A 321 25.32 -13.27 -3.55
N GLU A 322 25.28 -13.33 -4.88
CA GLU A 322 24.07 -13.76 -5.57
C GLU A 322 23.78 -15.23 -5.32
N TYR A 323 24.81 -16.08 -5.39
CA TYR A 323 24.61 -17.52 -5.18
C TYR A 323 24.34 -17.85 -3.72
N VAL A 324 24.73 -16.97 -2.79
CA VAL A 324 24.26 -17.10 -1.42
C VAL A 324 22.74 -17.04 -1.38
N LEU A 325 22.15 -16.09 -2.13
CA LEU A 325 20.71 -15.94 -2.15
C LEU A 325 20.03 -17.11 -2.84
N TRP A 326 20.49 -17.46 -4.04
CA TRP A 326 19.80 -18.49 -4.81
C TRP A 326 19.90 -19.85 -4.12
N LEU A 327 21.09 -20.20 -3.59
CA LEU A 327 21.24 -21.47 -2.91
C LEU A 327 20.39 -21.52 -1.64
N ASP A 328 20.29 -20.41 -0.93
CA ASP A 328 19.43 -20.35 0.25
C ASP A 328 17.96 -20.44 -0.14
N LEU A 329 17.55 -19.74 -1.19
CA LEU A 329 16.16 -19.78 -1.62
C LEU A 329 15.78 -21.15 -2.15
N ILE A 330 16.63 -21.73 -3.01
CA ILE A 330 16.36 -23.06 -3.52
C ILE A 330 16.30 -24.07 -2.40
N GLY A 331 17.20 -23.94 -1.41
CA GLY A 331 17.27 -24.93 -0.35
C GLY A 331 16.01 -24.97 0.50
N ARG A 332 15.53 -23.81 0.93
CA ARG A 332 14.38 -23.78 1.83
C ARG A 332 13.06 -24.03 1.11
N ASN A 333 13.00 -23.79 -0.20
CA ASN A 333 11.80 -24.13 -0.94
C ASN A 333 11.76 -25.61 -1.30
N LEU A 334 12.92 -26.23 -1.51
CA LEU A 334 12.95 -27.69 -1.68
C LEU A 334 12.67 -28.39 -0.36
N ALA A 335 13.23 -27.88 0.73
CA ALA A 335 12.98 -28.50 2.03
C ALA A 335 11.51 -28.40 2.41
N SER A 336 10.90 -27.23 2.20
CA SER A 336 9.49 -27.06 2.55
C SER A 336 8.58 -27.76 1.55
N GLY A 337 8.95 -27.76 0.26
CA GLY A 337 8.16 -28.47 -0.72
C GLY A 337 8.09 -29.96 -0.44
N GLU A 338 9.20 -30.54 0.03
CA GLU A 338 9.20 -31.95 0.40
C GLU A 338 8.31 -32.21 1.60
N ARG A 339 8.36 -31.34 2.61
CA ARG A 339 7.48 -31.50 3.77
C ARG A 339 6.01 -31.38 3.35
N VAL A 340 5.71 -30.45 2.45
CA VAL A 340 4.32 -30.21 2.07
C VAL A 340 3.76 -31.37 1.25
N TRP A 341 4.53 -31.83 0.27
CA TRP A 341 4.06 -32.84 -0.69
C TRP A 341 4.56 -34.23 -0.34
N ALA A 342 4.38 -34.64 0.91
CA ALA A 342 4.73 -35.99 1.35
C ALA A 342 3.94 -36.39 2.59
N SER B 8 44.58 16.83 -15.71
CA SER B 8 44.95 17.38 -17.01
C SER B 8 44.58 18.86 -17.12
N GLY B 9 43.31 19.17 -16.89
CA GLY B 9 42.81 20.51 -17.06
C GLY B 9 43.02 21.40 -15.84
N ASN B 10 42.62 22.65 -16.00
CA ASN B 10 42.73 23.62 -14.92
C ASN B 10 41.73 23.32 -13.82
N SER B 11 42.03 23.82 -12.62
CA SER B 11 41.16 23.64 -11.46
C SER B 11 40.06 24.70 -11.44
N PRO B 12 38.97 24.45 -10.71
CA PRO B 12 37.92 25.48 -10.60
C PRO B 12 38.43 26.80 -10.05
N HIS B 13 39.43 26.77 -9.16
CA HIS B 13 40.03 28.00 -8.68
C HIS B 13 40.75 28.73 -9.81
N GLU B 14 41.42 27.98 -10.69
CA GLU B 14 42.14 28.61 -11.80
C GLU B 14 41.19 29.16 -12.84
N LEU B 15 40.10 28.43 -13.13
CA LEU B 15 39.08 28.97 -14.02
C LEU B 15 38.51 30.27 -13.48
N LYS B 16 38.27 30.34 -12.17
CA LYS B 16 37.74 31.54 -11.56
C LYS B 16 38.71 32.71 -11.65
N ASN B 17 40.01 32.43 -11.46
CA ASN B 17 41.01 33.49 -11.58
C ASN B 17 40.99 34.11 -12.97
N ALA B 18 40.88 33.27 -14.00
CA ALA B 18 40.84 33.78 -15.37
C ALA B 18 39.62 34.66 -15.59
N ALA B 19 38.48 34.29 -15.00
CA ALA B 19 37.27 35.10 -15.11
C ALA B 19 37.44 36.43 -14.37
N GLN B 20 38.04 36.40 -13.18
CA GLN B 20 38.22 37.63 -12.41
C GLN B 20 39.13 38.61 -13.14
N ARG B 21 40.20 38.10 -13.77
CA ARG B 21 41.11 38.99 -14.48
C ARG B 21 40.42 39.70 -15.63
N ALA B 22 39.54 38.98 -16.34
CA ALA B 22 38.80 39.60 -17.44
C ALA B 22 37.77 40.60 -16.92
N ALA B 23 37.14 40.29 -15.78
CA ALA B 23 36.22 41.25 -15.19
C ALA B 23 36.96 42.50 -14.71
N ASP B 24 38.15 42.33 -14.12
CA ASP B 24 38.96 43.48 -13.77
C ASP B 24 39.30 44.30 -15.01
N TRP B 25 39.56 43.62 -16.13
CA TRP B 25 39.84 44.33 -17.38
C TRP B 25 38.66 45.17 -17.82
N LEU B 26 37.44 44.64 -17.68
CA LEU B 26 36.25 45.34 -18.14
C LEU B 26 35.96 46.56 -17.26
N VAL B 27 35.99 46.40 -15.94
CA VAL B 27 35.64 47.50 -15.05
C VAL B 27 36.71 48.59 -15.13
N GLU B 28 37.94 48.23 -15.45
CA GLU B 28 39.01 49.21 -15.53
C GLU B 28 38.80 50.18 -16.68
N ARG B 29 38.31 49.69 -17.82
CA ARG B 29 38.06 50.52 -18.99
C ARG B 29 36.58 50.85 -19.15
N GLN B 30 35.77 50.62 -18.11
CA GLN B 30 34.35 50.96 -18.20
C GLN B 30 34.18 52.48 -18.24
N ARG B 31 33.29 52.93 -19.11
CA ARG B 31 33.05 54.35 -19.27
C ARG B 31 32.21 54.89 -18.11
N PRO B 32 32.35 56.17 -17.78
CA PRO B 32 31.60 56.73 -16.64
C PRO B 32 30.09 56.60 -16.78
N ASN B 33 29.55 56.49 -17.99
CA ASN B 33 28.12 56.35 -18.14
C ASN B 33 27.64 54.92 -17.96
N GLY B 34 28.54 53.99 -17.62
CA GLY B 34 28.19 52.61 -17.42
C GLY B 34 28.47 51.71 -18.61
N ALA B 35 28.67 52.29 -19.80
CA ALA B 35 28.87 51.48 -21.00
C ALA B 35 30.22 50.78 -20.97
N LEU B 36 30.25 49.55 -21.45
CA LEU B 36 31.49 48.79 -21.54
C LEU B 36 32.32 49.33 -22.70
N PRO B 37 33.64 49.16 -22.65
CA PRO B 37 34.50 49.80 -23.67
C PRO B 37 34.38 49.15 -25.05
N SER B 38 33.36 49.53 -25.82
CA SER B 38 33.20 49.04 -27.19
C SER B 38 33.61 50.14 -28.17
N ARG B 39 34.07 49.72 -29.36
CA ARG B 39 34.40 50.68 -30.40
C ARG B 39 33.17 51.17 -31.16
N THR B 40 32.05 50.47 -31.04
CA THR B 40 30.77 50.95 -31.53
C THR B 40 29.77 50.89 -30.38
N ALA B 41 28.92 51.93 -30.28
CA ALA B 41 27.91 52.00 -29.22
C ALA B 41 26.71 51.18 -29.66
N VAL B 42 26.77 49.87 -29.38
CA VAL B 42 25.69 48.95 -29.72
C VAL B 42 25.38 48.08 -28.51
N ILE B 43 24.11 47.69 -28.37
CA ILE B 43 23.71 46.91 -27.21
C ILE B 43 24.32 45.51 -27.25
N GLU B 44 24.57 44.97 -28.45
CA GLU B 44 25.15 43.64 -28.57
C GLU B 44 26.60 43.58 -28.11
N SER B 45 27.17 44.68 -27.61
CA SER B 45 28.51 44.68 -27.06
C SER B 45 28.55 44.59 -25.55
N CYS B 46 27.41 44.74 -24.88
CA CYS B 46 27.40 44.80 -23.42
C CYS B 46 26.17 44.15 -22.81
N TYR B 47 25.44 43.32 -23.55
CA TYR B 47 24.21 42.76 -23.02
C TYR B 47 24.47 41.71 -21.95
N LYS B 48 25.69 41.14 -21.91
CA LYS B 48 26.07 40.22 -20.87
C LYS B 48 26.78 40.90 -19.71
N GLY B 49 26.90 42.24 -19.75
CA GLY B 49 27.72 42.93 -18.77
C GLY B 49 27.17 42.87 -17.35
N MET B 50 25.86 43.14 -17.20
CA MET B 50 25.26 43.12 -15.87
C MET B 50 25.45 41.77 -15.19
N TRP B 51 25.06 40.69 -15.87
CA TRP B 51 25.20 39.36 -15.29
C TRP B 51 26.66 39.03 -15.04
N ALA B 52 27.53 39.26 -16.02
CA ALA B 52 28.92 38.84 -15.90
C ALA B 52 29.65 39.61 -14.80
N LEU B 53 29.47 40.93 -14.75
CA LEU B 53 30.16 41.71 -13.73
C LEU B 53 29.62 41.41 -12.34
N HIS B 54 28.35 41.03 -12.24
CA HIS B 54 27.78 40.69 -10.95
C HIS B 54 28.39 39.40 -10.40
N THR B 55 28.49 38.36 -11.24
CA THR B 55 29.08 37.11 -10.80
C THR B 55 30.52 37.28 -10.37
N ALA B 56 31.22 38.28 -10.89
CA ALA B 56 32.57 38.59 -10.48
C ALA B 56 32.62 39.50 -9.25
N GLY B 57 31.48 39.84 -8.67
CA GLY B 57 31.45 40.71 -7.51
C GLY B 57 31.64 42.18 -7.80
N HIS B 58 31.84 42.56 -9.07
CA HIS B 58 31.91 43.98 -9.45
C HIS B 58 30.48 44.53 -9.56
N THR B 59 29.83 44.66 -8.39
CA THR B 59 28.41 44.99 -8.35
C THR B 59 28.13 46.46 -8.67
N GLN B 60 29.08 47.35 -8.41
CA GLN B 60 28.88 48.75 -8.77
C GLN B 60 29.11 48.97 -10.26
N ALA B 61 30.09 48.25 -10.83
CA ALA B 61 30.23 48.25 -12.28
C ALA B 61 29.04 47.56 -12.93
N ALA B 62 28.54 46.49 -12.32
CA ALA B 62 27.35 45.82 -12.83
C ALA B 62 26.15 46.74 -12.82
N SER B 63 26.01 47.55 -11.78
CA SER B 63 24.91 48.51 -11.73
C SER B 63 25.12 49.66 -12.70
N ALA B 64 26.38 50.00 -12.98
CA ALA B 64 26.65 51.02 -14.00
C ALA B 64 26.11 50.59 -15.36
N VAL B 65 26.32 49.32 -15.72
CA VAL B 65 25.72 48.80 -16.95
C VAL B 65 24.20 48.83 -16.85
N ALA B 66 23.66 48.56 -15.66
CA ALA B 66 22.22 48.63 -15.46
C ALA B 66 21.71 50.05 -15.65
N ASP B 67 22.49 51.04 -15.23
CA ASP B 67 22.14 52.44 -15.49
C ASP B 67 22.14 52.72 -16.99
N TYR B 68 23.19 52.29 -17.68
CA TYR B 68 23.28 52.52 -19.12
C TYR B 68 22.16 51.82 -19.87
N VAL B 69 21.85 50.57 -19.48
CA VAL B 69 20.79 49.82 -20.15
C VAL B 69 19.43 50.47 -19.90
N THR B 70 19.20 50.97 -18.68
CA THR B 70 17.91 51.58 -18.36
C THR B 70 17.68 52.84 -19.19
N SER B 71 18.74 53.62 -19.43
CA SER B 71 18.59 54.83 -20.23
C SER B 71 18.16 54.52 -21.66
N LEU B 72 18.45 53.32 -22.16
CA LEU B 72 18.07 52.92 -23.50
C LEU B 72 16.70 52.25 -23.56
N LEU B 73 16.11 51.94 -22.41
CA LEU B 73 14.89 51.15 -22.39
C LEU B 73 13.71 51.96 -22.92
N GLN B 74 12.95 51.35 -23.84
CA GLN B 74 11.77 51.97 -24.43
C GLN B 74 10.54 51.64 -23.59
N PRO B 75 9.42 52.34 -23.81
CA PRO B 75 8.22 52.08 -23.01
C PRO B 75 7.72 50.64 -23.10
N ASP B 76 8.00 49.93 -24.19
CA ASP B 76 7.50 48.57 -24.36
C ASP B 76 8.40 47.52 -23.71
N GLY B 77 9.45 47.94 -23.03
CA GLY B 77 10.38 47.02 -22.39
C GLY B 77 11.45 46.46 -23.31
N ASP B 78 11.58 46.99 -24.53
CA ASP B 78 12.55 46.54 -25.50
C ASP B 78 13.68 47.55 -25.62
N ILE B 79 14.82 47.09 -26.14
CA ILE B 79 15.90 47.97 -26.56
C ILE B 79 16.13 47.73 -28.05
N PRO B 80 15.32 48.32 -28.93
CA PRO B 80 15.49 48.07 -30.37
C PRO B 80 16.69 48.76 -30.98
N GLN B 81 17.22 49.79 -30.33
CA GLN B 81 18.39 50.51 -30.80
C GLN B 81 19.23 50.89 -29.59
N PRO B 82 20.57 50.98 -29.76
CA PRO B 82 21.33 50.78 -30.99
C PRO B 82 21.69 49.32 -31.29
N ARG B 83 21.29 48.82 -32.46
CA ARG B 83 21.63 47.47 -32.92
C ARG B 83 22.16 47.57 -34.35
N GLU B 84 23.25 46.86 -34.63
CA GLU B 84 23.82 46.84 -35.97
C GLU B 84 24.04 45.44 -36.52
N GLU B 85 24.42 44.49 -35.68
CA GLU B 85 24.70 43.14 -36.14
C GLU B 85 23.42 42.47 -36.63
N ARG B 86 23.50 41.82 -37.81
CA ARG B 86 22.34 41.19 -38.41
C ARG B 86 21.75 40.11 -37.51
N TYR B 87 22.61 39.36 -36.80
CA TYR B 87 22.12 38.28 -35.95
C TYR B 87 21.25 38.81 -34.82
N PHE B 88 21.47 40.04 -34.39
CA PHE B 88 20.66 40.66 -33.35
C PHE B 88 19.49 41.44 -33.92
N LEU B 89 19.13 41.19 -35.18
CA LEU B 89 17.97 41.83 -35.80
C LEU B 89 16.96 40.81 -36.28
N ASP B 90 17.39 39.74 -36.94
CA ASP B 90 16.45 38.77 -37.50
C ASP B 90 16.88 37.33 -37.35
N VAL B 91 17.96 37.04 -36.62
CA VAL B 91 18.38 35.66 -36.40
C VAL B 91 18.00 35.23 -34.98
N HIS B 92 18.56 35.92 -33.97
CA HIS B 92 18.09 35.79 -32.59
C HIS B 92 18.10 37.20 -31.98
N TYR B 93 17.05 37.95 -32.31
CA TYR B 93 16.90 39.32 -31.83
C TYR B 93 16.89 39.37 -30.31
N LEU B 94 16.13 38.48 -29.67
CA LEU B 94 16.00 38.46 -28.22
C LEU B 94 17.24 37.93 -27.50
N TYR B 95 18.31 37.60 -28.22
CA TYR B 95 19.51 37.10 -27.55
C TYR B 95 20.08 38.15 -26.61
N ALA B 96 20.04 39.43 -27.03
CA ALA B 96 20.47 40.50 -26.14
C ALA B 96 19.46 40.71 -25.01
N ASN B 97 18.16 40.60 -25.32
CA ASN B 97 17.13 40.82 -24.32
C ASN B 97 17.21 39.80 -23.19
N GLY B 98 17.61 38.56 -23.48
CA GLY B 98 17.60 37.53 -22.46
C GLY B 98 18.68 37.73 -21.41
N TYR B 99 19.91 37.98 -21.84
CA TYR B 99 20.99 38.22 -20.88
C TYR B 99 20.72 39.48 -20.06
N LEU B 100 20.16 40.51 -20.70
CA LEU B 100 19.81 41.73 -19.97
C LEU B 100 18.80 41.45 -18.88
N THR B 101 17.77 40.64 -19.20
CA THR B 101 16.75 40.33 -18.21
C THR B 101 17.34 39.60 -17.01
N ILE B 102 18.16 38.58 -17.28
CA ILE B 102 18.78 37.82 -16.19
C ILE B 102 19.71 38.72 -15.38
N GLY B 103 20.57 39.48 -16.06
CA GLY B 103 21.49 40.35 -15.35
C GLY B 103 20.78 41.40 -14.51
N ALA B 104 19.69 41.96 -15.05
CA ALA B 104 18.93 42.95 -14.28
C ALA B 104 18.25 42.32 -13.07
N HIS B 105 17.84 41.06 -13.18
CA HIS B 105 17.08 40.45 -12.10
C HIS B 105 17.97 40.05 -10.92
N VAL B 106 19.15 39.48 -11.19
CA VAL B 106 20.05 39.11 -10.10
C VAL B 106 20.61 40.34 -9.41
N LEU B 107 20.56 41.51 -10.05
CA LEU B 107 20.99 42.75 -9.43
C LEU B 107 19.90 43.37 -8.56
N GLY B 108 18.70 42.81 -8.55
CA GLY B 108 17.59 43.44 -7.87
C GLY B 108 16.97 44.60 -8.61
N ARG B 109 17.32 44.81 -9.88
CA ARG B 109 16.68 45.83 -10.72
C ARG B 109 15.37 45.25 -11.24
N PHE B 110 14.42 45.09 -10.32
CA PHE B 110 13.18 44.37 -10.62
C PHE B 110 12.30 45.12 -11.60
N GLY B 111 12.38 46.45 -11.61
CA GLY B 111 11.64 47.21 -12.61
C GLY B 111 12.20 47.01 -14.00
N LEU B 112 13.53 47.05 -14.13
CA LEU B 112 14.16 46.77 -15.41
C LEU B 112 13.90 45.33 -15.84
N SER B 113 13.92 44.39 -14.89
CA SER B 113 13.74 42.99 -15.25
C SER B 113 12.29 42.68 -15.63
N ARG B 114 11.33 43.28 -14.91
CA ARG B 114 9.93 43.05 -15.24
C ARG B 114 9.60 43.53 -16.65
N LYS B 115 10.02 44.76 -16.98
CA LYS B 115 9.69 45.30 -18.29
C LYS B 115 10.38 44.53 -19.42
N LEU B 116 11.65 44.19 -19.22
CA LEU B 116 12.37 43.41 -20.22
C LEU B 116 11.70 42.05 -20.44
N MET B 117 11.35 41.36 -19.34
CA MET B 117 10.73 40.06 -19.48
C MET B 117 9.34 40.16 -20.08
N SER B 118 8.61 41.23 -19.75
CA SER B 118 7.27 41.41 -20.33
C SER B 118 7.36 41.55 -21.85
N PHE B 119 8.33 42.31 -22.36
CA PHE B 119 8.48 42.42 -23.81
C PHE B 119 8.89 41.08 -24.42
N VAL B 120 9.82 40.36 -23.77
CA VAL B 120 10.21 39.04 -24.23
C VAL B 120 8.98 38.15 -24.41
N GLU B 121 8.03 38.25 -23.47
CA GLU B 121 6.86 37.37 -23.52
C GLU B 121 5.91 37.74 -24.65
N THR B 122 5.90 39.02 -25.08
CA THR B 122 5.09 39.39 -26.22
C THR B 122 5.62 38.83 -27.53
N MET B 123 6.84 38.30 -27.54
CA MET B 123 7.44 37.69 -28.71
C MET B 123 7.22 36.18 -28.77
N ARG B 124 6.58 35.60 -27.75
CA ARG B 124 6.39 34.16 -27.69
C ARG B 124 5.23 33.73 -28.60
N ASN B 125 5.47 32.70 -29.40
CA ASN B 125 4.42 32.06 -30.18
C ASN B 125 3.62 31.16 -29.25
N PRO B 126 2.38 31.51 -28.94
CA PRO B 126 1.62 30.71 -27.95
C PRO B 126 1.37 29.28 -28.37
N ALA B 127 1.18 29.02 -29.67
CA ALA B 127 0.86 27.66 -30.10
C ALA B 127 2.08 26.76 -30.05
N THR B 128 3.28 27.30 -30.27
CA THR B 128 4.49 26.50 -30.37
C THR B 128 5.41 26.61 -29.18
N GLY B 129 5.37 27.72 -28.45
CA GLY B 129 6.28 27.97 -27.36
C GLY B 129 7.57 28.66 -27.75
N GLY B 130 7.92 28.66 -29.02
CA GLY B 130 9.13 29.34 -29.46
C GLY B 130 8.98 30.85 -29.41
N PHE B 131 10.13 31.52 -29.51
CA PHE B 131 10.21 32.96 -29.46
C PHE B 131 10.70 33.50 -30.79
N ARG B 132 10.08 34.59 -31.25
CA ARG B 132 10.30 35.07 -32.61
C ARG B 132 11.74 35.50 -32.82
N SER B 133 12.28 35.19 -34.00
CA SER B 133 13.69 35.48 -34.30
C SER B 133 13.92 36.95 -34.61
N HIS B 134 12.91 37.65 -35.11
CA HIS B 134 13.06 39.02 -35.58
C HIS B 134 12.28 39.96 -34.67
N GLY B 135 12.84 41.14 -34.43
CA GLY B 135 12.24 42.13 -33.56
C GLY B 135 11.02 42.78 -34.18
N PRO B 136 10.34 43.62 -33.40
CA PRO B 136 9.10 44.24 -33.90
C PRO B 136 9.33 45.18 -35.07
N ALA B 137 10.49 45.81 -35.17
CA ALA B 137 10.79 46.71 -36.28
C ALA B 137 11.39 45.98 -37.48
N ILE B 138 11.59 44.67 -37.38
CA ILE B 138 12.21 43.87 -38.43
C ILE B 138 11.14 42.99 -39.03
N PRO B 139 10.68 43.26 -40.26
CA PRO B 139 9.68 42.40 -40.88
C PRO B 139 10.22 40.98 -41.07
N GLY B 140 9.35 40.00 -40.81
CA GLY B 140 9.74 38.61 -40.92
C GLY B 140 8.52 37.72 -40.99
N ASP B 141 8.77 36.41 -41.14
CA ASP B 141 7.71 35.43 -41.31
C ASP B 141 7.27 34.80 -39.99
N GLY B 142 7.67 35.37 -38.86
CA GLY B 142 7.32 34.78 -37.58
C GLY B 142 8.06 33.52 -37.19
N ARG B 143 9.23 33.27 -37.77
CA ARG B 143 10.02 32.11 -37.42
C ARG B 143 10.52 32.18 -35.98
N CYS B 144 10.83 31.02 -35.41
CA CYS B 144 11.35 30.92 -34.05
C CYS B 144 12.56 30.01 -34.05
N ASP B 145 13.60 30.40 -33.34
CA ASP B 145 14.85 29.66 -33.34
C ASP B 145 15.17 29.14 -31.94
N SER B 146 16.11 28.18 -31.89
CA SER B 146 16.45 27.52 -30.64
C SER B 146 17.13 28.47 -29.66
N VAL B 147 17.87 29.45 -30.16
CA VAL B 147 18.63 30.33 -29.28
C VAL B 147 17.72 31.40 -28.66
N SER B 148 16.89 32.05 -29.47
CA SER B 148 15.91 32.98 -28.93
C SER B 148 15.02 32.29 -27.90
N THR B 149 14.64 31.04 -28.18
CA THR B 149 13.76 30.31 -27.26
C THR B 149 14.50 29.94 -25.99
N SER B 150 15.75 29.47 -26.11
CA SER B 150 16.49 29.00 -24.94
C SER B 150 16.84 30.15 -23.99
N ILE B 151 17.29 31.29 -24.53
CA ILE B 151 17.68 32.38 -23.67
C ILE B 151 16.45 33.02 -23.02
N SER B 152 15.33 33.07 -23.76
CA SER B 152 14.10 33.58 -23.18
C SER B 152 13.58 32.66 -22.10
N GLY B 153 13.74 31.35 -22.29
CA GLY B 153 13.37 30.42 -21.23
C GLY B 153 14.27 30.55 -20.01
N LEU B 154 15.57 30.76 -20.24
CA LEU B 154 16.48 30.96 -19.12
C LEU B 154 16.15 32.24 -18.38
N ALA B 155 15.83 33.32 -19.12
CA ALA B 155 15.37 34.54 -18.47
C ALA B 155 14.07 34.30 -17.74
N ALA B 156 13.20 33.44 -18.27
CA ALA B 156 11.96 33.11 -17.57
C ALA B 156 12.25 32.39 -16.26
N LEU B 157 13.24 31.51 -16.26
CA LEU B 157 13.60 30.80 -15.03
C LEU B 157 14.13 31.77 -13.98
N TYR B 158 15.05 32.65 -14.35
CA TYR B 158 15.63 33.58 -13.40
C TYR B 158 14.61 34.57 -12.87
N THR B 159 13.58 34.89 -13.65
CA THR B 159 12.54 35.82 -13.23
C THR B 159 11.32 35.11 -12.66
N GLY B 160 11.37 33.78 -12.54
CA GLY B 160 10.32 33.04 -11.86
C GLY B 160 9.10 32.70 -12.69
N ARG B 161 9.13 32.96 -14.00
CA ARG B 161 8.00 32.66 -14.86
C ARG B 161 8.20 31.27 -15.44
N VAL B 162 7.95 30.27 -14.59
CA VAL B 162 8.28 28.89 -14.93
C VAL B 162 7.36 28.35 -16.02
N ASP B 163 6.13 28.86 -16.10
CA ASP B 163 5.22 28.42 -17.15
C ASP B 163 5.79 28.75 -18.52
N THR B 164 6.38 29.94 -18.66
CA THR B 164 6.99 30.32 -19.93
C THR B 164 8.21 29.45 -20.24
N ALA B 165 9.03 29.17 -19.23
CA ALA B 165 10.19 28.31 -19.44
C ALA B 165 9.76 26.92 -19.89
N ARG B 166 8.71 26.36 -19.26
CA ARG B 166 8.21 25.06 -19.66
C ARG B 166 7.75 25.06 -21.11
N SER B 167 7.01 26.11 -21.51
CA SER B 167 6.53 26.21 -22.88
C SER B 167 7.70 26.30 -23.85
N ALA B 168 8.75 27.03 -23.47
CA ALA B 168 9.94 27.14 -24.32
C ALA B 168 10.63 25.80 -24.47
N ALA B 169 10.65 24.99 -23.41
CA ALA B 169 11.22 23.65 -23.50
C ALA B 169 10.39 22.74 -24.41
N ASP B 170 9.07 22.91 -24.42
CA ASP B 170 8.25 22.14 -25.34
C ASP B 170 8.62 22.43 -26.79
N PHE B 171 8.85 23.71 -27.11
CA PHE B 171 9.33 24.07 -28.44
C PHE B 171 10.65 23.39 -28.76
N LEU B 172 11.58 23.40 -27.80
CA LEU B 172 12.87 22.76 -28.02
C LEU B 172 12.70 21.25 -28.23
N GLY B 173 11.75 20.64 -27.51
CA GLY B 173 11.47 19.23 -27.72
C GLY B 173 10.91 18.95 -29.10
N SER B 174 9.98 19.81 -29.55
CA SER B 174 9.41 19.62 -30.88
C SER B 174 10.45 19.85 -31.97
N LEU B 175 11.28 20.89 -31.80
CA LEU B 175 12.33 21.15 -32.79
C LEU B 175 13.30 20.00 -32.88
N TRP B 176 13.62 19.37 -31.74
CA TRP B 176 14.55 18.24 -31.75
C TRP B 176 13.92 17.01 -32.38
N VAL B 177 12.67 16.71 -32.02
CA VAL B 177 11.99 15.55 -32.58
C VAL B 177 11.80 15.71 -34.09
N GLY B 178 11.49 16.92 -34.53
CA GLY B 178 11.20 17.18 -35.93
C GLY B 178 12.40 17.38 -36.84
N GLN B 179 13.61 17.11 -36.37
CA GLN B 179 14.79 17.32 -37.20
C GLN B 179 14.73 16.41 -38.42
N PRO B 180 14.94 16.95 -39.64
CA PRO B 180 14.89 16.09 -40.83
C PRO B 180 16.08 15.15 -40.95
N ASP B 181 17.25 15.58 -40.49
CA ASP B 181 18.45 14.75 -40.57
C ASP B 181 19.47 15.25 -39.56
N ARG B 182 19.27 14.92 -38.29
CA ARG B 182 20.09 15.48 -37.23
C ARG B 182 21.54 15.05 -37.34
N LYS B 183 21.81 13.89 -37.95
CA LYS B 183 23.17 13.38 -37.99
C LYS B 183 24.05 14.17 -38.94
N ASN B 184 23.47 14.97 -39.82
CA ASN B 184 24.24 15.81 -40.74
C ASN B 184 24.01 17.30 -40.54
N VAL B 185 22.78 17.72 -40.26
CA VAL B 185 22.44 19.13 -40.10
C VAL B 185 21.53 19.29 -38.90
N PHE B 186 21.78 20.31 -38.09
CA PHE B 186 20.85 20.72 -37.04
C PHE B 186 20.17 22.00 -37.49
N HIS B 187 18.90 21.88 -37.88
CA HIS B 187 18.10 23.05 -38.25
C HIS B 187 17.54 23.65 -36.96
N ALA B 188 17.99 24.85 -36.62
CA ALA B 188 17.65 25.47 -35.34
C ALA B 188 16.41 26.35 -35.41
N VAL B 189 15.74 26.43 -36.56
CA VAL B 189 14.63 27.35 -36.75
C VAL B 189 13.39 26.57 -37.14
N ALA B 190 12.24 27.00 -36.60
CA ALA B 190 10.94 26.51 -37.03
C ALA B 190 10.09 27.68 -37.48
N ASP B 191 9.09 27.39 -38.32
CA ASP B 191 8.19 28.43 -38.77
C ASP B 191 7.14 28.71 -37.70
N ALA B 192 6.20 29.60 -38.00
CA ALA B 192 5.19 30.00 -37.01
C ALA B 192 4.25 28.86 -36.66
N SER B 193 4.09 27.86 -37.53
CA SER B 193 3.22 26.74 -37.23
C SER B 193 3.90 25.63 -36.47
N GLY B 194 5.20 25.72 -36.23
CA GLY B 194 5.93 24.72 -35.48
C GLY B 194 6.75 23.74 -36.31
N ALA B 195 6.65 23.80 -37.64
CA ALA B 195 7.40 22.88 -38.49
C ALA B 195 8.84 23.34 -38.64
N VAL B 196 9.76 22.37 -38.67
CA VAL B 196 11.18 22.69 -38.81
C VAL B 196 11.43 23.34 -40.17
N LEU B 197 12.11 24.49 -40.14
CA LEU B 197 12.34 25.30 -41.33
C LEU B 197 13.72 24.96 -41.91
N THR B 198 13.75 24.48 -43.15
CA THR B 198 14.99 24.09 -43.81
C THR B 198 15.33 24.99 -44.99
N SER B 199 14.81 26.21 -45.01
CA SER B 199 15.06 27.13 -46.11
C SER B 199 16.52 27.60 -46.08
N ASP B 200 16.94 28.23 -47.18
CA ASP B 200 18.33 28.70 -47.27
C ASP B 200 18.62 29.79 -46.25
N ASP B 201 17.63 30.62 -45.93
CA ASP B 201 17.83 31.74 -45.01
C ASP B 201 17.59 31.35 -43.55
N ALA B 202 17.52 30.07 -43.25
CA ALA B 202 17.29 29.59 -41.89
C ALA B 202 18.58 29.01 -41.32
N VAL B 203 18.84 29.33 -40.05
CA VAL B 203 20.08 28.90 -39.41
C VAL B 203 20.13 27.37 -39.40
N ALA B 204 21.21 26.82 -39.95
CA ALA B 204 21.43 25.38 -39.97
C ALA B 204 22.87 25.10 -39.60
N VAL B 205 23.07 24.22 -38.63
CA VAL B 205 24.40 23.88 -38.12
C VAL B 205 24.87 22.61 -38.82
N GLN B 206 25.99 22.70 -39.54
CA GLN B 206 26.61 21.55 -40.18
C GLN B 206 27.35 20.78 -39.10
N VAL B 207 26.67 19.78 -38.52
CA VAL B 207 27.17 19.15 -37.30
C VAL B 207 28.36 18.25 -37.58
N ARG B 208 28.59 17.89 -38.84
CA ARG B 208 29.74 17.09 -39.23
C ARG B 208 30.89 17.93 -39.76
N LYS B 209 30.84 19.25 -39.54
CA LYS B 209 31.85 20.16 -40.02
C LYS B 209 32.23 21.14 -38.92
N ALA B 210 33.44 21.68 -39.02
CA ALA B 210 33.98 22.59 -38.02
C ALA B 210 33.75 24.03 -38.45
N GLU B 211 32.48 24.45 -38.36
CA GLU B 211 32.07 25.77 -38.82
C GLU B 211 31.24 26.53 -37.78
N GLY B 212 31.37 26.19 -36.50
CA GLY B 212 30.78 27.02 -35.48
C GLY B 212 29.26 26.95 -35.38
N ASP B 213 28.69 27.97 -34.73
CA ASP B 213 27.26 28.08 -34.44
C ASP B 213 26.75 26.94 -33.57
N TRP B 214 27.64 26.32 -32.78
CA TRP B 214 27.24 25.21 -31.94
C TRP B 214 26.35 25.63 -30.78
N TYR B 215 26.33 26.91 -30.43
CA TYR B 215 25.49 27.37 -29.33
C TYR B 215 24.00 27.30 -29.65
N PHE B 216 23.62 27.10 -30.91
CA PHE B 216 22.23 26.81 -31.22
C PHE B 216 21.81 25.45 -30.67
N ILE B 217 22.77 24.62 -30.28
CA ILE B 217 22.51 23.37 -29.59
C ILE B 217 22.87 23.46 -28.12
N GLY B 218 24.04 24.03 -27.80
CA GLY B 218 24.53 24.00 -26.44
C GLY B 218 23.78 24.90 -25.49
N LEU B 219 23.19 25.97 -26.00
CA LEU B 219 22.42 26.85 -25.13
C LEU B 219 21.08 26.19 -24.78
N PRO B 220 20.41 25.50 -25.73
CA PRO B 220 19.31 24.62 -25.32
C PRO B 220 19.71 23.58 -24.28
N ALA B 221 20.88 22.97 -24.43
CA ALA B 221 21.34 22.00 -23.42
C ALA B 221 21.48 22.66 -22.06
N PHE B 222 22.05 23.87 -22.03
CA PHE B 222 22.18 24.61 -20.78
C PHE B 222 20.81 24.94 -20.18
N PHE B 223 19.93 25.53 -20.99
CA PHE B 223 18.62 25.93 -20.47
C PHE B 223 17.83 24.73 -19.95
N LEU B 224 17.80 23.64 -20.73
CA LEU B 224 17.04 22.47 -20.32
C LEU B 224 17.61 21.84 -19.06
N THR B 225 18.93 21.91 -18.88
CA THR B 225 19.52 21.44 -17.63
C THR B 225 19.06 22.29 -16.45
N ALA B 226 19.10 23.61 -16.62
CA ALA B 226 18.63 24.49 -15.55
C ALA B 226 17.15 24.30 -15.28
N LEU B 227 16.37 24.00 -16.32
CA LEU B 227 14.95 23.76 -16.13
C LEU B 227 14.70 22.44 -15.41
N TYR B 228 15.52 21.41 -15.70
CA TYR B 228 15.42 20.17 -14.94
C TYR B 228 15.76 20.41 -13.48
N GLU B 229 16.76 21.23 -13.20
CA GLU B 229 17.07 21.54 -11.81
C GLU B 229 15.93 22.29 -11.15
N ALA B 230 15.25 23.17 -11.91
CA ALA B 230 14.17 23.96 -11.35
C ALA B 230 12.94 23.12 -11.04
N THR B 231 12.61 22.17 -11.90
CA THR B 231 11.37 21.42 -11.80
C THR B 231 11.53 19.97 -11.37
N GLU B 232 12.72 19.39 -11.54
CA GLU B 232 12.96 17.95 -11.36
C GLU B 232 12.05 17.11 -12.26
N ASP B 233 11.54 17.72 -13.32
CA ASP B 233 10.82 16.99 -14.37
C ASP B 233 11.84 16.30 -15.25
N ARG B 234 11.89 14.96 -15.17
CA ARG B 234 12.95 14.21 -15.84
C ARG B 234 12.89 14.34 -17.36
N ALA B 235 11.74 14.69 -17.93
CA ALA B 235 11.66 14.93 -19.37
C ALA B 235 12.66 15.98 -19.85
N TYR B 236 12.98 16.94 -18.99
CA TYR B 236 13.97 17.95 -19.35
C TYR B 236 15.39 17.41 -19.21
N LEU B 237 15.63 16.54 -18.23
CA LEU B 237 16.92 15.87 -18.14
C LEU B 237 17.12 14.91 -19.31
N ASP B 238 16.04 14.23 -19.73
CA ASP B 238 16.12 13.36 -20.89
C ASP B 238 16.56 14.11 -22.13
N LEU B 239 15.90 15.24 -22.42
CA LEU B 239 16.23 16.02 -23.61
C LEU B 239 17.62 16.63 -23.49
N ALA B 240 17.97 17.17 -22.31
CA ALA B 240 19.31 17.71 -22.12
C ALA B 240 20.37 16.64 -22.30
N THR B 241 20.07 15.40 -21.89
CA THR B 241 21.00 14.31 -22.11
C THR B 241 21.14 13.98 -23.58
N ASP B 242 20.03 14.03 -24.34
CA ASP B 242 20.10 13.74 -25.76
C ASP B 242 20.91 14.80 -26.50
N LEU B 243 20.79 16.06 -26.09
CA LEU B 243 21.54 17.13 -26.75
C LEU B 243 23.03 17.04 -26.45
N MET B 244 23.38 16.70 -25.21
CA MET B 244 24.79 16.56 -24.86
C MET B 244 25.40 15.33 -25.52
N THR B 245 24.67 14.21 -25.54
CA THR B 245 25.14 13.04 -26.27
C THR B 245 25.29 13.35 -27.75
N TYR B 246 24.36 14.13 -28.29
CA TYR B 246 24.41 14.57 -29.68
C TYR B 246 25.71 15.31 -29.97
N MET B 247 26.01 16.34 -29.18
CA MET B 247 27.23 17.12 -29.41
C MET B 247 28.49 16.30 -29.17
N ASP B 248 28.43 15.35 -28.23
CA ASP B 248 29.63 14.60 -27.87
C ASP B 248 29.95 13.53 -28.91
N GLU B 249 28.95 12.78 -29.36
CA GLU B 249 29.16 11.59 -30.16
C GLU B 249 28.81 11.75 -31.63
N ASP B 250 27.85 12.61 -31.97
CA ASP B 250 27.42 12.77 -33.35
C ASP B 250 27.92 14.05 -34.00
N CYS B 251 28.30 15.05 -33.21
CA CYS B 251 28.77 16.30 -33.77
C CYS B 251 30.29 16.29 -33.91
N ASP B 252 30.77 17.14 -34.82
CA ASP B 252 32.21 17.31 -34.99
C ASP B 252 32.83 17.82 -33.69
N GLU B 253 34.09 17.43 -33.46
CA GLU B 253 34.79 17.82 -32.24
C GLU B 253 34.84 19.34 -32.08
N ASP B 254 34.61 20.09 -33.16
CA ASP B 254 34.51 21.53 -33.08
C ASP B 254 33.43 21.99 -32.11
N ALA B 255 32.45 21.13 -31.81
CA ALA B 255 31.38 21.51 -30.89
C ALA B 255 31.92 21.87 -29.52
N PHE B 256 33.03 21.24 -29.11
CA PHE B 256 33.63 21.49 -27.80
C PHE B 256 34.93 22.28 -27.88
N VAL B 257 35.28 22.81 -29.04
CA VAL B 257 36.45 23.68 -29.18
C VAL B 257 36.14 25.02 -29.82
N ASP B 258 35.05 25.16 -30.58
CA ASP B 258 34.69 26.44 -31.18
C ASP B 258 34.44 27.50 -30.09
N SER B 259 34.52 28.78 -30.48
CA SER B 259 34.34 29.88 -29.52
C SER B 259 32.98 29.85 -28.83
N SER B 260 31.96 29.26 -29.47
CA SER B 260 30.63 29.18 -28.90
C SER B 260 30.39 27.93 -28.07
N CYS B 261 31.46 27.19 -27.73
CA CYS B 261 31.32 25.96 -26.96
C CYS B 261 31.07 26.20 -25.47
N GLY B 262 31.15 27.45 -25.02
CA GLY B 262 30.98 27.77 -23.62
C GLY B 262 29.65 27.31 -23.04
N ALA B 264 27.73 24.69 -23.97
CA ALA B 264 27.81 23.25 -23.72
C ALA B 264 28.70 22.96 -22.52
N GLY B 265 29.75 23.76 -22.37
CA GLY B 265 30.62 23.62 -21.21
C GLY B 265 29.90 23.87 -19.91
N VAL B 266 29.04 24.89 -19.88
CA VAL B 266 28.26 25.17 -18.69
C VAL B 266 27.20 24.10 -18.48
N ALA B 267 26.57 23.63 -19.57
CA ALA B 267 25.59 22.57 -19.47
C ALA B 267 26.22 21.29 -18.90
N ALA B 268 27.41 20.93 -19.38
CA ALA B 268 28.08 19.74 -18.87
C ALA B 268 28.48 19.90 -17.41
N ALA B 269 28.93 21.09 -17.01
CA ALA B 269 29.31 21.31 -15.62
C ALA B 269 28.09 21.21 -14.70
N LEU B 270 26.97 21.82 -15.11
CA LEU B 270 25.76 21.73 -14.31
C LEU B 270 25.23 20.30 -14.28
N LEU B 271 25.28 19.61 -15.42
CA LEU B 271 24.84 18.21 -15.45
C LEU B 271 25.71 17.32 -14.58
N TYR B 272 27.01 17.62 -14.49
CA TYR B 272 27.88 16.82 -13.63
C TYR B 272 27.48 16.98 -12.17
N ARG B 273 27.21 18.20 -11.74
CA ARG B 273 26.87 18.43 -10.34
C ARG B 273 25.54 17.79 -9.99
N LEU B 274 24.58 17.81 -10.92
CA LEU B 274 23.25 17.25 -10.66
C LEU B 274 23.24 15.73 -10.78
N THR B 275 24.08 15.15 -11.65
CA THR B 275 23.96 13.74 -12.00
C THR B 275 25.21 12.91 -11.68
N GLY B 276 26.38 13.53 -11.55
CA GLY B 276 27.59 12.80 -11.24
C GLY B 276 28.22 12.04 -12.38
N ARG B 277 27.67 12.13 -13.59
CA ARG B 277 28.23 11.45 -14.75
C ARG B 277 29.66 11.94 -15.02
N PRO B 278 30.67 11.07 -14.96
CA PRO B 278 32.06 11.54 -15.15
C PRO B 278 32.32 12.18 -16.49
N ARG B 279 31.61 11.77 -17.55
CA ARG B 279 31.84 12.35 -18.86
C ARG B 279 31.50 13.84 -18.88
N TYR B 280 30.45 14.23 -18.15
CA TYR B 280 30.10 15.65 -18.09
C TYR B 280 31.18 16.46 -17.39
N ARG B 281 31.86 15.87 -16.42
CA ARG B 281 32.99 16.55 -15.78
C ARG B 281 34.15 16.74 -16.76
N GLU B 282 34.42 15.72 -17.57
CA GLU B 282 35.53 15.83 -18.53
C GLU B 282 35.24 16.88 -19.59
N ILE B 283 34.00 16.95 -20.06
CA ILE B 283 33.65 17.94 -21.07
C ILE B 283 33.80 19.34 -20.51
N ALA B 284 33.31 19.57 -19.29
CA ALA B 284 33.36 20.90 -18.71
C ALA B 284 34.79 21.32 -18.37
N GLU B 285 35.60 20.38 -17.87
CA GLU B 285 37.00 20.67 -17.57
C GLU B 285 37.78 21.04 -18.84
N GLY B 286 37.58 20.28 -19.91
CA GLY B 286 38.31 20.58 -21.14
C GLY B 286 37.89 21.90 -21.75
N ILE B 287 36.58 22.16 -21.80
CA ILE B 287 36.11 23.43 -22.34
C ILE B 287 36.55 24.59 -21.46
N GLY B 288 36.44 24.43 -20.14
CA GLY B 288 36.91 25.48 -19.24
C GLY B 288 38.38 25.76 -19.39
N THR B 289 39.19 24.69 -19.46
CA THR B 289 40.62 24.86 -19.69
C THR B 289 40.89 25.53 -21.03
N LEU B 290 40.17 25.12 -22.08
CA LEU B 290 40.36 25.70 -23.40
C LEU B 290 40.20 27.21 -23.38
N LEU B 291 39.15 27.70 -22.71
CA LEU B 291 38.92 29.13 -22.66
C LEU B 291 39.98 29.86 -21.85
N CYS B 292 40.54 29.20 -20.84
CA CYS B 292 41.66 29.78 -20.09
C CYS B 292 42.85 30.00 -21.00
N GLU B 293 43.21 28.99 -21.80
CA GLU B 293 44.42 29.07 -22.61
C GLU B 293 44.32 30.17 -23.65
N ARG B 294 43.11 30.50 -24.10
CA ARG B 294 42.92 31.51 -25.14
C ARG B 294 42.83 32.92 -24.59
N GLN B 295 42.86 33.09 -23.27
CA GLN B 295 42.82 34.42 -22.69
C GLN B 295 44.07 35.21 -23.06
N SER B 296 43.87 36.47 -23.45
CA SER B 296 45.00 37.35 -23.74
C SER B 296 45.81 37.61 -22.46
N PRO B 297 47.12 37.80 -22.59
CA PRO B 297 47.92 38.16 -21.40
C PRO B 297 47.41 39.40 -20.70
N TYR B 298 46.71 40.29 -21.42
CA TYR B 298 46.15 41.50 -20.84
C TYR B 298 44.80 41.28 -20.17
N GLY B 299 44.17 40.11 -20.36
CA GLY B 299 42.95 39.75 -19.66
C GLY B 299 41.76 39.51 -20.57
N TYR B 300 41.67 40.23 -21.68
CA TYR B 300 40.52 40.12 -22.55
C TYR B 300 40.61 38.86 -23.42
N TRP B 301 39.55 38.62 -24.19
CA TRP B 301 39.55 37.65 -25.26
C TRP B 301 39.35 38.36 -26.59
N SER B 302 40.09 37.95 -27.61
CA SER B 302 39.96 38.53 -28.93
C SER B 302 40.52 37.56 -29.96
N GLU B 303 39.92 37.57 -31.14
CA GLU B 303 40.40 36.71 -32.21
C GLU B 303 41.66 37.27 -32.86
N GLU B 304 41.82 38.60 -32.89
CA GLU B 304 42.92 39.23 -33.60
C GLU B 304 43.65 40.31 -32.81
N GLU B 305 43.07 40.86 -31.74
CA GLU B 305 43.73 41.93 -31.02
C GLU B 305 44.90 41.39 -30.21
N THR B 306 45.98 42.17 -30.14
CA THR B 306 47.22 41.72 -29.54
C THR B 306 47.81 42.65 -28.48
N GLY B 307 47.45 43.94 -28.46
CA GLY B 307 48.04 44.89 -27.55
C GLY B 307 47.18 45.20 -26.34
N ASP B 308 47.68 46.12 -25.52
CA ASP B 308 46.97 46.59 -24.32
C ASP B 308 45.93 47.63 -24.73
N VAL B 309 44.93 47.17 -25.47
CA VAL B 309 43.95 48.07 -26.04
C VAL B 309 43.00 48.57 -24.96
N ALA B 310 42.55 49.81 -25.11
CA ALA B 310 41.59 50.40 -24.19
C ALA B 310 40.14 50.11 -24.57
N ASP B 311 39.90 49.48 -25.71
CA ASP B 311 38.55 49.14 -26.14
C ASP B 311 38.63 47.95 -27.09
N LEU B 312 37.47 47.43 -27.47
CA LEU B 312 37.40 46.26 -28.32
C LEU B 312 36.24 46.41 -29.30
N PHE B 313 36.38 45.78 -30.45
CA PHE B 313 35.25 45.56 -31.35
C PHE B 313 34.17 44.77 -30.61
N TRP B 314 32.91 45.10 -30.92
CA TRP B 314 31.78 44.63 -30.12
C TRP B 314 31.80 43.11 -29.91
N GLY B 315 32.26 42.36 -30.90
CA GLY B 315 32.28 40.91 -30.76
C GLY B 315 33.25 40.43 -29.71
N ASP B 316 34.47 41.01 -29.71
CA ASP B 316 35.46 40.63 -28.71
C ASP B 316 35.03 41.06 -27.32
N LEU B 317 34.40 42.23 -27.20
CA LEU B 317 33.93 42.69 -25.89
C LEU B 317 32.82 41.79 -25.37
N ASP B 318 31.87 41.43 -26.23
CA ASP B 318 30.82 40.50 -25.84
C ASP B 318 31.40 39.15 -25.44
N MET B 319 32.39 38.67 -26.19
CA MET B 319 32.99 37.38 -25.87
C MET B 319 33.73 37.43 -24.54
N THR B 320 34.42 38.55 -24.27
CA THR B 320 35.19 38.66 -23.02
C THR B 320 34.28 38.60 -21.80
N ALA B 321 33.20 39.39 -21.80
CA ALA B 321 32.22 39.29 -20.72
C ALA B 321 31.54 37.93 -20.69
N GLU B 322 31.37 37.31 -21.87
CA GLU B 322 30.72 36.00 -21.92
C GLU B 322 31.57 34.94 -21.23
N TYR B 323 32.88 34.96 -21.46
CA TYR B 323 33.75 33.97 -20.84
C TYR B 323 33.94 34.22 -19.35
N VAL B 324 33.70 35.46 -18.88
CA VAL B 324 33.61 35.70 -17.45
C VAL B 324 32.49 34.85 -16.86
N LEU B 325 31.33 34.84 -17.50
CA LEU B 325 30.19 34.08 -17.02
C LEU B 325 30.47 32.57 -17.06
N TRP B 326 30.88 32.07 -18.22
CA TRP B 326 31.00 30.62 -18.40
C TRP B 326 32.10 30.04 -17.51
N LEU B 327 33.23 30.73 -17.39
CA LEU B 327 34.31 30.21 -16.55
C LEU B 327 33.89 30.20 -15.08
N ASP B 328 33.10 31.18 -14.65
CA ASP B 328 32.58 31.18 -13.29
C ASP B 328 31.57 30.05 -13.10
N LEU B 329 30.63 29.92 -14.03
CA LEU B 329 29.58 28.91 -13.91
C LEU B 329 30.16 27.50 -13.98
N ILE B 330 31.10 27.27 -14.89
CA ILE B 330 31.76 25.97 -14.96
C ILE B 330 32.54 25.70 -13.69
N GLY B 331 33.26 26.71 -13.18
CA GLY B 331 34.05 26.52 -11.98
C GLY B 331 33.21 26.19 -10.76
N ARG B 332 32.12 26.94 -10.56
CA ARG B 332 31.30 26.71 -9.37
C ARG B 332 30.57 25.38 -9.42
N ASN B 333 30.18 24.93 -10.62
CA ASN B 333 29.49 23.66 -10.75
C ASN B 333 30.43 22.47 -10.68
N LEU B 334 31.67 22.64 -11.16
CA LEU B 334 32.66 21.57 -11.01
C LEU B 334 33.13 21.44 -9.58
N ALA B 335 33.30 22.56 -8.88
CA ALA B 335 33.74 22.51 -7.49
C ALA B 335 32.66 21.91 -6.59
N SER B 336 31.40 22.29 -6.81
CA SER B 336 30.31 21.70 -6.04
C SER B 336 30.11 20.24 -6.40
N GLY B 337 30.24 19.91 -7.69
CA GLY B 337 30.14 18.52 -8.10
C GLY B 337 31.23 17.65 -7.52
N GLU B 338 32.41 18.22 -7.30
CA GLU B 338 33.47 17.48 -6.64
C GLU B 338 33.12 17.18 -5.19
N ARG B 339 32.55 18.16 -4.48
CA ARG B 339 32.16 17.94 -3.09
C ARG B 339 31.00 16.96 -2.99
N VAL B 340 30.10 16.97 -3.95
CA VAL B 340 28.93 16.09 -3.90
C VAL B 340 29.31 14.65 -4.23
N TRP B 341 30.14 14.45 -5.25
CA TRP B 341 30.33 13.13 -5.83
C TRP B 341 31.64 12.46 -5.46
N ALA B 342 32.45 13.07 -4.60
CA ALA B 342 33.66 12.42 -4.08
C ALA B 342 33.26 11.47 -2.96
N GLY B 343 32.72 10.32 -3.36
CA GLY B 343 32.28 9.31 -2.41
C GLY B 343 31.42 8.24 -3.04
N ALA C 4 -11.39 -29.74 34.44
CA ALA C 4 -10.22 -30.48 34.88
C ALA C 4 -10.56 -31.96 35.02
N GLY C 5 -11.44 -32.27 35.97
CA GLY C 5 -11.89 -33.64 36.16
C GLY C 5 -13.31 -33.84 35.66
N ALA C 6 -13.67 -33.14 34.59
CA ALA C 6 -15.02 -33.19 34.07
C ALA C 6 -15.32 -34.56 33.47
N LEU C 7 -16.58 -34.98 33.62
CA LEU C 7 -17.03 -36.22 33.00
C LEU C 7 -17.12 -36.05 31.49
N SER C 8 -16.73 -37.10 30.76
CA SER C 8 -16.87 -37.09 29.31
C SER C 8 -18.33 -37.29 28.93
N GLY C 9 -18.79 -36.51 27.96
CA GLY C 9 -20.17 -36.56 27.51
C GLY C 9 -20.38 -37.62 26.45
N ASN C 10 -21.45 -37.44 25.68
CA ASN C 10 -21.75 -38.30 24.55
C ASN C 10 -21.04 -37.79 23.30
N SER C 11 -20.64 -38.73 22.44
CA SER C 11 -20.02 -38.38 21.18
C SER C 11 -21.06 -37.87 20.20
N PRO C 12 -20.63 -37.17 19.14
CA PRO C 12 -21.59 -36.78 18.10
C PRO C 12 -22.34 -37.96 17.50
N HIS C 13 -21.71 -39.13 17.42
CA HIS C 13 -22.39 -40.31 16.90
C HIS C 13 -23.51 -40.75 17.84
N GLU C 14 -23.29 -40.64 19.15
CA GLU C 14 -24.32 -41.02 20.11
C GLU C 14 -25.45 -40.01 20.15
N LEU C 15 -25.15 -38.73 19.95
CA LEU C 15 -26.21 -37.72 19.88
C LEU C 15 -27.11 -37.96 18.68
N LYS C 16 -26.51 -38.30 17.52
CA LYS C 16 -27.29 -38.59 16.33
C LYS C 16 -28.09 -39.88 16.50
N ASN C 17 -27.53 -40.88 17.19
CA ASN C 17 -28.29 -42.10 17.45
C ASN C 17 -29.54 -41.81 18.26
N ALA C 18 -29.45 -40.92 19.25
CA ALA C 18 -30.61 -40.57 20.05
C ALA C 18 -31.65 -39.84 19.21
N ALA C 19 -31.21 -38.97 18.30
CA ALA C 19 -32.14 -38.27 17.43
C ALA C 19 -32.84 -39.24 16.49
N GLN C 20 -32.16 -40.28 16.04
CA GLN C 20 -32.76 -41.18 15.07
C GLN C 20 -33.78 -42.11 15.72
N ARG C 21 -33.54 -42.51 16.97
CA ARG C 21 -34.52 -43.32 17.70
C ARG C 21 -35.82 -42.56 17.88
N ALA C 22 -35.73 -41.29 18.28
CA ALA C 22 -36.93 -40.47 18.47
C ALA C 22 -37.62 -40.20 17.13
N ALA C 23 -36.84 -40.01 16.08
CA ALA C 23 -37.42 -39.81 14.75
C ALA C 23 -38.16 -41.06 14.30
N ASP C 24 -37.56 -42.23 14.51
CA ASP C 24 -38.24 -43.49 14.22
C ASP C 24 -39.53 -43.62 15.03
N TRP C 25 -39.48 -43.20 16.30
CA TRP C 25 -40.69 -43.23 17.13
C TRP C 25 -41.79 -42.37 16.54
N LEU C 26 -41.43 -41.17 16.05
CA LEU C 26 -42.43 -40.28 15.47
C LEU C 26 -43.02 -40.87 14.20
N VAL C 27 -42.16 -41.42 13.33
CA VAL C 27 -42.63 -41.95 12.05
C VAL C 27 -43.48 -43.19 12.27
N GLU C 28 -43.09 -44.04 13.21
CA GLU C 28 -43.83 -45.27 13.46
C GLU C 28 -45.28 -44.97 13.86
N ARG C 29 -45.50 -43.90 14.61
CA ARG C 29 -46.84 -43.54 15.09
C ARG C 29 -47.46 -42.39 14.31
N GLN C 30 -46.85 -41.99 13.19
CA GLN C 30 -47.45 -40.94 12.38
C GLN C 30 -48.72 -41.45 11.72
N ARG C 31 -49.71 -40.57 11.62
CA ARG C 31 -50.99 -40.93 11.04
C ARG C 31 -50.93 -40.86 9.52
N PRO C 32 -51.79 -41.61 8.82
CA PRO C 32 -51.71 -41.64 7.35
C PRO C 32 -51.97 -40.31 6.69
N ASN C 33 -52.66 -39.38 7.37
CA ASN C 33 -52.85 -38.04 6.81
C ASN C 33 -51.62 -37.15 6.98
N GLY C 34 -50.58 -37.66 7.64
CA GLY C 34 -49.37 -36.90 7.87
C GLY C 34 -49.25 -36.31 9.25
N ALA C 35 -50.31 -36.33 10.05
CA ALA C 35 -50.28 -35.73 11.37
C ALA C 35 -49.45 -36.57 12.34
N LEU C 36 -48.77 -35.88 13.25
CA LEU C 36 -47.98 -36.56 14.27
C LEU C 36 -48.87 -37.01 15.43
N PRO C 37 -48.48 -38.07 16.15
CA PRO C 37 -49.37 -38.65 17.17
C PRO C 37 -49.59 -37.75 18.38
N SER C 38 -50.39 -36.70 18.22
CA SER C 38 -50.75 -35.82 19.32
C SER C 38 -52.13 -36.15 19.84
N ARG C 39 -52.32 -36.02 21.16
CA ARG C 39 -53.62 -36.30 21.76
C ARG C 39 -54.62 -35.20 21.48
N THR C 40 -54.17 -34.01 21.11
CA THR C 40 -55.03 -32.94 20.63
C THR C 40 -54.52 -32.50 19.26
N ALA C 41 -55.45 -32.25 18.34
CA ALA C 41 -55.12 -31.83 16.98
C ALA C 41 -54.86 -30.33 16.99
N VAL C 42 -53.61 -29.95 17.25
CA VAL C 42 -53.21 -28.55 17.28
C VAL C 42 -51.92 -28.39 16.49
N ILE C 43 -51.74 -27.22 15.88
CA ILE C 43 -50.55 -26.98 15.07
C ILE C 43 -49.31 -26.90 15.95
N GLU C 44 -49.46 -26.46 17.20
CA GLU C 44 -48.31 -26.38 18.11
C GLU C 44 -47.81 -27.74 18.55
N SER C 45 -48.39 -28.84 18.06
CA SER C 45 -47.91 -30.18 18.34
C SER C 45 -47.02 -30.75 17.24
N CYS C 46 -46.93 -30.09 16.09
CA CYS C 46 -46.18 -30.67 14.98
C CYS C 46 -45.50 -29.62 14.10
N TYR C 47 -45.33 -28.39 14.58
CA TYR C 47 -44.76 -27.34 13.72
C TYR C 47 -43.28 -27.56 13.45
N LYS C 48 -42.59 -28.36 14.26
CA LYS C 48 -41.20 -28.70 14.00
C LYS C 48 -41.05 -30.01 13.25
N GLY C 49 -42.15 -30.67 12.89
CA GLY C 49 -42.07 -32.01 12.33
C GLY C 49 -41.41 -32.06 10.96
N MET C 50 -41.73 -31.11 10.08
CA MET C 50 -41.14 -31.10 8.74
C MET C 50 -39.62 -31.02 8.81
N TRP C 51 -39.11 -30.05 9.58
CA TRP C 51 -37.67 -29.85 9.67
C TRP C 51 -37.00 -31.01 10.39
N ALA C 52 -37.57 -31.44 11.53
CA ALA C 52 -36.94 -32.48 12.33
C ALA C 52 -36.88 -33.81 11.57
N LEU C 53 -38.01 -34.24 11.00
CA LEU C 53 -38.02 -35.51 10.28
C LEU C 53 -37.17 -35.46 9.03
N HIS C 54 -37.00 -34.26 8.44
CA HIS C 54 -36.14 -34.13 7.27
C HIS C 54 -34.68 -34.39 7.62
N THR C 55 -34.19 -33.73 8.68
CA THR C 55 -32.80 -33.92 9.09
C THR C 55 -32.53 -35.36 9.51
N ALA C 56 -33.55 -36.09 9.93
CA ALA C 56 -33.40 -37.51 10.26
C ALA C 56 -33.48 -38.41 9.04
N GLY C 57 -33.72 -37.86 7.85
CA GLY C 57 -33.81 -38.65 6.65
C GLY C 57 -35.18 -39.22 6.36
N HIS C 58 -36.16 -39.00 7.24
CA HIS C 58 -37.52 -39.46 6.99
C HIS C 58 -38.22 -38.40 6.13
N THR C 59 -37.88 -38.42 4.83
CA THR C 59 -38.38 -37.39 3.92
C THR C 59 -39.85 -37.60 3.60
N GLN C 60 -40.27 -38.85 3.40
CA GLN C 60 -41.68 -39.10 3.10
C GLN C 60 -42.57 -38.79 4.29
N ALA C 61 -42.09 -39.05 5.50
CA ALA C 61 -42.84 -38.63 6.69
C ALA C 61 -42.86 -37.10 6.81
N ALA C 62 -41.75 -36.44 6.46
CA ALA C 62 -41.71 -34.98 6.51
C ALA C 62 -42.61 -34.39 5.44
N SER C 63 -42.59 -34.96 4.23
CA SER C 63 -43.52 -34.55 3.19
C SER C 63 -44.96 -34.81 3.60
N ALA C 64 -45.20 -35.86 4.38
CA ALA C 64 -46.53 -36.12 4.90
C ALA C 64 -46.97 -35.03 5.87
N VAL C 65 -46.05 -34.55 6.71
CA VAL C 65 -46.35 -33.40 7.56
C VAL C 65 -46.64 -32.18 6.71
N ALA C 66 -45.87 -31.99 5.64
CA ALA C 66 -46.09 -30.86 4.74
C ALA C 66 -47.48 -30.91 4.13
N ASP C 67 -47.96 -32.10 3.76
CA ASP C 67 -49.31 -32.24 3.26
C ASP C 67 -50.33 -31.83 4.31
N TYR C 68 -50.18 -32.35 5.53
CA TYR C 68 -51.09 -32.01 6.62
C TYR C 68 -51.03 -30.52 6.94
N VAL C 69 -49.85 -29.91 6.80
CA VAL C 69 -49.73 -28.48 7.06
C VAL C 69 -50.41 -27.68 5.96
N THR C 70 -50.23 -28.09 4.70
CA THR C 70 -50.78 -27.33 3.59
C THR C 70 -52.31 -27.31 3.62
N SER C 71 -52.92 -28.43 4.03
CA SER C 71 -54.37 -28.48 4.10
C SER C 71 -54.96 -27.53 5.13
N LEU C 72 -54.14 -27.07 6.08
CA LEU C 72 -54.56 -26.09 7.08
C LEU C 72 -54.23 -24.66 6.67
N LEU C 73 -53.50 -24.47 5.58
CA LEU C 73 -53.03 -23.15 5.20
C LEU C 73 -54.18 -22.27 4.73
N GLN C 74 -54.22 -21.04 5.24
CA GLN C 74 -55.24 -20.06 4.88
C GLN C 74 -54.75 -19.19 3.74
N PRO C 75 -55.66 -18.44 3.10
CA PRO C 75 -55.24 -17.58 1.97
C PRO C 75 -54.12 -16.60 2.30
N ASP C 76 -54.06 -16.08 3.53
CA ASP C 76 -53.01 -15.14 3.88
C ASP C 76 -51.67 -15.81 4.18
N GLY C 77 -51.60 -17.14 4.09
CA GLY C 77 -50.37 -17.85 4.39
C GLY C 77 -50.20 -18.24 5.84
N ASP C 78 -51.22 -18.06 6.67
CA ASP C 78 -51.14 -18.35 8.09
C ASP C 78 -51.90 -19.63 8.42
N ILE C 79 -51.55 -20.22 9.56
CA ILE C 79 -52.32 -21.32 10.13
C ILE C 79 -52.85 -20.83 11.47
N PRO C 80 -53.94 -20.06 11.49
CA PRO C 80 -54.43 -19.52 12.77
C PRO C 80 -55.09 -20.58 13.64
N GLN C 81 -55.59 -21.64 13.04
CA GLN C 81 -56.25 -22.72 13.75
C GLN C 81 -55.81 -24.03 13.15
N PRO C 82 -55.77 -25.12 13.93
CA PRO C 82 -56.12 -25.20 15.36
C PRO C 82 -55.01 -24.76 16.30
N ARG C 83 -55.29 -23.82 17.19
CA ARG C 83 -54.37 -23.38 18.24
C ARG C 83 -55.12 -23.33 19.57
N GLU C 84 -54.45 -23.79 20.62
CA GLU C 84 -55.05 -23.78 21.95
C GLU C 84 -54.11 -23.21 23.02
N GLU C 85 -52.82 -23.48 22.92
CA GLU C 85 -51.88 -23.01 23.93
C GLU C 85 -51.71 -21.50 23.84
N ARG C 86 -51.77 -20.84 25.00
CA ARG C 86 -51.72 -19.38 25.03
C ARG C 86 -50.41 -18.84 24.47
N TYR C 87 -49.31 -19.58 24.63
CA TYR C 87 -48.02 -19.10 24.15
C TYR C 87 -47.97 -19.00 22.63
N PHE C 88 -48.79 -19.79 21.94
CA PHE C 88 -48.88 -19.72 20.49
C PHE C 88 -50.04 -18.84 20.04
N LEU C 89 -50.58 -18.02 20.94
CA LEU C 89 -51.65 -17.08 20.62
C LEU C 89 -51.22 -15.64 20.85
N ASP C 90 -50.74 -15.30 22.04
CA ASP C 90 -50.41 -13.93 22.37
C ASP C 90 -49.05 -13.77 23.05
N VAL C 91 -48.20 -14.80 23.04
CA VAL C 91 -46.85 -14.71 23.60
C VAL C 91 -45.80 -14.74 22.50
N HIS C 92 -45.68 -15.86 21.78
CA HIS C 92 -44.92 -15.91 20.53
C HIS C 92 -45.76 -16.70 19.51
N TYR C 93 -46.69 -15.98 18.88
CA TYR C 93 -47.60 -16.60 17.92
C TYR C 93 -46.84 -17.18 16.74
N LEU C 94 -45.86 -16.44 16.23
CA LEU C 94 -45.10 -16.82 15.04
C LEU C 94 -44.08 -17.92 15.31
N TYR C 95 -43.93 -18.37 16.56
CA TYR C 95 -43.00 -19.46 16.85
C TYR C 95 -43.33 -20.69 16.03
N ALA C 96 -44.62 -20.99 15.85
CA ALA C 96 -45.00 -22.13 15.02
C ALA C 96 -44.73 -21.84 13.55
N ASN C 97 -45.11 -20.66 13.08
CA ASN C 97 -44.90 -20.29 11.68
C ASN C 97 -43.43 -20.34 11.28
N GLY C 98 -42.53 -20.01 12.20
CA GLY C 98 -41.11 -19.99 11.87
C GLY C 98 -40.58 -21.35 11.51
N TYR C 99 -40.76 -22.34 12.39
CA TYR C 99 -40.30 -23.69 12.11
C TYR C 99 -40.99 -24.27 10.88
N LEU C 100 -42.29 -23.96 10.71
CA LEU C 100 -43.01 -24.42 9.52
C LEU C 100 -42.36 -23.90 8.25
N THR C 101 -42.00 -22.61 8.25
CA THR C 101 -41.36 -22.01 7.08
C THR C 101 -40.06 -22.73 6.75
N ILE C 102 -39.21 -22.95 7.76
CA ILE C 102 -37.91 -23.58 7.54
C ILE C 102 -38.09 -25.00 7.03
N GLY C 103 -38.96 -25.78 7.68
CA GLY C 103 -39.15 -27.16 7.28
C GLY C 103 -39.70 -27.30 5.88
N ALA C 104 -40.65 -26.42 5.50
CA ALA C 104 -41.19 -26.46 4.15
C ALA C 104 -40.14 -26.09 3.11
N HIS C 105 -39.21 -25.19 3.45
CA HIS C 105 -38.26 -24.74 2.44
C HIS C 105 -37.15 -25.76 2.22
N VAL C 106 -36.63 -26.36 3.29
CA VAL C 106 -35.60 -27.39 3.13
C VAL C 106 -36.18 -28.60 2.41
N LEU C 107 -37.49 -28.82 2.50
CA LEU C 107 -38.17 -29.87 1.76
C LEU C 107 -38.36 -29.52 0.29
N GLY C 108 -38.15 -28.27 -0.10
CA GLY C 108 -38.42 -27.86 -1.46
C GLY C 108 -39.85 -27.46 -1.73
N ARG C 109 -40.71 -27.44 -0.71
CA ARG C 109 -42.10 -26.99 -0.85
C ARG C 109 -42.12 -25.47 -0.95
N PHE C 110 -41.64 -24.98 -2.10
CA PHE C 110 -41.38 -23.55 -2.24
C PHE C 110 -42.65 -22.73 -2.22
N GLY C 111 -43.77 -23.29 -2.68
CA GLY C 111 -45.03 -22.58 -2.59
C GLY C 111 -45.50 -22.43 -1.16
N LEU C 112 -45.32 -23.49 -0.36
CA LEU C 112 -45.70 -23.42 1.06
C LEU C 112 -44.80 -22.44 1.80
N SER C 113 -43.49 -22.52 1.59
CA SER C 113 -42.57 -21.65 2.31
C SER C 113 -42.74 -20.19 1.91
N ARG C 114 -42.96 -19.91 0.62
CA ARG C 114 -43.18 -18.54 0.18
C ARG C 114 -44.41 -17.93 0.86
N LYS C 115 -45.51 -18.68 0.90
CA LYS C 115 -46.73 -18.14 1.52
C LYS C 115 -46.59 -18.03 3.02
N LEU C 116 -45.90 -18.99 3.65
CA LEU C 116 -45.64 -18.92 5.08
C LEU C 116 -44.76 -17.73 5.42
N MET C 117 -43.62 -17.60 4.72
CA MET C 117 -42.70 -16.51 4.99
C MET C 117 -43.34 -15.15 4.68
N SER C 118 -44.17 -15.09 3.64
CA SER C 118 -44.82 -13.81 3.30
C SER C 118 -45.75 -13.35 4.42
N PHE C 119 -46.49 -14.28 5.02
CA PHE C 119 -47.33 -13.89 6.15
C PHE C 119 -46.48 -13.45 7.34
N VAL C 120 -45.36 -14.14 7.57
CA VAL C 120 -44.46 -13.76 8.66
C VAL C 120 -43.98 -12.32 8.47
N GLU C 121 -43.74 -11.91 7.22
CA GLU C 121 -43.29 -10.55 6.95
C GLU C 121 -44.38 -9.52 7.25
N THR C 122 -45.65 -9.89 7.07
CA THR C 122 -46.75 -8.96 7.34
C THR C 122 -46.84 -8.59 8.81
N MET C 123 -46.24 -9.38 9.70
CA MET C 123 -46.29 -9.14 11.13
C MET C 123 -45.02 -8.50 11.67
N ARG C 124 -44.08 -8.14 10.80
CA ARG C 124 -42.87 -7.47 11.22
C ARG C 124 -43.15 -5.99 11.41
N ASN C 125 -42.55 -5.42 12.47
CA ASN C 125 -42.67 -3.99 12.74
C ASN C 125 -41.61 -3.25 11.93
N PRO C 126 -41.99 -2.51 10.89
CA PRO C 126 -40.97 -1.88 10.04
C PRO C 126 -40.06 -0.92 10.78
N ALA C 127 -40.56 -0.26 11.84
CA ALA C 127 -39.76 0.76 12.53
C ALA C 127 -38.78 0.15 13.52
N THR C 128 -39.09 -1.03 14.08
CA THR C 128 -38.24 -1.65 15.10
C THR C 128 -37.56 -2.93 14.65
N GLY C 129 -38.06 -3.58 13.60
CA GLY C 129 -37.54 -4.86 13.19
C GLY C 129 -38.07 -6.04 13.97
N GLY C 130 -38.81 -5.82 15.06
CA GLY C 130 -39.39 -6.91 15.80
C GLY C 130 -40.65 -7.44 15.14
N PHE C 131 -41.03 -8.64 15.57
CA PHE C 131 -42.20 -9.33 15.04
C PHE C 131 -43.28 -9.43 16.11
N ARG C 132 -44.52 -9.16 15.71
CA ARG C 132 -45.62 -9.06 16.66
C ARG C 132 -45.82 -10.38 17.40
N SER C 133 -46.12 -10.26 18.69
CA SER C 133 -46.25 -11.43 19.56
C SER C 133 -47.61 -12.12 19.43
N HIS C 134 -48.65 -11.39 19.03
CA HIS C 134 -50.00 -11.94 18.97
C HIS C 134 -50.49 -11.97 17.53
N GLY C 135 -51.25 -13.02 17.20
CA GLY C 135 -51.71 -13.25 15.85
C GLY C 135 -52.73 -12.23 15.37
N PRO C 136 -53.05 -12.29 14.07
CA PRO C 136 -53.96 -11.28 13.50
C PRO C 136 -55.38 -11.38 14.03
N ALA C 137 -55.83 -12.57 14.45
CA ALA C 137 -57.16 -12.72 15.02
C ALA C 137 -57.15 -12.64 16.55
N ILE C 138 -55.99 -12.37 17.14
CA ILE C 138 -55.83 -12.30 18.59
C ILE C 138 -55.63 -10.85 18.98
N PRO C 139 -56.46 -10.29 19.85
CA PRO C 139 -56.25 -8.89 20.28
C PRO C 139 -54.97 -8.75 21.08
N GLY C 140 -54.45 -7.53 21.09
CA GLY C 140 -53.19 -7.23 21.74
C GLY C 140 -52.79 -5.79 21.48
N ASP C 141 -51.58 -5.45 21.93
CA ASP C 141 -51.09 -4.08 21.88
C ASP C 141 -49.94 -3.89 20.89
N GLY C 142 -49.64 -4.89 20.07
CA GLY C 142 -48.58 -4.75 19.09
C GLY C 142 -47.18 -4.94 19.61
N ARG C 143 -47.04 -5.55 20.78
CA ARG C 143 -45.72 -5.82 21.34
C ARG C 143 -44.97 -6.84 20.48
N CYS C 144 -43.64 -6.81 20.61
CA CYS C 144 -42.76 -7.72 19.89
C CYS C 144 -41.78 -8.34 20.87
N ASP C 145 -41.51 -9.63 20.70
CA ASP C 145 -40.67 -10.38 21.62
C ASP C 145 -39.46 -10.95 20.90
N SER C 146 -38.48 -11.41 21.71
CA SER C 146 -37.22 -11.88 21.15
C SER C 146 -37.38 -13.23 20.46
N VAL C 147 -38.32 -14.07 20.91
CA VAL C 147 -38.46 -15.40 20.33
C VAL C 147 -39.13 -15.33 18.96
N SER C 148 -40.24 -14.59 18.86
CA SER C 148 -40.89 -14.43 17.56
C SER C 148 -39.94 -13.78 16.56
N THR C 149 -39.13 -12.83 17.02
CA THR C 149 -38.20 -12.15 16.14
C THR C 149 -37.08 -13.08 15.68
N SER C 150 -36.47 -13.81 16.62
CA SER C 150 -35.33 -14.65 16.29
C SER C 150 -35.72 -15.81 15.38
N ILE C 151 -36.89 -16.41 15.62
CA ILE C 151 -37.33 -17.51 14.78
C ILE C 151 -37.74 -17.02 13.40
N SER C 152 -38.30 -15.80 13.32
CA SER C 152 -38.65 -15.26 12.01
C SER C 152 -37.42 -14.86 11.23
N GLY C 153 -36.40 -14.31 11.93
CA GLY C 153 -35.14 -14.04 11.28
C GLY C 153 -34.41 -15.30 10.85
N LEU C 154 -34.55 -16.38 11.62
CA LEU C 154 -33.98 -17.65 11.20
C LEU C 154 -34.73 -18.23 10.02
N ALA C 155 -36.06 -18.05 9.99
CA ALA C 155 -36.82 -18.45 8.81
C ALA C 155 -36.42 -17.63 7.60
N ALA C 156 -36.15 -16.33 7.80
CA ALA C 156 -35.73 -15.49 6.69
C ALA C 156 -34.38 -15.94 6.13
N LEU C 157 -33.49 -16.42 7.01
CA LEU C 157 -32.20 -16.91 6.54
C LEU C 157 -32.34 -18.13 5.65
N TYR C 158 -33.17 -19.10 6.06
CA TYR C 158 -33.34 -20.32 5.27
C TYR C 158 -34.04 -20.05 3.95
N THR C 159 -34.91 -19.04 3.90
CA THR C 159 -35.58 -18.69 2.66
C THR C 159 -34.86 -17.60 1.87
N GLY C 160 -33.68 -17.18 2.33
CA GLY C 160 -32.85 -16.25 1.57
C GLY C 160 -33.23 -14.79 1.68
N ARG C 161 -34.09 -14.41 2.61
CA ARG C 161 -34.50 -13.02 2.78
C ARG C 161 -33.62 -12.40 3.86
N VAL C 162 -32.40 -12.04 3.45
CA VAL C 162 -31.37 -11.65 4.41
C VAL C 162 -31.69 -10.30 5.05
N ASP C 163 -32.29 -9.38 4.28
CA ASP C 163 -32.61 -8.07 4.82
C ASP C 163 -33.62 -8.16 5.95
N THR C 164 -34.56 -9.10 5.86
CA THR C 164 -35.46 -9.35 6.97
C THR C 164 -34.70 -9.90 8.17
N ALA C 165 -33.75 -10.81 7.92
CA ALA C 165 -32.95 -11.35 9.01
C ALA C 165 -32.09 -10.26 9.66
N ARG C 166 -31.56 -9.35 8.84
CA ARG C 166 -30.79 -8.23 9.40
C ARG C 166 -31.67 -7.33 10.25
N SER C 167 -32.91 -7.09 9.82
CA SER C 167 -33.82 -6.27 10.60
C SER C 167 -34.18 -6.96 11.92
N ALA C 168 -34.32 -8.28 11.89
CA ALA C 168 -34.59 -9.02 13.13
C ALA C 168 -33.43 -8.89 14.11
N ALA C 169 -32.20 -8.93 13.60
CA ALA C 169 -31.03 -8.75 14.46
C ALA C 169 -30.95 -7.32 15.00
N ASP C 170 -31.43 -6.34 14.23
CA ASP C 170 -31.49 -4.97 14.73
C ASP C 170 -32.38 -4.88 15.96
N PHE C 171 -33.55 -5.51 15.92
CA PHE C 171 -34.42 -5.56 17.09
C PHE C 171 -33.72 -6.23 18.27
N LEU C 172 -33.08 -7.38 18.01
CA LEU C 172 -32.40 -8.10 19.09
C LEU C 172 -31.27 -7.26 19.69
N GLY C 173 -30.56 -6.50 18.86
CA GLY C 173 -29.51 -5.64 19.37
C GLY C 173 -30.06 -4.53 20.25
N SER C 174 -31.12 -3.86 19.79
CA SER C 174 -31.71 -2.79 20.59
C SER C 174 -32.31 -3.33 21.88
N LEU C 175 -32.97 -4.48 21.81
CA LEU C 175 -33.54 -5.08 23.02
C LEU C 175 -32.46 -5.42 24.04
N TRP C 176 -31.31 -5.93 23.55
CA TRP C 176 -30.21 -6.25 24.45
C TRP C 176 -29.62 -4.99 25.07
N VAL C 177 -29.30 -4.00 24.24
CA VAL C 177 -28.69 -2.76 24.74
C VAL C 177 -29.64 -2.02 25.65
N GLY C 178 -30.94 -2.07 25.37
CA GLY C 178 -31.93 -1.37 26.15
C GLY C 178 -32.39 -2.03 27.43
N GLN C 179 -31.73 -3.10 27.86
CA GLN C 179 -32.14 -3.79 29.09
C GLN C 179 -31.93 -2.87 30.28
N PRO C 180 -32.97 -2.65 31.11
CA PRO C 180 -32.80 -1.77 32.27
C PRO C 180 -32.11 -2.41 33.46
N ASP C 181 -32.11 -3.74 33.57
CA ASP C 181 -31.53 -4.41 34.73
C ASP C 181 -31.12 -5.83 34.36
N ARG C 182 -30.18 -5.98 33.42
CA ARG C 182 -29.86 -7.30 32.89
C ARG C 182 -29.23 -8.21 33.94
N LYS C 183 -28.71 -7.64 35.03
CA LYS C 183 -28.15 -8.46 36.09
C LYS C 183 -29.22 -9.33 36.75
N ASN C 184 -30.46 -8.87 36.79
CA ASN C 184 -31.55 -9.56 37.46
C ASN C 184 -32.64 -10.07 36.53
N VAL C 185 -32.89 -9.38 35.42
CA VAL C 185 -34.02 -9.70 34.56
C VAL C 185 -33.63 -9.48 33.11
N PHE C 186 -34.03 -10.41 32.25
CA PHE C 186 -34.00 -10.20 30.80
C PHE C 186 -35.43 -9.95 30.34
N HIS C 187 -35.75 -8.69 30.04
CA HIS C 187 -37.06 -8.35 29.48
C HIS C 187 -37.03 -8.65 27.99
N ALA C 188 -37.79 -9.66 27.57
CA ALA C 188 -37.73 -10.14 26.19
C ALA C 188 -38.74 -9.47 25.28
N VAL C 189 -39.44 -8.44 25.75
CA VAL C 189 -40.55 -7.84 25.01
C VAL C 189 -40.32 -6.34 24.87
N ALA C 190 -40.60 -5.81 23.68
CA ALA C 190 -40.63 -4.37 23.44
C ALA C 190 -42.02 -4.00 22.92
N ASP C 191 -42.42 -2.75 23.17
CA ASP C 191 -43.70 -2.28 22.66
C ASP C 191 -43.59 -1.96 21.18
N ALA C 192 -44.67 -1.45 20.60
CA ALA C 192 -44.70 -1.18 19.17
C ALA C 192 -43.70 -0.11 18.75
N SER C 193 -43.28 0.77 19.66
CA SER C 193 -42.33 1.82 19.35
C SER C 193 -40.88 1.40 19.56
N GLY C 194 -40.63 0.19 20.03
CA GLY C 194 -39.28 -0.27 20.26
C GLY C 194 -38.76 -0.11 21.67
N ALA C 195 -39.58 0.38 22.60
CA ALA C 195 -39.14 0.54 23.98
C ALA C 195 -39.32 -0.76 24.75
N VAL C 196 -38.35 -1.07 25.60
CA VAL C 196 -38.39 -2.31 26.38
C VAL C 196 -39.57 -2.25 27.34
N LEU C 197 -40.50 -3.20 27.19
CA LEU C 197 -41.68 -3.27 28.04
C LEU C 197 -41.36 -4.09 29.28
N THR C 198 -41.48 -3.48 30.45
CA THR C 198 -41.08 -4.09 31.72
C THR C 198 -42.25 -4.45 32.63
N SER C 199 -43.49 -4.35 32.14
CA SER C 199 -44.64 -4.67 32.96
C SER C 199 -44.65 -6.16 33.31
N ASP C 200 -45.32 -6.49 34.42
CA ASP C 200 -45.45 -7.89 34.81
C ASP C 200 -46.23 -8.71 33.78
N ASP C 201 -46.92 -8.03 32.86
CA ASP C 201 -47.66 -8.73 31.82
C ASP C 201 -46.77 -9.18 30.67
N ALA C 202 -45.57 -8.63 30.54
CA ALA C 202 -44.68 -8.95 29.44
C ALA C 202 -43.68 -10.01 29.86
N VAL C 203 -43.30 -10.87 28.91
CA VAL C 203 -42.40 -11.98 29.20
C VAL C 203 -41.07 -11.44 29.69
N ALA C 204 -40.65 -11.90 30.87
CA ALA C 204 -39.35 -11.56 31.43
C ALA C 204 -38.69 -12.81 31.97
N VAL C 205 -37.38 -12.90 31.83
CA VAL C 205 -36.60 -14.03 32.32
C VAL C 205 -35.93 -13.62 33.62
N GLN C 206 -36.22 -14.35 34.70
CA GLN C 206 -35.57 -14.14 35.99
C GLN C 206 -34.23 -14.87 35.94
N VAL C 207 -33.22 -14.16 35.44
CA VAL C 207 -31.96 -14.78 35.04
C VAL C 207 -31.21 -15.35 36.24
N ARG C 208 -31.55 -14.93 37.45
CA ARG C 208 -30.90 -15.42 38.65
C ARG C 208 -31.75 -16.42 39.41
N LYS C 209 -32.78 -16.97 38.77
CA LYS C 209 -33.60 -18.03 39.35
C LYS C 209 -33.69 -19.18 38.36
N ALA C 210 -34.17 -20.31 38.86
CA ALA C 210 -34.32 -21.53 38.06
C ALA C 210 -35.79 -21.72 37.69
N GLU C 211 -36.27 -20.84 36.80
CA GLU C 211 -37.69 -20.83 36.43
C GLU C 211 -37.88 -20.84 34.92
N GLY C 212 -36.92 -21.41 34.18
CA GLY C 212 -37.09 -21.64 32.76
C GLY C 212 -37.08 -20.38 31.91
N ASP C 213 -37.70 -20.51 30.74
CA ASP C 213 -37.83 -19.44 29.74
C ASP C 213 -36.50 -18.97 29.18
N TRP C 214 -35.47 -19.81 29.21
CA TRP C 214 -34.15 -19.40 28.74
C TRP C 214 -34.06 -19.29 27.23
N TYR C 215 -34.96 -19.95 26.49
CA TYR C 215 -34.92 -19.87 25.04
C TYR C 215 -35.25 -18.47 24.53
N PHE C 216 -35.84 -17.61 25.37
CA PHE C 216 -35.93 -16.19 25.01
C PHE C 216 -34.58 -15.53 24.89
N ILE C 217 -33.52 -16.16 25.40
CA ILE C 217 -32.15 -15.72 25.20
C ILE C 217 -31.39 -16.66 24.27
N GLY C 218 -31.61 -17.98 24.41
CA GLY C 218 -30.83 -18.93 23.64
C GLY C 218 -31.19 -18.94 22.16
N LEU C 219 -32.48 -18.80 21.84
CA LEU C 219 -32.89 -18.77 20.44
C LEU C 219 -32.33 -17.54 19.74
N PRO C 220 -32.33 -16.35 20.37
CA PRO C 220 -31.56 -15.23 19.78
C PRO C 220 -30.10 -15.56 19.56
N ALA C 221 -29.45 -16.25 20.51
CA ALA C 221 -28.05 -16.62 20.34
C ALA C 221 -27.86 -17.51 19.12
N PHE C 222 -28.73 -18.53 18.98
CA PHE C 222 -28.65 -19.42 17.81
C PHE C 222 -28.81 -18.62 16.52
N PHE C 223 -29.87 -17.82 16.42
CA PHE C 223 -30.12 -17.08 15.18
C PHE C 223 -28.98 -16.13 14.85
N LEU C 224 -28.45 -15.42 15.85
CA LEU C 224 -27.37 -14.47 15.59
C LEU C 224 -26.10 -15.18 15.13
N THR C 225 -25.81 -16.36 15.68
CA THR C 225 -24.68 -17.13 15.19
C THR C 225 -24.90 -17.57 13.75
N ALA C 226 -26.13 -17.96 13.41
CA ALA C 226 -26.45 -18.29 12.03
C ALA C 226 -26.33 -17.08 11.13
N LEU C 227 -26.79 -15.91 11.61
CA LEU C 227 -26.66 -14.69 10.83
C LEU C 227 -25.20 -14.28 10.66
N TYR C 228 -24.36 -14.58 11.65
CA TYR C 228 -22.93 -14.34 11.48
C TYR C 228 -22.34 -15.26 10.42
N GLU C 229 -22.72 -16.55 10.44
CA GLU C 229 -22.24 -17.47 9.42
C GLU C 229 -22.69 -17.03 8.03
N ALA C 230 -23.88 -16.41 7.94
CA ALA C 230 -24.42 -16.01 6.64
C ALA C 230 -23.71 -14.78 6.09
N THR C 231 -23.43 -13.79 6.94
CA THR C 231 -22.90 -12.51 6.48
C THR C 231 -21.44 -12.26 6.82
N GLU C 232 -20.87 -13.04 7.75
CA GLU C 232 -19.51 -12.82 8.24
C GLU C 232 -19.36 -11.41 8.80
N ASP C 233 -20.48 -10.85 9.28
CA ASP C 233 -20.49 -9.56 9.95
C ASP C 233 -20.19 -9.80 11.43
N ARG C 234 -19.00 -9.39 11.88
CA ARG C 234 -18.56 -9.69 13.24
C ARG C 234 -19.42 -9.04 14.30
N ALA C 235 -20.24 -8.03 13.93
CA ALA C 235 -21.17 -7.47 14.90
C ALA C 235 -22.14 -8.52 15.43
N TYR C 236 -22.52 -9.49 14.59
CA TYR C 236 -23.41 -10.55 15.02
C TYR C 236 -22.69 -11.60 15.85
N LEU C 237 -21.39 -11.80 15.60
CA LEU C 237 -20.61 -12.67 16.47
C LEU C 237 -20.38 -12.03 17.83
N ASP C 238 -20.12 -10.71 17.86
CA ASP C 238 -19.93 -10.03 19.14
C ASP C 238 -21.18 -10.12 20.00
N LEU C 239 -22.36 -9.98 19.38
CA LEU C 239 -23.60 -10.02 20.15
C LEU C 239 -23.94 -11.44 20.58
N ALA C 240 -23.72 -12.42 19.69
CA ALA C 240 -23.95 -13.82 20.05
C ALA C 240 -23.02 -14.25 21.16
N THR C 241 -21.76 -13.81 21.12
CA THR C 241 -20.82 -14.12 22.19
C THR C 241 -21.25 -13.50 23.51
N ASP C 242 -21.78 -12.27 23.45
CA ASP C 242 -22.27 -11.62 24.66
C ASP C 242 -23.45 -12.38 25.24
N LEU C 243 -24.37 -12.83 24.39
CA LEU C 243 -25.52 -13.59 24.87
C LEU C 243 -25.10 -14.94 25.46
N MET C 244 -24.09 -15.59 24.87
CA MET C 244 -23.63 -16.86 25.39
C MET C 244 -22.90 -16.66 26.72
N THR C 245 -21.98 -15.70 26.77
CA THR C 245 -21.32 -15.38 28.03
C THR C 245 -22.33 -14.95 29.08
N TYR C 246 -23.40 -14.27 28.67
CA TYR C 246 -24.46 -13.87 29.58
C TYR C 246 -25.09 -15.09 30.24
N MET C 247 -25.49 -16.08 29.44
CA MET C 247 -26.10 -17.27 30.00
C MET C 247 -25.11 -18.13 30.76
N ASP C 248 -23.83 -18.08 30.38
CA ASP C 248 -22.83 -18.94 31.01
C ASP C 248 -22.41 -18.41 32.37
N GLU C 249 -22.19 -17.10 32.49
CA GLU C 249 -21.58 -16.53 33.68
C GLU C 249 -22.50 -15.63 34.50
N ASP C 250 -23.56 -15.08 33.89
CA ASP C 250 -24.46 -14.19 34.61
C ASP C 250 -25.82 -14.81 34.89
N CYS C 251 -26.16 -15.94 34.27
CA CYS C 251 -27.44 -16.58 34.46
C CYS C 251 -27.31 -17.77 35.40
N ASP C 252 -28.45 -18.16 35.97
CA ASP C 252 -28.51 -19.36 36.80
C ASP C 252 -28.12 -20.57 35.97
N GLU C 253 -27.59 -21.60 36.65
CA GLU C 253 -27.18 -22.83 35.97
C GLU C 253 -28.35 -23.49 35.27
N ASP C 254 -29.58 -23.15 35.63
CA ASP C 254 -30.76 -23.68 34.94
C ASP C 254 -30.78 -23.30 33.46
N ALA C 255 -30.01 -22.28 33.06
CA ALA C 255 -30.00 -21.87 31.65
C ALA C 255 -29.52 -23.00 30.75
N PHE C 256 -28.64 -23.86 31.26
CA PHE C 256 -28.12 -25.00 30.50
C PHE C 256 -28.66 -26.33 31.00
N VAL C 257 -29.74 -26.31 31.79
CA VAL C 257 -30.30 -27.53 32.38
C VAL C 257 -31.79 -27.60 32.08
N ASP C 258 -32.47 -26.45 32.07
CA ASP C 258 -33.89 -26.42 31.78
C ASP C 258 -34.18 -27.00 30.40
N SER C 259 -35.43 -27.42 30.20
CA SER C 259 -35.81 -28.10 28.96
C SER C 259 -35.61 -27.23 27.72
N SER C 260 -35.60 -25.90 27.88
CA SER C 260 -35.42 -24.99 26.77
C SER C 260 -33.95 -24.64 26.52
N CYS C 261 -33.02 -25.40 27.10
CA CYS C 261 -31.59 -25.12 26.91
C CYS C 261 -31.07 -25.59 25.56
N GLY C 262 -31.88 -26.26 24.76
CA GLY C 262 -31.43 -26.79 23.49
C GLY C 262 -31.00 -25.73 22.49
N ALA C 264 -29.57 -22.75 23.15
CA ALA C 264 -28.22 -22.33 23.52
C ALA C 264 -27.20 -23.41 23.19
N GLY C 265 -27.63 -24.67 23.32
CA GLY C 265 -26.75 -25.78 22.98
C GLY C 265 -26.41 -25.80 21.50
N VAL C 266 -27.40 -25.55 20.64
CA VAL C 266 -27.14 -25.47 19.20
C VAL C 266 -26.25 -24.27 18.89
N ALA C 267 -26.52 -23.13 19.54
CA ALA C 267 -25.69 -21.94 19.34
C ALA C 267 -24.25 -22.22 19.74
N ALA C 268 -24.04 -22.90 20.87
CA ALA C 268 -22.68 -23.23 21.30
C ALA C 268 -22.02 -24.19 20.33
N ALA C 269 -22.76 -25.17 19.82
CA ALA C 269 -22.19 -26.13 18.87
C ALA C 269 -21.77 -25.43 17.58
N LEU C 270 -22.63 -24.56 17.05
CA LEU C 270 -22.30 -23.83 15.83
C LEU C 270 -21.15 -22.85 16.08
N LEU C 271 -21.16 -22.18 17.23
CA LEU C 271 -20.08 -21.26 17.56
C LEU C 271 -18.74 -21.99 17.65
N TYR C 272 -18.74 -23.21 18.19
CA TYR C 272 -17.49 -23.96 18.29
C TYR C 272 -16.95 -24.30 16.91
N ARG C 273 -17.83 -24.73 15.99
CA ARG C 273 -17.36 -25.06 14.65
C ARG C 273 -16.81 -23.83 13.95
N LEU C 274 -17.45 -22.66 14.15
CA LEU C 274 -17.03 -21.45 13.44
C LEU C 274 -15.77 -20.85 14.06
N THR C 275 -15.60 -20.98 15.37
CA THR C 275 -14.53 -20.27 16.07
C THR C 275 -13.57 -21.16 16.83
N GLY C 276 -13.96 -22.38 17.17
CA GLY C 276 -13.05 -23.29 17.85
C GLY C 276 -12.85 -23.03 19.32
N ARG C 277 -13.58 -22.09 19.91
CA ARG C 277 -13.42 -21.79 21.33
C ARG C 277 -13.86 -23.00 22.16
N PRO C 278 -12.99 -23.56 23.01
CA PRO C 278 -13.33 -24.82 23.68
C PRO C 278 -14.52 -24.72 24.63
N ARG C 279 -14.77 -23.55 25.21
CA ARG C 279 -15.92 -23.40 26.10
C ARG C 279 -17.23 -23.69 25.36
N TYR C 280 -17.31 -23.30 24.08
CA TYR C 280 -18.52 -23.55 23.30
C TYR C 280 -18.73 -25.04 23.08
N ARG C 281 -17.64 -25.80 22.90
CA ARG C 281 -17.80 -27.25 22.75
C ARG C 281 -18.31 -27.88 24.05
N GLU C 282 -17.79 -27.42 25.20
CA GLU C 282 -18.22 -27.98 26.48
C GLU C 282 -19.70 -27.74 26.73
N ILE C 283 -20.19 -26.55 26.42
CA ILE C 283 -21.60 -26.25 26.65
C ILE C 283 -22.48 -27.11 25.74
N ALA C 284 -22.08 -27.27 24.47
CA ALA C 284 -22.87 -28.07 23.56
C ALA C 284 -22.82 -29.55 23.93
N GLU C 285 -21.64 -30.05 24.28
CA GLU C 285 -21.50 -31.44 24.70
C GLU C 285 -22.34 -31.74 25.92
N GLY C 286 -22.27 -30.86 26.94
CA GLY C 286 -23.03 -31.09 28.16
C GLY C 286 -24.52 -31.04 27.92
N ILE C 287 -24.99 -30.09 27.10
CA ILE C 287 -26.42 -29.98 26.85
C ILE C 287 -26.93 -31.15 26.01
N GLY C 288 -26.17 -31.53 24.98
CA GLY C 288 -26.56 -32.67 24.17
C GLY C 288 -26.59 -33.96 24.97
N THR C 289 -25.62 -34.13 25.87
CA THR C 289 -25.60 -35.32 26.73
C THR C 289 -26.77 -35.29 27.71
N LEU C 290 -27.10 -34.12 28.24
CA LEU C 290 -28.23 -34.00 29.15
C LEU C 290 -29.54 -34.41 28.48
N LEU C 291 -29.71 -34.01 27.21
CA LEU C 291 -30.93 -34.39 26.50
C LEU C 291 -30.98 -35.90 26.24
N CYS C 292 -29.82 -36.51 25.98
CA CYS C 292 -29.79 -37.95 25.75
C CYS C 292 -30.18 -38.73 26.99
N GLU C 293 -29.69 -38.30 28.15
CA GLU C 293 -30.00 -39.00 29.40
C GLU C 293 -31.48 -38.88 29.76
N ARG C 294 -32.15 -37.82 29.31
CA ARG C 294 -33.56 -37.63 29.60
C ARG C 294 -34.47 -38.34 28.61
N GLN C 295 -33.92 -38.88 27.52
CA GLN C 295 -34.73 -39.58 26.54
C GLN C 295 -35.32 -40.86 27.14
N SER C 296 -36.59 -41.11 26.82
CA SER C 296 -37.24 -42.31 27.31
C SER C 296 -36.61 -43.56 26.68
N PRO C 297 -36.65 -44.69 27.38
CA PRO C 297 -36.22 -45.95 26.75
C PRO C 297 -36.98 -46.28 25.48
N TYR C 298 -38.16 -45.71 25.27
CA TYR C 298 -38.96 -45.99 24.09
C TYR C 298 -38.67 -45.06 22.92
N GLY C 299 -37.98 -43.94 23.15
CA GLY C 299 -37.55 -43.05 22.07
C GLY C 299 -38.01 -41.62 22.24
N TYR C 300 -39.17 -41.41 22.85
CA TYR C 300 -39.71 -40.07 22.99
C TYR C 300 -39.09 -39.37 24.19
N TRP C 301 -39.44 -38.09 24.35
CA TRP C 301 -39.18 -37.33 25.56
C TRP C 301 -40.50 -36.96 26.20
N SER C 302 -40.56 -37.02 27.52
CA SER C 302 -41.78 -36.66 28.23
C SER C 302 -41.44 -36.32 29.67
N GLU C 303 -42.11 -35.29 30.19
CA GLU C 303 -41.90 -34.90 31.58
C GLU C 303 -42.55 -35.88 32.56
N GLU C 304 -43.47 -36.73 32.09
CA GLU C 304 -44.26 -37.55 33.00
C GLU C 304 -44.47 -38.96 32.47
N GLU C 305 -44.77 -39.09 31.18
CA GLU C 305 -45.08 -40.40 30.62
C GLU C 305 -43.89 -41.35 30.74
N THR C 306 -44.19 -42.64 30.88
CA THR C 306 -43.14 -43.64 31.06
C THR C 306 -43.31 -44.84 30.14
N GLY C 307 -44.56 -45.17 29.79
CA GLY C 307 -44.85 -46.40 29.09
C GLY C 307 -44.65 -46.29 27.59
N ASP C 308 -45.02 -47.38 26.90
CA ASP C 308 -44.96 -47.45 25.44
C ASP C 308 -46.22 -46.84 24.82
N VAL C 309 -46.40 -45.55 25.08
CA VAL C 309 -47.62 -44.86 24.64
C VAL C 309 -47.68 -44.81 23.12
N ALA C 310 -48.91 -44.74 22.60
CA ALA C 310 -49.13 -44.57 21.17
C ALA C 310 -49.20 -43.11 20.77
N ASP C 311 -49.42 -42.20 21.72
CA ASP C 311 -49.47 -40.78 21.44
C ASP C 311 -48.95 -40.02 22.65
N LEU C 312 -48.81 -38.71 22.48
CA LEU C 312 -48.36 -37.83 23.53
C LEU C 312 -49.18 -36.54 23.48
N PHE C 313 -49.26 -35.86 24.62
CA PHE C 313 -49.86 -34.53 24.61
C PHE C 313 -48.95 -33.57 23.86
N TRP C 314 -49.57 -32.50 23.34
CA TRP C 314 -48.93 -31.65 22.33
C TRP C 314 -47.54 -31.19 22.76
N GLY C 315 -47.35 -30.92 24.06
CA GLY C 315 -46.08 -30.41 24.51
C GLY C 315 -44.97 -31.44 24.49
N ASP C 316 -45.26 -32.67 24.89
CA ASP C 316 -44.26 -33.73 24.81
C ASP C 316 -43.93 -34.07 23.37
N LEU C 317 -44.94 -34.09 22.50
CA LEU C 317 -44.71 -34.41 21.10
C LEU C 317 -43.86 -33.33 20.43
N ASP C 318 -44.13 -32.06 20.75
CA ASP C 318 -43.30 -30.99 20.21
C ASP C 318 -41.88 -31.05 20.76
N MET C 319 -41.73 -31.37 22.04
CA MET C 319 -40.40 -31.50 22.61
C MET C 319 -39.61 -32.64 21.96
N THR C 320 -40.29 -33.74 21.65
CA THR C 320 -39.62 -34.89 21.05
C THR C 320 -39.05 -34.54 19.67
N ALA C 321 -39.88 -33.95 18.80
CA ALA C 321 -39.39 -33.53 17.49
C ALA C 321 -38.36 -32.41 17.62
N GLU C 322 -38.48 -31.56 18.64
CA GLU C 322 -37.49 -30.51 18.84
C GLU C 322 -36.13 -31.10 19.19
N TYR C 323 -36.10 -32.10 20.07
CA TYR C 323 -34.83 -32.69 20.48
C TYR C 323 -34.20 -33.53 19.37
N VAL C 324 -35.03 -34.09 18.49
CA VAL C 324 -34.50 -34.66 17.24
C VAL C 324 -33.67 -33.62 16.51
N LEU C 325 -34.19 -32.40 16.45
CA LEU C 325 -33.53 -31.35 15.69
C LEU C 325 -32.27 -30.84 16.40
N TRP C 326 -32.38 -30.57 17.70
CA TRP C 326 -31.24 -30.01 18.43
C TRP C 326 -30.09 -31.00 18.53
N LEU C 327 -30.39 -32.26 18.84
CA LEU C 327 -29.34 -33.27 18.92
C LEU C 327 -28.63 -33.43 17.58
N ASP C 328 -29.38 -33.37 16.48
CA ASP C 328 -28.77 -33.47 15.17
C ASP C 328 -27.88 -32.26 14.88
N LEU C 329 -28.39 -31.06 15.16
CA LEU C 329 -27.61 -29.84 14.91
C LEU C 329 -26.38 -29.79 15.81
N ILE C 330 -26.52 -30.21 17.06
CA ILE C 330 -25.37 -30.22 17.97
C ILE C 330 -24.33 -31.23 17.49
N GLY C 331 -24.76 -32.47 17.24
CA GLY C 331 -23.82 -33.47 16.74
C GLY C 331 -23.23 -33.09 15.41
N ARG C 332 -23.99 -32.37 14.59
CA ARG C 332 -23.49 -31.90 13.30
C ARG C 332 -22.29 -31.00 13.48
N ASN C 333 -22.47 -29.89 14.19
CA ASN C 333 -21.41 -28.88 14.29
C ASN C 333 -20.28 -29.34 15.20
N LEU C 334 -20.56 -30.21 16.17
CA LEU C 334 -19.49 -30.75 17.00
C LEU C 334 -18.59 -31.69 16.19
N ALA C 335 -19.19 -32.56 15.38
CA ALA C 335 -18.40 -33.45 14.54
C ALA C 335 -17.58 -32.66 13.53
N SER C 336 -18.19 -31.65 12.90
CA SER C 336 -17.44 -30.82 11.96
C SER C 336 -16.43 -29.94 12.68
N GLY C 337 -16.81 -29.40 13.84
CA GLY C 337 -15.86 -28.65 14.64
C GLY C 337 -14.67 -29.45 15.07
N GLU C 338 -14.86 -30.76 15.31
CA GLU C 338 -13.73 -31.62 15.63
C GLU C 338 -12.82 -31.82 14.42
N ARG C 339 -13.41 -31.90 13.22
CA ARG C 339 -12.58 -32.03 12.03
C ARG C 339 -11.77 -30.77 11.79
N VAL C 340 -12.31 -29.60 12.12
CA VAL C 340 -11.64 -28.35 11.83
C VAL C 340 -10.56 -28.04 12.86
N TRP C 341 -10.84 -28.32 14.14
CA TRP C 341 -10.00 -27.79 15.21
C TRP C 341 -9.18 -28.84 15.94
N ALA C 342 -9.60 -30.11 15.96
CA ALA C 342 -8.86 -31.09 16.73
C ALA C 342 -7.48 -31.37 16.13
N GLY C 343 -7.31 -31.15 14.83
CA GLY C 343 -6.00 -31.27 14.22
C GLY C 343 -5.21 -29.98 14.33
N LYS C 344 -5.46 -29.22 15.40
CA LYS C 344 -4.85 -27.91 15.61
C LYS C 344 -5.13 -26.96 14.44
N ASN D 10 32.37 57.75 3.96
CA ASN D 10 32.99 56.79 3.05
C ASN D 10 32.32 56.79 1.69
N SER D 11 33.10 56.52 0.65
CA SER D 11 32.60 56.44 -0.71
C SER D 11 32.07 55.03 -0.98
N PRO D 12 31.34 54.85 -2.10
CA PRO D 12 30.94 53.48 -2.47
C PRO D 12 32.12 52.51 -2.60
N HIS D 13 33.27 53.00 -3.07
CA HIS D 13 34.47 52.15 -3.16
C HIS D 13 34.90 51.69 -1.77
N GLU D 14 34.85 52.57 -0.78
CA GLU D 14 35.32 52.22 0.56
C GLU D 14 34.34 51.27 1.24
N LEU D 15 33.03 51.43 1.00
CA LEU D 15 32.06 50.47 1.49
C LEU D 15 32.28 49.10 0.85
N LYS D 16 32.50 49.09 -0.46
CA LYS D 16 32.75 47.83 -1.16
C LYS D 16 34.03 47.16 -0.68
N ASN D 17 35.06 47.97 -0.36
CA ASN D 17 36.31 47.41 0.12
C ASN D 17 36.11 46.65 1.43
N ALA D 18 35.40 47.25 2.38
CA ALA D 18 35.15 46.58 3.65
C ALA D 18 34.33 45.31 3.45
N ALA D 19 33.34 45.36 2.56
CA ALA D 19 32.53 44.18 2.28
C ALA D 19 33.37 43.04 1.72
N GLN D 20 34.35 43.36 0.87
CA GLN D 20 35.21 42.34 0.29
C GLN D 20 36.19 41.78 1.31
N ARG D 21 36.68 42.60 2.23
CA ARG D 21 37.58 42.09 3.28
C ARG D 21 36.85 41.09 4.17
N ALA D 22 35.58 41.35 4.49
CA ALA D 22 34.85 40.41 5.33
C ALA D 22 34.50 39.14 4.56
N ALA D 23 34.16 39.28 3.27
CA ALA D 23 33.90 38.11 2.46
C ALA D 23 35.15 37.25 2.32
N ASP D 24 36.31 37.89 2.10
CA ASP D 24 37.57 37.14 2.08
C ASP D 24 37.81 36.43 3.40
N TRP D 25 37.55 37.13 4.52
CA TRP D 25 37.69 36.53 5.84
C TRP D 25 36.83 35.28 5.98
N LEU D 26 35.58 35.36 5.52
CA LEU D 26 34.68 34.20 5.60
C LEU D 26 35.18 33.05 4.72
N VAL D 27 35.55 33.35 3.47
CA VAL D 27 35.98 32.31 2.54
C VAL D 27 37.24 31.63 3.05
N GLU D 28 38.17 32.41 3.61
CA GLU D 28 39.41 31.85 4.12
C GLU D 28 39.17 30.81 5.20
N ARG D 29 38.08 30.96 5.95
CA ARG D 29 37.76 30.07 7.06
C ARG D 29 36.58 29.15 6.78
N GLN D 30 36.13 29.07 5.53
CA GLN D 30 35.03 28.20 5.20
C GLN D 30 35.41 26.74 5.42
N ARG D 31 34.45 25.95 5.87
CA ARG D 31 34.68 24.54 6.16
C ARG D 31 34.61 23.72 4.88
N PRO D 32 35.26 22.54 4.87
CA PRO D 32 35.23 21.70 3.66
C PRO D 32 33.83 21.34 3.18
N ASN D 33 32.85 21.25 4.06
CA ASN D 33 31.50 20.90 3.64
C ASN D 33 30.71 22.11 3.17
N GLY D 34 31.25 23.33 3.28
CA GLY D 34 30.58 24.54 2.85
C GLY D 34 30.10 25.41 3.99
N ALA D 35 30.05 24.88 5.21
CA ALA D 35 29.57 25.65 6.35
C ALA D 35 30.52 26.79 6.67
N LEU D 36 29.96 27.92 7.10
CA LEU D 36 30.74 29.06 7.51
C LEU D 36 31.30 28.82 8.92
N PRO D 37 32.43 29.45 9.26
CA PRO D 37 33.11 29.10 10.52
C PRO D 37 32.35 29.55 11.77
N SER D 38 31.32 28.79 12.16
CA SER D 38 30.54 29.11 13.35
C SER D 38 30.93 28.19 14.50
N ARG D 39 30.92 28.73 15.72
CA ARG D 39 31.23 27.92 16.88
C ARG D 39 30.11 26.95 17.25
N THR D 40 28.90 27.18 16.75
CA THR D 40 27.80 26.24 16.86
C THR D 40 27.23 26.00 15.46
N ALA D 41 26.88 24.74 15.18
CA ALA D 41 26.38 24.35 13.87
C ALA D 41 24.87 24.56 13.85
N VAL D 42 24.46 25.77 13.45
CA VAL D 42 23.04 26.13 13.40
C VAL D 42 22.79 26.95 12.13
N ILE D 43 21.58 26.81 11.59
CA ILE D 43 21.27 27.48 10.32
C ILE D 43 21.30 28.99 10.47
N GLU D 44 21.04 29.51 11.67
CA GLU D 44 21.05 30.95 11.88
C GLU D 44 22.45 31.55 11.87
N SER D 45 23.49 30.74 11.62
CA SER D 45 24.85 31.26 11.53
C SER D 45 25.31 31.49 10.09
N CYS D 46 24.61 30.92 9.10
CA CYS D 46 25.09 31.00 7.72
C CYS D 46 23.95 31.17 6.71
N TYR D 47 22.75 31.53 7.16
CA TYR D 47 21.62 31.65 6.24
C TYR D 47 21.79 32.80 5.26
N LYS D 48 22.55 33.84 5.62
CA LYS D 48 22.86 34.89 4.66
C LYS D 48 24.10 34.60 3.82
N GLY D 49 24.69 33.41 3.96
CA GLY D 49 25.99 33.16 3.35
C GLY D 49 25.95 33.06 1.84
N MET D 50 24.96 32.34 1.29
CA MET D 50 24.86 32.21 -0.16
C MET D 50 24.76 33.56 -0.84
N TRP D 51 23.81 34.38 -0.41
CA TRP D 51 23.62 35.69 -1.02
C TRP D 51 24.86 36.57 -0.85
N ALA D 52 25.38 36.64 0.37
CA ALA D 52 26.49 37.55 0.68
C ALA D 52 27.72 37.23 -0.15
N LEU D 53 28.16 35.97 -0.12
CA LEU D 53 29.36 35.59 -0.84
C LEU D 53 29.18 35.68 -2.35
N HIS D 54 27.94 35.63 -2.83
CA HIS D 54 27.70 35.81 -4.26
C HIS D 54 27.96 37.26 -4.68
N THR D 55 27.43 38.22 -3.93
CA THR D 55 27.62 39.63 -4.25
C THR D 55 29.08 40.04 -4.17
N ALA D 56 29.90 39.27 -3.46
CA ALA D 56 31.32 39.52 -3.34
C ALA D 56 32.13 38.81 -4.42
N GLY D 57 31.47 38.14 -5.35
CA GLY D 57 32.14 37.41 -6.39
C GLY D 57 32.67 36.05 -5.99
N HIS D 58 32.53 35.67 -4.72
CA HIS D 58 32.97 34.36 -4.25
C HIS D 58 31.89 33.32 -4.53
N THR D 59 31.73 33.04 -5.84
CA THR D 59 30.64 32.17 -6.28
C THR D 59 30.90 30.70 -5.92
N GLN D 60 32.15 30.26 -5.93
CA GLN D 60 32.42 28.88 -5.54
C GLN D 60 32.23 28.69 -4.04
N ALA D 61 32.55 29.71 -3.25
CA ALA D 61 32.27 29.67 -1.82
C ALA D 61 30.77 29.73 -1.58
N ALA D 62 30.08 30.64 -2.28
CA ALA D 62 28.63 30.73 -2.15
C ALA D 62 27.94 29.44 -2.58
N SER D 63 28.40 28.86 -3.69
CA SER D 63 27.86 27.57 -4.12
C SER D 63 28.16 26.48 -3.11
N ALA D 64 29.28 26.59 -2.38
CA ALA D 64 29.59 25.62 -1.34
C ALA D 64 28.64 25.74 -0.16
N VAL D 65 28.22 26.96 0.18
CA VAL D 65 27.19 27.14 1.19
C VAL D 65 25.87 26.52 0.72
N ALA D 66 25.59 26.62 -0.58
CA ALA D 66 24.40 25.97 -1.13
C ALA D 66 24.49 24.45 -0.97
N ASP D 67 25.68 23.87 -1.15
CA ASP D 67 25.83 22.44 -0.94
C ASP D 67 25.53 22.08 0.51
N TYR D 68 26.01 22.89 1.46
CA TYR D 68 25.70 22.67 2.86
C TYR D 68 24.20 22.81 3.12
N VAL D 69 23.62 23.92 2.65
CA VAL D 69 22.19 24.16 2.83
C VAL D 69 21.36 23.04 2.22
N THR D 70 21.76 22.57 1.03
CA THR D 70 21.00 21.51 0.35
C THR D 70 20.96 20.24 1.19
N SER D 71 22.08 19.87 1.82
CA SER D 71 22.14 18.66 2.63
C SER D 71 21.29 18.75 3.89
N LEU D 72 20.88 19.95 4.30
CA LEU D 72 19.97 20.11 5.44
C LEU D 72 18.52 20.25 5.02
N LEU D 73 18.23 20.32 3.71
CA LEU D 73 16.89 20.58 3.24
C LEU D 73 15.99 19.37 3.43
N GLN D 74 14.76 19.62 3.87
CA GLN D 74 13.77 18.58 4.10
C GLN D 74 12.81 18.48 2.92
N PRO D 75 12.10 17.36 2.78
CA PRO D 75 11.19 17.23 1.63
C PRO D 75 10.14 18.32 1.53
N ASP D 76 9.74 18.94 2.64
CA ASP D 76 8.76 20.01 2.57
C ASP D 76 9.35 21.35 2.16
N GLY D 77 10.68 21.45 2.02
CA GLY D 77 11.33 22.69 1.63
C GLY D 77 11.79 23.55 2.77
N ASP D 78 11.66 23.10 4.01
CA ASP D 78 12.10 23.86 5.18
C ASP D 78 13.40 23.28 5.71
N ILE D 79 14.12 24.10 6.47
CA ILE D 79 15.25 23.63 7.25
C ILE D 79 14.92 23.84 8.72
N PRO D 80 14.15 22.92 9.33
CA PRO D 80 13.74 23.12 10.72
C PRO D 80 14.85 22.91 11.72
N GLN D 81 15.90 22.17 11.35
CA GLN D 81 17.03 21.90 12.21
C GLN D 81 18.30 21.99 11.39
N PRO D 82 19.42 22.40 12.01
CA PRO D 82 19.60 22.75 13.43
C PRO D 82 19.27 24.21 13.74
N ARG D 83 18.37 24.44 14.70
CA ARG D 83 18.03 25.77 15.16
C ARG D 83 18.10 25.81 16.68
N GLU D 84 18.69 26.87 17.22
CA GLU D 84 18.81 27.02 18.66
C GLU D 84 18.33 28.37 19.17
N GLU D 85 18.57 29.45 18.42
CA GLU D 85 18.17 30.78 18.86
C GLU D 85 16.65 30.93 18.80
N ARG D 86 16.07 31.43 19.89
CA ARG D 86 14.62 31.54 20.02
C ARG D 86 14.02 32.45 18.96
N TYR D 87 14.75 33.50 18.55
CA TYR D 87 14.22 34.41 17.55
C TYR D 87 13.98 33.71 16.22
N PHE D 88 14.71 32.63 15.95
CA PHE D 88 14.50 31.85 14.74
C PHE D 88 13.54 30.68 14.96
N LEU D 89 12.77 30.71 16.05
CA LEU D 89 11.74 29.70 16.31
C LEU D 89 10.40 30.34 16.59
N ASP D 90 10.36 31.36 17.45
CA ASP D 90 9.13 32.01 17.88
C ASP D 90 8.88 33.34 17.22
N VAL D 91 9.94 34.11 16.93
CA VAL D 91 9.78 35.52 16.61
C VAL D 91 9.71 35.75 15.11
N HIS D 92 10.75 35.31 14.39
CA HIS D 92 10.75 35.32 12.92
C HIS D 92 11.47 34.06 12.43
N TYR D 93 10.74 32.95 12.44
CA TYR D 93 11.25 31.66 12.00
C TYR D 93 11.69 31.72 10.53
N LEU D 94 10.90 32.34 9.67
CA LEU D 94 11.18 32.45 8.24
C LEU D 94 12.30 33.43 7.91
N TYR D 95 12.89 34.10 8.91
CA TYR D 95 13.99 35.01 8.64
C TYR D 95 15.17 34.28 8.01
N ALA D 96 15.44 33.05 8.47
CA ALA D 96 16.48 32.24 7.84
C ALA D 96 16.07 31.80 6.45
N ASN D 97 14.84 31.30 6.29
CA ASN D 97 14.39 30.80 5.00
C ASN D 97 14.40 31.89 3.93
N GLY D 98 14.14 33.14 4.32
CA GLY D 98 14.05 34.21 3.33
C GLY D 98 15.38 34.51 2.67
N TYR D 99 16.44 34.65 3.47
CA TYR D 99 17.77 34.87 2.91
C TYR D 99 18.25 33.64 2.15
N LEU D 100 17.93 32.44 2.64
CA LEU D 100 18.26 31.21 1.93
C LEU D 100 17.62 31.18 0.55
N THR D 101 16.36 31.62 0.47
CA THR D 101 15.67 31.62 -0.82
C THR D 101 16.32 32.59 -1.80
N ILE D 102 16.59 33.82 -1.34
CA ILE D 102 17.22 34.81 -2.21
C ILE D 102 18.56 34.31 -2.71
N GLY D 103 19.43 33.90 -1.78
CA GLY D 103 20.76 33.46 -2.16
C GLY D 103 20.72 32.27 -3.11
N ALA D 104 19.78 31.35 -2.89
CA ALA D 104 19.65 30.19 -3.76
C ALA D 104 19.24 30.60 -5.17
N HIS D 105 18.34 31.58 -5.29
CA HIS D 105 17.81 31.93 -6.60
C HIS D 105 18.82 32.70 -7.42
N VAL D 106 19.54 33.65 -6.81
CA VAL D 106 20.55 34.40 -7.55
C VAL D 106 21.70 33.51 -7.99
N LEU D 107 22.00 32.46 -7.20
CA LEU D 107 23.01 31.48 -7.59
C LEU D 107 22.57 30.60 -8.74
N GLY D 108 21.29 30.57 -9.08
CA GLY D 108 20.81 29.64 -10.08
C GLY D 108 20.44 28.28 -9.55
N ARG D 109 20.46 28.09 -8.23
CA ARG D 109 20.01 26.85 -7.59
C ARG D 109 18.48 26.85 -7.55
N PHE D 110 17.89 26.70 -8.73
CA PHE D 110 16.45 26.91 -8.89
C PHE D 110 15.64 25.85 -8.18
N GLY D 111 16.16 24.63 -8.06
CA GLY D 111 15.45 23.61 -7.31
C GLY D 111 15.44 23.90 -5.82
N LEU D 112 16.59 24.29 -5.28
CA LEU D 112 16.65 24.71 -3.88
C LEU D 112 15.78 25.95 -3.66
N SER D 113 15.82 26.91 -4.56
CA SER D 113 15.04 28.14 -4.37
C SER D 113 13.54 27.87 -4.52
N ARG D 114 13.16 26.97 -5.43
CA ARG D 114 11.74 26.64 -5.57
C ARG D 114 11.21 25.96 -4.30
N LYS D 115 11.96 24.99 -3.77
CA LYS D 115 11.49 24.26 -2.60
C LYS D 115 11.46 25.15 -1.36
N LEU D 116 12.44 26.03 -1.22
CA LEU D 116 12.45 26.96 -0.08
C LEU D 116 11.32 27.95 -0.18
N MET D 117 11.15 28.60 -1.34
CA MET D 117 10.07 29.57 -1.51
C MET D 117 8.71 28.89 -1.42
N SER D 118 8.59 27.64 -1.89
CA SER D 118 7.32 26.93 -1.79
C SER D 118 6.93 26.71 -0.34
N PHE D 119 7.88 26.30 0.50
CA PHE D 119 7.57 26.14 1.93
C PHE D 119 7.21 27.47 2.56
N VAL D 120 7.93 28.54 2.19
CA VAL D 120 7.65 29.87 2.75
C VAL D 120 6.19 30.24 2.50
N GLU D 121 5.66 29.89 1.34
CA GLU D 121 4.28 30.26 1.01
C GLU D 121 3.25 29.44 1.77
N THR D 122 3.63 28.27 2.28
CA THR D 122 2.71 27.53 3.15
C THR D 122 2.50 28.22 4.49
N MET D 123 3.38 29.16 4.85
CA MET D 123 3.26 29.93 6.08
C MET D 123 2.58 31.27 5.87
N ARG D 124 2.15 31.59 4.65
CA ARG D 124 1.47 32.85 4.40
C ARG D 124 0.02 32.78 4.89
N ASN D 125 -0.42 33.81 5.59
CA ASN D 125 -1.81 33.94 6.01
C ASN D 125 -2.63 34.42 4.82
N PRO D 126 -3.51 33.58 4.27
CA PRO D 126 -4.21 33.98 3.04
C PRO D 126 -5.14 35.16 3.24
N ALA D 127 -5.60 35.39 4.47
CA ALA D 127 -6.57 36.45 4.69
C ALA D 127 -5.91 37.79 4.94
N THR D 128 -4.67 37.79 5.46
CA THR D 128 -3.97 39.02 5.80
C THR D 128 -2.72 39.29 4.98
N GLY D 129 -2.15 38.28 4.32
CA GLY D 129 -0.91 38.49 3.61
C GLY D 129 0.34 38.38 4.46
N GLY D 130 0.20 38.28 5.78
CA GLY D 130 1.35 38.10 6.64
C GLY D 130 1.86 36.68 6.64
N PHE D 131 3.05 36.51 7.21
CA PHE D 131 3.72 35.22 7.29
C PHE D 131 3.93 34.86 8.76
N ARG D 132 3.54 33.64 9.13
CA ARG D 132 3.51 33.26 10.53
C ARG D 132 4.90 33.31 11.15
N SER D 133 4.95 33.73 12.42
CA SER D 133 6.21 33.97 13.10
C SER D 133 6.88 32.69 13.59
N HIS D 134 6.13 31.62 13.81
CA HIS D 134 6.66 30.40 14.40
C HIS D 134 6.54 29.24 13.42
N GLY D 135 7.54 28.35 13.45
CA GLY D 135 7.63 27.27 12.50
C GLY D 135 6.65 26.15 12.80
N PRO D 136 6.63 25.16 11.90
CA PRO D 136 5.62 24.09 12.00
C PRO D 136 5.77 23.22 13.24
N ALA D 137 6.99 23.00 13.72
CA ALA D 137 7.22 22.22 14.92
C ALA D 137 7.19 23.05 16.20
N ILE D 138 6.93 24.35 16.08
CA ILE D 138 6.98 25.28 17.20
C ILE D 138 5.56 25.68 17.56
N PRO D 139 5.11 25.48 18.79
CA PRO D 139 3.75 25.92 19.16
C PRO D 139 3.64 27.42 19.12
N GLY D 140 2.48 27.90 18.67
CA GLY D 140 2.24 29.33 18.57
C GLY D 140 0.79 29.61 18.27
N ASP D 141 0.46 30.90 18.22
CA ASP D 141 -0.91 31.35 18.07
C ASP D 141 -1.24 31.83 16.66
N GLY D 142 -0.33 31.65 15.70
CA GLY D 142 -0.60 32.07 14.33
C GLY D 142 -0.28 33.52 14.05
N ARG D 143 0.44 34.19 14.94
CA ARG D 143 0.81 35.58 14.73
C ARG D 143 1.73 35.72 13.52
N CYS D 144 1.69 36.90 12.89
CA CYS D 144 2.57 37.23 11.78
C CYS D 144 3.24 38.56 12.07
N ASP D 145 4.54 38.64 11.81
CA ASP D 145 5.32 39.83 12.12
C ASP D 145 5.83 40.50 10.84
N SER D 146 6.29 41.74 11.01
CA SER D 146 6.73 42.52 9.87
C SER D 146 8.03 41.99 9.26
N VAL D 147 8.87 41.34 10.06
CA VAL D 147 10.14 40.85 9.56
C VAL D 147 9.94 39.59 8.73
N SER D 148 9.15 38.64 9.24
CA SER D 148 8.85 37.43 8.47
C SER D 148 8.11 37.79 7.19
N THR D 149 7.22 38.79 7.25
CA THR D 149 6.45 39.18 6.07
C THR D 149 7.32 39.91 5.05
N SER D 150 8.19 40.83 5.52
CA SER D 150 9.01 41.59 4.59
C SER D 150 10.09 40.73 3.95
N ILE D 151 10.70 39.81 4.71
CA ILE D 151 11.74 38.98 4.15
C ILE D 151 11.15 37.94 3.20
N SER D 152 9.92 37.50 3.45
CA SER D 152 9.26 36.58 2.55
C SER D 152 8.77 37.28 1.29
N GLY D 153 8.34 38.54 1.40
CA GLY D 153 7.99 39.30 0.21
C GLY D 153 9.21 39.61 -0.64
N LEU D 154 10.36 39.85 0.01
CA LEU D 154 11.59 40.08 -0.73
C LEU D 154 12.02 38.81 -1.47
N ALA D 155 11.95 37.67 -0.80
CA ALA D 155 12.22 36.40 -1.49
C ALA D 155 11.22 36.17 -2.60
N ALA D 156 9.96 36.54 -2.38
CA ALA D 156 8.95 36.43 -3.43
C ALA D 156 9.31 37.30 -4.63
N LEU D 157 9.88 38.49 -4.38
CA LEU D 157 10.30 39.36 -5.47
C LEU D 157 11.43 38.73 -6.29
N TYR D 158 12.44 38.19 -5.60
CA TYR D 158 13.56 37.59 -6.32
C TYR D 158 13.13 36.34 -7.08
N THR D 159 12.17 35.58 -6.54
CA THR D 159 11.68 34.39 -7.19
C THR D 159 10.53 34.68 -8.16
N GLY D 160 10.16 35.95 -8.34
CA GLY D 160 9.14 36.30 -9.31
C GLY D 160 7.71 36.00 -8.89
N ARG D 161 7.45 35.77 -7.60
CA ARG D 161 6.09 35.57 -7.12
C ARG D 161 5.54 36.91 -6.65
N VAL D 162 5.18 37.74 -7.63
CA VAL D 162 4.91 39.15 -7.36
C VAL D 162 3.60 39.32 -6.59
N ASP D 163 2.61 38.46 -6.86
CA ASP D 163 1.35 38.51 -6.13
C ASP D 163 1.58 38.28 -4.63
N THR D 164 2.40 37.29 -4.30
CA THR D 164 2.77 37.04 -2.90
C THR D 164 3.40 38.28 -2.28
N ALA D 165 4.30 38.93 -3.03
CA ALA D 165 4.95 40.13 -2.52
C ALA D 165 3.94 41.26 -2.33
N ARG D 166 3.06 41.47 -3.31
CA ARG D 166 2.03 42.49 -3.16
C ARG D 166 1.13 42.18 -1.97
N SER D 167 0.83 40.90 -1.76
CA SER D 167 0.04 40.52 -0.59
C SER D 167 0.81 40.79 0.70
N ALA D 168 2.13 40.62 0.66
CA ALA D 168 2.94 40.90 1.86
C ALA D 168 2.98 42.39 2.15
N ALA D 169 2.98 43.23 1.12
CA ALA D 169 2.88 44.67 1.33
C ALA D 169 1.52 45.07 1.89
N ASP D 170 0.45 44.41 1.45
CA ASP D 170 -0.87 44.69 2.00
C ASP D 170 -0.88 44.48 3.52
N PHE D 171 -0.21 43.42 3.99
CA PHE D 171 -0.12 43.18 5.42
C PHE D 171 0.61 44.32 6.12
N LEU D 172 1.74 44.75 5.54
CA LEU D 172 2.51 45.83 6.15
C LEU D 172 1.74 47.14 6.12
N GLY D 173 0.94 47.37 5.08
CA GLY D 173 0.12 48.57 5.04
C GLY D 173 -0.90 48.61 6.15
N SER D 174 -1.66 47.51 6.31
CA SER D 174 -2.64 47.45 7.39
C SER D 174 -1.98 47.44 8.76
N LEU D 175 -0.75 46.90 8.85
CA LEU D 175 -0.01 46.97 10.10
C LEU D 175 0.40 48.40 10.42
N TRP D 176 0.67 49.20 9.40
CA TRP D 176 1.08 50.59 9.62
C TRP D 176 -0.11 51.49 9.95
N VAL D 177 -1.22 51.32 9.22
CA VAL D 177 -2.40 52.14 9.47
C VAL D 177 -3.01 51.81 10.83
N GLY D 178 -2.91 50.56 11.26
CA GLY D 178 -3.50 50.11 12.50
C GLY D 178 -2.67 50.33 13.76
N GLN D 179 -1.60 51.08 13.68
CA GLN D 179 -0.78 51.35 14.87
C GLN D 179 -1.56 52.23 15.85
N PRO D 180 -1.77 51.77 17.09
CA PRO D 180 -2.54 52.59 18.05
C PRO D 180 -1.76 53.80 18.57
N ASP D 181 -0.43 53.71 18.66
CA ASP D 181 0.39 54.77 19.24
C ASP D 181 1.78 54.69 18.60
N ARG D 182 1.86 55.08 17.32
CA ARG D 182 3.07 54.88 16.55
C ARG D 182 4.23 55.74 17.06
N LYS D 183 3.95 56.91 17.61
CA LYS D 183 5.01 57.77 18.12
C LYS D 183 5.62 57.27 19.41
N ASN D 184 5.00 56.29 20.06
CA ASN D 184 5.55 55.67 21.26
C ASN D 184 6.05 54.26 21.03
N VAL D 185 5.25 53.42 20.38
CA VAL D 185 5.56 52.01 20.19
C VAL D 185 5.24 51.63 18.75
N PHE D 186 6.11 50.84 18.12
CA PHE D 186 5.80 50.20 16.85
C PHE D 186 5.52 48.74 17.14
N HIS D 187 4.24 48.36 17.10
CA HIS D 187 3.86 46.97 17.28
C HIS D 187 4.03 46.26 15.94
N ALA D 188 5.03 45.38 15.86
CA ALA D 188 5.42 44.75 14.61
C ALA D 188 4.70 43.42 14.37
N VAL D 189 3.74 43.06 15.22
CA VAL D 189 3.08 41.76 15.15
C VAL D 189 1.58 41.96 14.99
N ALA D 190 0.95 41.05 14.25
CA ALA D 190 -0.50 40.99 14.12
C ALA D 190 -0.95 39.56 14.38
N ASP D 191 -2.20 39.41 14.82
CA ASP D 191 -2.73 38.07 15.06
C ASP D 191 -3.18 37.44 13.74
N ALA D 192 -3.72 36.22 13.83
CA ALA D 192 -4.11 35.48 12.63
C ALA D 192 -5.24 36.17 11.88
N SER D 193 -5.99 37.04 12.53
CA SER D 193 -7.09 37.75 11.89
C SER D 193 -6.67 39.10 11.33
N GLY D 194 -5.42 39.50 11.52
CA GLY D 194 -4.93 40.77 11.00
C GLY D 194 -4.98 41.94 11.95
N ALA D 195 -5.42 41.74 13.19
CA ALA D 195 -5.45 42.81 14.17
C ALA D 195 -4.08 42.99 14.81
N VAL D 196 -3.70 44.25 15.02
CA VAL D 196 -2.40 44.56 15.62
C VAL D 196 -2.35 43.99 17.03
N LEU D 197 -1.28 43.25 17.32
CA LEU D 197 -1.09 42.62 18.62
C LEU D 197 -0.27 43.54 19.51
N THR D 198 -0.85 43.96 20.63
CA THR D 198 -0.23 44.97 21.49
C THR D 198 0.21 44.42 22.83
N SER D 199 0.12 43.10 23.03
CA SER D 199 0.52 42.50 24.29
C SER D 199 2.04 42.63 24.48
N ASP D 200 2.47 42.48 25.74
CA ASP D 200 3.90 42.52 26.02
C ASP D 200 4.62 41.29 25.51
N ASP D 201 3.88 40.22 25.18
CA ASP D 201 4.49 39.03 24.62
C ASP D 201 4.88 39.19 23.16
N ALA D 202 4.34 40.18 22.47
CA ALA D 202 4.61 40.41 21.06
C ALA D 202 5.73 41.42 20.87
N VAL D 203 6.45 41.27 19.76
CA VAL D 203 7.59 42.14 19.49
C VAL D 203 7.11 43.57 19.28
N ALA D 204 7.66 44.49 20.05
CA ALA D 204 7.34 45.90 19.95
C ALA D 204 8.63 46.71 19.99
N VAL D 205 8.70 47.74 19.17
CA VAL D 205 9.87 48.61 19.11
C VAL D 205 9.59 49.86 19.94
N GLN D 206 10.35 50.05 21.01
CA GLN D 206 10.29 51.27 21.81
C GLN D 206 11.02 52.35 21.02
N VAL D 207 10.26 53.10 20.22
CA VAL D 207 10.87 54.08 19.32
C VAL D 207 11.38 55.31 20.03
N ARG D 208 11.01 55.51 21.29
CA ARG D 208 11.54 56.62 22.09
C ARG D 208 12.75 56.21 22.92
N LYS D 209 13.21 54.97 22.79
CA LYS D 209 14.35 54.48 23.56
C LYS D 209 15.38 53.89 22.61
N ALA D 210 16.60 53.71 23.13
CA ALA D 210 17.71 53.17 22.35
C ALA D 210 17.91 51.71 22.70
N GLU D 211 16.93 50.90 22.31
CA GLU D 211 16.89 49.48 22.68
C GLU D 211 16.70 48.57 21.48
N GLY D 212 17.12 49.01 20.29
CA GLY D 212 17.27 48.10 19.16
C GLY D 212 15.94 47.67 18.53
N ASP D 213 15.98 46.51 17.87
CA ASP D 213 14.83 45.93 17.17
C ASP D 213 14.35 46.81 16.02
N TRP D 214 15.17 47.78 15.58
CA TRP D 214 14.76 48.70 14.53
C TRP D 214 14.54 48.02 13.18
N TYR D 215 15.15 46.85 12.94
CA TYR D 215 14.97 46.19 11.65
C TYR D 215 13.54 45.73 11.43
N PHE D 216 12.74 45.61 12.50
CA PHE D 216 11.31 45.38 12.35
C PHE D 216 10.62 46.53 11.63
N ILE D 217 11.28 47.68 11.52
CA ILE D 217 10.79 48.80 10.72
C ILE D 217 11.59 48.95 9.44
N GLY D 218 12.91 48.77 9.51
CA GLY D 218 13.76 49.04 8.36
C GLY D 218 13.68 47.98 7.28
N LEU D 219 13.48 46.72 7.67
CA LEU D 219 13.36 45.67 6.68
C LEU D 219 12.06 45.82 5.89
N PRO D 220 10.92 46.14 6.52
CA PRO D 220 9.76 46.52 5.70
C PRO D 220 10.04 47.70 4.78
N ALA D 221 10.82 48.69 5.24
CA ALA D 221 11.17 49.81 4.38
C ALA D 221 11.98 49.37 3.18
N PHE D 222 12.92 48.43 3.38
CA PHE D 222 13.69 47.88 2.26
C PHE D 222 12.78 47.15 1.28
N PHE D 223 11.99 46.19 1.78
CA PHE D 223 11.15 45.38 0.90
C PHE D 223 10.15 46.24 0.14
N LEU D 224 9.52 47.21 0.82
CA LEU D 224 8.53 48.03 0.15
C LEU D 224 9.15 48.90 -0.93
N THR D 225 10.40 49.34 -0.75
CA THR D 225 11.07 50.09 -1.80
C THR D 225 11.39 49.21 -2.99
N ALA D 226 11.87 47.98 -2.73
CA ALA D 226 12.15 47.04 -3.80
C ALA D 226 10.88 46.65 -4.54
N LEU D 227 9.77 46.52 -3.81
CA LEU D 227 8.49 46.24 -4.46
C LEU D 227 8.01 47.42 -5.30
N TYR D 228 8.28 48.65 -4.85
CA TYR D 228 7.94 49.80 -5.69
C TYR D 228 8.77 49.81 -6.97
N GLU D 229 10.05 49.44 -6.86
CA GLU D 229 10.89 49.35 -8.05
C GLU D 229 10.33 48.33 -9.02
N ALA D 230 9.83 47.20 -8.50
CA ALA D 230 9.32 46.13 -9.36
C ALA D 230 8.02 46.51 -10.05
N THR D 231 7.16 47.26 -9.36
CA THR D 231 5.80 47.50 -9.85
C THR D 231 5.52 48.95 -10.21
N GLU D 232 6.26 49.92 -9.67
CA GLU D 232 5.95 51.34 -9.79
C GLU D 232 4.56 51.68 -9.26
N ASP D 233 4.00 50.81 -8.41
CA ASP D 233 2.80 51.14 -7.67
C ASP D 233 3.16 52.14 -6.59
N ARG D 234 2.71 53.39 -6.74
CA ARG D 234 3.11 54.47 -5.85
C ARG D 234 2.74 54.21 -4.39
N ALA D 235 1.75 53.37 -4.13
CA ALA D 235 1.36 53.06 -2.76
C ALA D 235 2.52 52.46 -1.97
N TYR D 236 3.41 51.71 -2.63
CA TYR D 236 4.53 51.11 -1.93
C TYR D 236 5.63 52.12 -1.65
N LEU D 237 5.85 53.06 -2.57
CA LEU D 237 6.80 54.13 -2.32
C LEU D 237 6.35 55.02 -1.18
N ASP D 238 5.07 55.38 -1.14
CA ASP D 238 4.55 56.23 -0.07
C ASP D 238 4.72 55.56 1.29
N LEU D 239 4.41 54.26 1.37
CA LEU D 239 4.57 53.56 2.63
C LEU D 239 6.05 53.44 3.00
N ALA D 240 6.91 53.17 2.01
CA ALA D 240 8.33 53.06 2.30
C ALA D 240 8.91 54.38 2.76
N THR D 241 8.45 55.50 2.19
CA THR D 241 8.92 56.82 2.61
C THR D 241 8.30 57.24 3.94
N ASP D 242 7.10 56.75 4.25
CA ASP D 242 6.52 57.00 5.57
C ASP D 242 7.36 56.33 6.65
N LEU D 243 7.76 55.08 6.43
CA LEU D 243 8.57 54.38 7.42
C LEU D 243 9.93 55.03 7.60
N MET D 244 10.50 55.57 6.52
CA MET D 244 11.80 56.21 6.60
C MET D 244 11.72 57.53 7.37
N THR D 245 10.74 58.38 7.02
CA THR D 245 10.48 59.57 7.83
C THR D 245 10.19 59.21 9.27
N TYR D 246 9.46 58.10 9.48
CA TYR D 246 9.16 57.63 10.82
C TYR D 246 10.43 57.35 11.61
N MET D 247 11.38 56.61 11.01
CA MET D 247 12.63 56.33 11.69
C MET D 247 13.51 57.58 11.80
N ASP D 248 13.42 58.49 10.82
CA ASP D 248 14.27 59.66 10.82
C ASP D 248 13.83 60.67 11.89
N GLU D 249 12.54 61.01 11.90
CA GLU D 249 12.02 62.03 12.80
C GLU D 249 11.55 61.44 14.13
N ASP D 250 10.61 60.50 14.08
CA ASP D 250 9.93 60.05 15.29
C ASP D 250 10.80 59.13 16.13
N CYS D 251 11.56 58.25 15.49
CA CYS D 251 12.31 57.24 16.23
C CYS D 251 13.57 57.82 16.83
N ASP D 252 14.01 57.20 17.94
CA ASP D 252 15.26 57.58 18.57
C ASP D 252 16.41 57.47 17.57
N GLU D 253 17.44 58.29 17.79
CA GLU D 253 18.61 58.29 16.90
C GLU D 253 19.27 56.92 16.82
N ASP D 254 18.98 56.03 17.78
CA ASP D 254 19.48 54.67 17.73
C ASP D 254 18.96 53.90 16.52
N ALA D 255 17.90 54.40 15.88
CA ALA D 255 17.35 53.71 14.70
C ALA D 255 18.37 53.65 13.57
N PHE D 256 19.28 54.63 13.51
CA PHE D 256 20.36 54.65 12.52
C PHE D 256 21.72 54.39 13.15
N VAL D 257 21.76 53.78 14.34
CA VAL D 257 23.01 53.56 15.06
C VAL D 257 23.10 52.11 15.50
N ASP D 258 21.97 51.54 15.93
CA ASP D 258 21.94 50.16 16.40
C ASP D 258 22.43 49.23 15.31
N SER D 259 22.87 48.04 15.73
CA SER D 259 23.44 47.07 14.80
C SER D 259 22.46 46.65 13.70
N SER D 260 21.16 46.79 13.93
CA SER D 260 20.15 46.43 12.95
C SER D 260 19.75 47.58 12.05
N CYS D 261 20.51 48.68 12.05
CA CYS D 261 20.21 49.83 11.20
C CYS D 261 20.58 49.61 9.75
N GLY D 262 21.23 48.49 9.42
CA GLY D 262 21.66 48.22 8.07
C GLY D 262 20.52 48.12 7.07
N ALA D 264 17.67 49.83 7.19
CA ALA D 264 17.27 51.19 6.90
C ALA D 264 18.28 51.89 5.98
N GLY D 265 19.56 51.53 6.13
CA GLY D 265 20.57 52.10 5.25
C GLY D 265 20.44 51.61 3.83
N VAL D 266 20.26 50.30 3.65
CA VAL D 266 20.05 49.75 2.31
C VAL D 266 18.78 50.33 1.70
N ALA D 267 17.74 50.52 2.51
CA ALA D 267 16.50 51.10 2.04
C ALA D 267 16.71 52.55 1.58
N ALA D 268 17.52 53.32 2.32
CA ALA D 268 17.77 54.71 1.93
C ALA D 268 18.58 54.80 0.65
N ALA D 269 19.61 53.97 0.51
CA ALA D 269 20.41 53.99 -0.72
C ALA D 269 19.55 53.65 -1.93
N LEU D 270 18.71 52.62 -1.80
CA LEU D 270 17.79 52.27 -2.87
C LEU D 270 16.81 53.40 -3.14
N LEU D 271 16.31 54.04 -2.07
CA LEU D 271 15.39 55.15 -2.23
C LEU D 271 16.07 56.34 -2.91
N TYR D 272 17.36 56.53 -2.64
CA TYR D 272 18.09 57.63 -3.27
C TYR D 272 18.17 57.43 -4.78
N ARG D 273 18.52 56.22 -5.23
CA ARG D 273 18.62 55.97 -6.66
C ARG D 273 17.28 56.14 -7.36
N LEU D 274 16.18 55.79 -6.68
CA LEU D 274 14.87 55.87 -7.31
C LEU D 274 14.30 57.28 -7.29
N THR D 275 14.48 58.01 -6.20
CA THR D 275 13.86 59.33 -6.04
C THR D 275 14.84 60.48 -6.20
N GLY D 276 16.09 60.30 -5.79
CA GLY D 276 17.07 61.37 -5.84
C GLY D 276 17.08 62.29 -4.64
N ARG D 277 16.30 62.00 -3.61
CA ARG D 277 16.27 62.82 -2.40
C ARG D 277 17.63 62.81 -1.73
N PRO D 278 18.27 63.96 -1.56
CA PRO D 278 19.59 63.98 -0.90
C PRO D 278 19.58 63.40 0.50
N ARG D 279 18.48 63.54 1.24
CA ARG D 279 18.44 63.01 2.60
C ARG D 279 18.62 61.50 2.62
N TYR D 280 18.03 60.79 1.65
CA TYR D 280 18.21 59.36 1.59
C TYR D 280 19.67 58.98 1.32
N ARG D 281 20.38 59.79 0.52
CA ARG D 281 21.80 59.54 0.31
C ARG D 281 22.60 59.78 1.59
N GLU D 282 22.24 60.82 2.34
CA GLU D 282 22.95 61.12 3.59
C GLU D 282 22.72 60.03 4.62
N ILE D 283 21.49 59.52 4.72
CA ILE D 283 21.20 58.45 5.66
C ILE D 283 21.98 57.19 5.30
N ALA D 284 21.99 56.83 4.01
CA ALA D 284 22.72 55.64 3.57
C ALA D 284 24.23 55.82 3.75
N GLU D 285 24.76 57.00 3.45
CA GLU D 285 26.20 57.23 3.64
C GLU D 285 26.57 57.12 5.11
N GLY D 286 25.77 57.74 5.99
CA GLY D 286 26.09 57.69 7.40
C GLY D 286 26.04 56.30 7.98
N ILE D 287 25.02 55.52 7.60
CA ILE D 287 24.91 54.16 8.10
C ILE D 287 26.04 53.29 7.55
N GLY D 288 26.31 53.40 6.24
CA GLY D 288 27.41 52.64 5.66
C GLY D 288 28.75 52.97 6.29
N THR D 289 28.99 54.26 6.55
CA THR D 289 30.23 54.67 7.21
C THR D 289 30.28 54.12 8.63
N LEU D 290 29.14 54.07 9.32
CA LEU D 290 29.10 53.54 10.68
C LEU D 290 29.52 52.08 10.71
N LEU D 291 28.96 51.26 9.81
CA LEU D 291 29.32 49.85 9.78
C LEU D 291 30.80 49.67 9.44
N CYS D 292 31.31 50.51 8.54
CA CYS D 292 32.72 50.40 8.13
C CYS D 292 33.66 50.58 9.32
N GLU D 293 33.46 51.66 10.09
CA GLU D 293 34.36 51.93 11.20
C GLU D 293 34.18 50.94 12.34
N ARG D 294 33.06 50.23 12.38
CA ARG D 294 32.86 49.18 13.37
C ARG D 294 33.53 47.88 12.98
N GLN D 295 33.99 47.75 11.73
CA GLN D 295 34.57 46.50 11.27
C GLN D 295 35.87 46.21 12.01
N SER D 296 36.05 44.96 12.42
CA SER D 296 37.34 44.56 12.98
C SER D 296 38.42 44.75 11.94
N PRO D 297 39.62 45.20 12.34
CA PRO D 297 40.71 45.32 11.37
C PRO D 297 41.07 44.00 10.70
N TYR D 298 40.66 42.86 11.26
CA TYR D 298 40.86 41.57 10.64
C TYR D 298 39.80 41.23 9.60
N GLY D 299 38.68 41.94 9.58
CA GLY D 299 37.69 41.74 8.54
C GLY D 299 36.28 41.46 9.04
N TYR D 300 36.16 40.73 10.13
CA TYR D 300 34.85 40.33 10.62
C TYR D 300 34.20 41.47 11.42
N TRP D 301 32.96 41.23 11.84
CA TRP D 301 32.26 42.07 12.79
C TRP D 301 31.92 41.24 14.02
N SER D 302 32.16 41.81 15.20
CA SER D 302 31.86 41.14 16.46
C SER D 302 31.62 42.19 17.52
N GLU D 303 30.67 41.92 18.41
CA GLU D 303 30.39 42.83 19.51
C GLU D 303 31.45 42.77 20.61
N GLU D 304 32.20 41.67 20.71
CA GLU D 304 33.15 41.54 21.81
C GLU D 304 34.52 41.03 21.37
N GLU D 305 34.56 40.16 20.37
CA GLU D 305 35.82 39.53 19.96
C GLU D 305 36.74 40.55 19.30
N THR D 306 38.04 40.43 19.58
CA THR D 306 39.03 41.39 19.08
C THR D 306 40.27 40.76 18.47
N GLY D 307 40.48 39.45 18.61
CA GLY D 307 41.70 38.83 18.14
C GLY D 307 41.58 38.28 16.73
N ASP D 308 42.66 37.65 16.28
CA ASP D 308 42.71 37.00 14.98
C ASP D 308 42.14 35.57 15.08
N VAL D 309 40.87 35.50 15.45
CA VAL D 309 40.22 34.24 15.73
C VAL D 309 39.96 33.46 14.44
N ALA D 310 39.66 32.18 14.57
CA ALA D 310 39.36 31.31 13.44
C ALA D 310 37.88 31.07 13.23
N ASP D 311 37.04 31.45 14.19
CA ASP D 311 35.60 31.29 14.07
C ASP D 311 34.94 32.31 14.98
N LEU D 312 33.62 32.40 14.87
CA LEU D 312 32.85 33.36 15.66
C LEU D 312 31.62 32.67 16.23
N PHE D 313 31.03 33.31 17.23
CA PHE D 313 29.70 32.90 17.66
C PHE D 313 28.72 33.13 16.51
N TRP D 314 27.64 32.34 16.50
CA TRP D 314 26.72 32.35 15.37
C TRP D 314 26.24 33.76 15.04
N GLY D 315 26.03 34.59 16.05
CA GLY D 315 25.52 35.94 15.81
C GLY D 315 26.54 36.87 15.21
N ASP D 316 27.81 36.74 15.61
CA ASP D 316 28.86 37.50 14.97
C ASP D 316 29.08 37.05 13.54
N LEU D 317 29.03 35.74 13.30
CA LEU D 317 29.17 35.22 11.94
C LEU D 317 28.03 35.73 11.06
N ASP D 318 26.79 35.63 11.56
CA ASP D 318 25.64 36.10 10.79
C ASP D 318 25.75 37.59 10.50
N MET D 319 26.15 38.38 11.50
CA MET D 319 26.33 39.82 11.29
C MET D 319 27.45 40.12 10.30
N THR D 320 28.50 39.28 10.27
CA THR D 320 29.59 39.52 9.34
C THR D 320 29.14 39.36 7.90
N ALA D 321 28.44 38.25 7.60
CA ALA D 321 27.89 38.06 6.27
C ALA D 321 26.82 39.09 5.97
N GLU D 322 26.08 39.52 6.98
CA GLU D 322 25.01 40.50 6.78
C GLU D 322 25.58 41.84 6.31
N TYR D 323 26.63 42.32 6.96
CA TYR D 323 27.22 43.59 6.59
C TYR D 323 27.94 43.53 5.24
N VAL D 324 28.37 42.34 4.82
CA VAL D 324 28.84 42.18 3.45
C VAL D 324 27.73 42.55 2.48
N LEU D 325 26.51 42.09 2.76
CA LEU D 325 25.36 42.40 1.90
C LEU D 325 25.00 43.87 1.97
N TRP D 326 24.86 44.41 3.19
CA TRP D 326 24.40 45.79 3.33
C TRP D 326 25.40 46.77 2.75
N LEU D 327 26.70 46.56 3.00
CA LEU D 327 27.70 47.47 2.44
C LEU D 327 27.72 47.40 0.92
N ASP D 328 27.50 46.21 0.36
CA ASP D 328 27.48 46.08 -1.09
C ASP D 328 26.24 46.75 -1.68
N LEU D 329 25.06 46.52 -1.07
CA LEU D 329 23.84 47.11 -1.59
C LEU D 329 23.83 48.62 -1.45
N ILE D 330 24.35 49.14 -0.34
CA ILE D 330 24.41 50.59 -0.13
C ILE D 330 25.35 51.24 -1.14
N GLY D 331 26.60 50.76 -1.20
CA GLY D 331 27.55 51.32 -2.13
C GLY D 331 27.11 51.19 -3.58
N ARG D 332 26.42 50.09 -3.90
CA ARG D 332 25.95 49.88 -5.27
C ARG D 332 24.87 50.87 -5.65
N ASN D 333 23.90 51.13 -4.76
CA ASN D 333 22.82 52.05 -5.09
C ASN D 333 23.23 53.50 -4.90
N LEU D 334 24.20 53.78 -4.02
CA LEU D 334 24.73 55.13 -3.92
C LEU D 334 25.51 55.52 -5.17
N ALA D 335 26.30 54.59 -5.71
CA ALA D 335 27.07 54.89 -6.92
C ALA D 335 26.15 55.13 -8.11
N SER D 336 25.14 54.27 -8.28
CA SER D 336 24.21 54.47 -9.39
C SER D 336 23.33 55.68 -9.17
N GLY D 337 22.97 55.96 -7.91
CA GLY D 337 22.20 57.17 -7.62
C GLY D 337 22.97 58.43 -7.98
N GLU D 338 24.27 58.45 -7.73
CA GLU D 338 25.08 59.61 -8.08
C GLU D 338 25.13 59.82 -9.59
N ARG D 339 25.23 58.73 -10.36
CA ARG D 339 25.29 58.86 -11.81
C ARG D 339 23.93 59.29 -12.38
N VAL D 340 22.84 58.75 -11.82
CA VAL D 340 21.51 59.08 -12.32
C VAL D 340 21.14 60.52 -12.01
N TRP D 341 21.42 60.96 -10.78
CA TRP D 341 21.10 62.33 -10.37
C TRP D 341 22.36 63.19 -10.28
N ALA D 342 23.19 63.16 -11.33
CA ALA D 342 24.47 63.85 -11.30
C ALA D 342 24.37 65.34 -11.60
N GLY D 343 23.29 65.77 -12.26
CA GLY D 343 23.14 67.16 -12.67
C GLY D 343 22.26 67.95 -11.72
N LYS D 344 21.89 69.14 -12.18
CA LYS D 344 21.09 70.07 -11.39
C LYS D 344 19.73 70.31 -12.04
N ASN E 10 29.04 -6.62 27.07
CA ASN E 10 29.27 -7.37 25.84
C ASN E 10 29.24 -6.48 24.62
N SER E 11 30.08 -6.78 23.64
CA SER E 11 30.10 -6.06 22.38
C SER E 11 28.96 -6.57 21.48
N PRO E 12 28.67 -5.87 20.38
CA PRO E 12 27.70 -6.40 19.43
C PRO E 12 28.04 -7.79 18.90
N HIS E 13 29.33 -8.08 18.74
CA HIS E 13 29.72 -9.43 18.33
C HIS E 13 29.21 -10.47 19.33
N GLU E 14 29.29 -10.17 20.62
CA GLU E 14 28.94 -11.13 21.65
C GLU E 14 27.43 -11.28 21.82
N LEU E 15 26.67 -10.20 21.61
CA LEU E 15 25.21 -10.31 21.62
C LEU E 15 24.74 -11.18 20.47
N LYS E 16 25.37 -11.05 19.30
CA LYS E 16 25.02 -11.88 18.16
C LYS E 16 25.39 -13.34 18.40
N ASN E 17 26.55 -13.59 19.02
CA ASN E 17 26.94 -14.97 19.33
C ASN E 17 25.93 -15.63 20.26
N ALA E 18 25.42 -14.88 21.24
CA ALA E 18 24.40 -15.43 22.13
C ALA E 18 23.11 -15.73 21.38
N ALA E 19 22.77 -14.90 20.38
CA ALA E 19 21.60 -15.17 19.56
C ALA E 19 21.79 -16.43 18.74
N GLN E 20 22.95 -16.57 18.10
CA GLN E 20 23.20 -17.75 17.26
C GLN E 20 23.14 -19.03 18.06
N ARG E 21 23.56 -18.99 19.34
CA ARG E 21 23.54 -20.20 20.14
C ARG E 21 22.11 -20.59 20.52
N ALA E 22 21.26 -19.58 20.77
CA ALA E 22 19.86 -19.86 21.06
C ALA E 22 19.15 -20.40 19.82
N ALA E 23 19.42 -19.81 18.66
CA ALA E 23 18.84 -20.32 17.42
C ALA E 23 19.34 -21.73 17.11
N ASP E 24 20.63 -21.98 17.32
CA ASP E 24 21.15 -23.33 17.15
C ASP E 24 20.42 -24.31 18.05
N TRP E 25 20.18 -23.91 19.30
CA TRP E 25 19.47 -24.77 20.24
C TRP E 25 18.05 -25.07 19.74
N LEU E 26 17.36 -24.05 19.21
CA LEU E 26 16.02 -24.26 18.68
C LEU E 26 16.02 -25.19 17.47
N VAL E 27 17.02 -25.05 16.60
CA VAL E 27 17.00 -25.77 15.33
C VAL E 27 17.26 -27.26 15.53
N GLU E 28 18.14 -27.60 16.48
CA GLU E 28 18.45 -29.00 16.71
C GLU E 28 17.25 -29.78 17.24
N ARG E 29 16.31 -29.09 17.89
CA ARG E 29 15.17 -29.74 18.52
C ARG E 29 13.86 -29.50 17.78
N GLN E 30 13.91 -28.90 16.59
CA GLN E 30 12.69 -28.63 15.84
C GLN E 30 12.03 -29.93 15.40
N ARG E 31 10.71 -30.00 15.53
CA ARG E 31 9.96 -31.19 15.18
C ARG E 31 9.85 -31.33 13.66
N PRO E 32 9.60 -32.55 13.18
CA PRO E 32 9.47 -32.74 11.72
C PRO E 32 8.41 -31.88 11.06
N ASN E 33 7.35 -31.50 11.77
CA ASN E 33 6.32 -30.68 11.16
C ASN E 33 6.68 -29.19 11.15
N GLY E 34 7.84 -28.83 11.66
CA GLY E 34 8.28 -27.45 11.73
C GLY E 34 8.05 -26.76 13.06
N ALA E 35 7.30 -27.38 13.96
CA ALA E 35 7.02 -26.76 15.26
C ALA E 35 8.28 -26.75 16.12
N LEU E 36 8.41 -25.70 16.92
CA LEU E 36 9.52 -25.56 17.84
C LEU E 36 9.30 -26.42 19.09
N PRO E 37 10.39 -26.81 19.78
CA PRO E 37 10.26 -27.79 20.87
C PRO E 37 9.52 -27.27 22.09
N SER E 38 8.20 -27.14 21.98
CA SER E 38 7.36 -26.73 23.11
C SER E 38 6.67 -27.95 23.70
N ARG E 39 6.48 -27.93 25.02
CA ARG E 39 5.80 -29.01 25.69
C ARG E 39 4.30 -28.99 25.46
N THR E 40 3.74 -27.84 25.11
CA THR E 40 2.35 -27.70 24.71
C THR E 40 2.30 -27.13 23.29
N ALA E 41 1.49 -27.76 22.44
CA ALA E 41 1.32 -27.31 21.06
C ALA E 41 0.37 -26.13 21.04
N VAL E 42 0.94 -24.92 21.16
CA VAL E 42 0.16 -23.70 21.15
C VAL E 42 0.91 -22.66 20.31
N ILE E 43 0.13 -21.77 19.68
CA ILE E 43 0.73 -20.78 18.79
C ILE E 43 1.59 -19.80 19.57
N GLU E 44 1.29 -19.57 20.86
CA GLU E 44 2.07 -18.62 21.64
C GLU E 44 3.46 -19.14 22.00
N SER E 45 3.78 -20.37 21.63
CA SER E 45 5.11 -20.92 21.90
C SER E 45 6.09 -20.70 20.75
N CYS E 46 5.60 -20.35 19.55
CA CYS E 46 6.48 -20.28 18.40
C CYS E 46 6.12 -19.16 17.43
N TYR E 47 5.32 -18.17 17.86
CA TYR E 47 4.90 -17.14 16.92
C TYR E 47 6.07 -16.26 16.48
N LYS E 48 7.10 -16.12 17.31
CA LYS E 48 8.30 -15.39 16.93
C LYS E 48 9.30 -16.25 16.17
N GLY E 49 8.93 -17.49 15.85
CA GLY E 49 9.90 -18.42 15.29
C GLY E 49 10.37 -18.04 13.89
N MET E 50 9.43 -17.70 13.01
CA MET E 50 9.81 -17.35 11.64
C MET E 50 10.78 -16.18 11.61
N TRP E 51 10.45 -15.11 12.33
CA TRP E 51 11.30 -13.92 12.32
C TRP E 51 12.65 -14.21 12.97
N ALA E 52 12.64 -14.86 14.14
CA ALA E 52 13.88 -15.08 14.88
C ALA E 52 14.82 -16.03 14.15
N LEU E 53 14.30 -17.13 13.61
CA LEU E 53 15.18 -18.07 12.92
C LEU E 53 15.71 -17.51 11.62
N HIS E 54 14.94 -16.63 10.95
CA HIS E 54 15.41 -16.04 9.71
C HIS E 54 16.56 -15.08 9.95
N THR E 55 16.45 -14.22 10.96
CA THR E 55 17.52 -13.29 11.28
C THR E 55 18.79 -14.01 11.74
N ALA E 56 18.67 -15.22 12.28
CA ALA E 56 19.84 -16.01 12.65
C ALA E 56 20.43 -16.79 11.49
N GLY E 57 19.79 -16.76 10.32
CA GLY E 57 20.28 -17.47 9.16
C GLY E 57 19.77 -18.89 8.99
N HIS E 58 18.94 -19.38 9.92
CA HIS E 58 18.37 -20.71 9.81
C HIS E 58 17.08 -20.64 8.96
N THR E 59 17.28 -20.34 7.67
CA THR E 59 16.16 -20.07 6.78
C THR E 59 15.34 -21.32 6.51
N GLN E 60 15.96 -22.50 6.51
CA GLN E 60 15.18 -23.72 6.33
C GLN E 60 14.36 -24.04 7.57
N ALA E 61 14.90 -23.79 8.75
CA ALA E 61 14.11 -23.97 9.96
C ALA E 61 13.01 -22.91 10.05
N ALA E 62 13.30 -21.69 9.59
CA ALA E 62 12.28 -20.66 9.56
C ALA E 62 11.18 -20.97 8.55
N SER E 63 11.55 -21.52 7.39
CA SER E 63 10.56 -21.97 6.44
C SER E 63 9.72 -23.12 7.01
N ALA E 64 10.34 -23.96 7.82
CA ALA E 64 9.59 -25.06 8.45
C ALA E 64 8.54 -24.52 9.41
N VAL E 65 8.89 -23.49 10.18
CA VAL E 65 7.90 -22.83 11.04
C VAL E 65 6.79 -22.24 10.18
N ALA E 66 7.14 -21.69 9.01
CA ALA E 66 6.11 -21.15 8.12
C ALA E 66 5.16 -22.22 7.63
N ASP E 67 5.67 -23.42 7.34
CA ASP E 67 4.81 -24.51 6.91
C ASP E 67 3.85 -24.90 8.02
N TYR E 68 4.37 -25.02 9.25
CA TYR E 68 3.52 -25.36 10.39
C TYR E 68 2.47 -24.28 10.63
N VAL E 69 2.87 -23.00 10.55
CA VAL E 69 1.92 -21.91 10.70
C VAL E 69 0.89 -21.94 9.58
N THR E 70 1.33 -22.18 8.34
CA THR E 70 0.41 -22.21 7.22
C THR E 70 -0.65 -23.31 7.39
N SER E 71 -0.25 -24.45 7.96
CA SER E 71 -1.21 -25.53 8.18
C SER E 71 -2.26 -25.19 9.24
N LEU E 72 -2.01 -24.16 10.05
CA LEU E 72 -2.96 -23.71 11.06
C LEU E 72 -3.85 -22.57 10.58
N LEU E 73 -3.53 -21.95 9.45
CA LEU E 73 -4.19 -20.71 9.06
C LEU E 73 -5.63 -20.95 8.64
N GLN E 74 -6.54 -20.16 9.21
CA GLN E 74 -7.95 -20.23 8.86
C GLN E 74 -8.24 -19.38 7.63
N PRO E 75 -9.37 -19.62 6.96
CA PRO E 75 -9.65 -18.88 5.71
C PRO E 75 -9.66 -17.37 5.87
N ASP E 76 -9.99 -16.86 7.05
CA ASP E 76 -10.02 -15.42 7.28
C ASP E 76 -8.65 -14.84 7.61
N GLY E 77 -7.61 -15.67 7.72
CA GLY E 77 -6.27 -15.20 7.99
C GLY E 77 -5.88 -15.18 9.45
N ASP E 78 -6.73 -15.70 10.34
CA ASP E 78 -6.43 -15.78 11.76
C ASP E 78 -5.91 -17.18 12.10
N ILE E 79 -5.30 -17.28 13.28
CA ILE E 79 -4.99 -18.57 13.88
C ILE E 79 -5.59 -18.56 15.29
N PRO E 80 -6.88 -18.82 15.43
CA PRO E 80 -7.49 -18.79 16.77
C PRO E 80 -7.12 -19.98 17.62
N GLN E 81 -6.66 -21.08 17.02
CA GLN E 81 -6.25 -22.27 17.73
C GLN E 81 -4.98 -22.81 17.10
N PRO E 82 -4.10 -23.43 17.90
CA PRO E 82 -4.21 -23.66 19.35
C PRO E 82 -3.79 -22.46 20.18
N ARG E 83 -4.64 -22.06 21.14
CA ARG E 83 -4.33 -20.99 22.08
C ARG E 83 -4.76 -21.42 23.48
N GLU E 84 -3.93 -21.14 24.47
CA GLU E 84 -4.23 -21.48 25.86
C GLU E 84 -3.99 -20.32 26.81
N GLU E 85 -2.93 -19.54 26.60
CA GLU E 85 -2.60 -18.46 27.51
C GLU E 85 -3.63 -17.33 27.39
N ARG E 86 -4.18 -16.90 28.55
CA ARG E 86 -5.21 -15.88 28.56
C ARG E 86 -4.73 -14.58 27.92
N TYR E 87 -3.43 -14.27 28.03
CA TYR E 87 -2.92 -13.04 27.46
C TYR E 87 -3.05 -13.01 25.95
N PHE E 88 -3.01 -14.17 25.31
CA PHE E 88 -3.21 -14.28 23.87
C PHE E 88 -4.68 -14.53 23.52
N LEU E 89 -5.59 -14.28 24.45
CA LEU E 89 -7.02 -14.43 24.20
C LEU E 89 -7.76 -13.10 24.34
N ASP E 90 -7.63 -12.40 25.48
CA ASP E 90 -8.35 -11.16 25.69
C ASP E 90 -7.50 -10.05 26.28
N VAL E 91 -6.17 -10.21 26.34
CA VAL E 91 -5.28 -9.14 26.77
C VAL E 91 -4.64 -8.51 25.55
N HIS E 92 -3.83 -9.28 24.81
CA HIS E 92 -3.33 -8.86 23.50
C HIS E 92 -3.40 -10.08 22.58
N TYR E 93 -4.59 -10.28 22.01
CA TYR E 93 -4.83 -11.42 21.13
C TYR E 93 -3.93 -11.34 19.89
N LEU E 94 -3.83 -10.16 19.29
CA LEU E 94 -3.06 -9.97 18.07
C LEU E 94 -1.55 -10.00 18.27
N TYR E 95 -1.07 -10.14 19.51
CA TYR E 95 0.37 -10.20 19.73
C TYR E 95 1.00 -11.36 18.98
N ALA E 96 0.32 -12.50 18.94
CA ALA E 96 0.84 -13.64 18.17
C ALA E 96 0.79 -13.35 16.67
N ASN E 97 -0.34 -12.80 16.19
CA ASN E 97 -0.48 -12.55 14.77
C ASN E 97 0.54 -11.55 14.27
N GLY E 98 0.90 -10.58 15.10
CA GLY E 98 1.84 -9.56 14.67
C GLY E 98 3.20 -10.10 14.30
N TYR E 99 3.76 -10.96 15.16
CA TYR E 99 5.05 -11.56 14.84
C TYR E 99 4.95 -12.54 13.68
N LEU E 100 3.82 -13.25 13.56
CA LEU E 100 3.62 -14.15 12.43
C LEU E 100 3.63 -13.38 11.12
N THR E 101 2.98 -12.22 11.09
CA THR E 101 2.96 -11.40 9.88
C THR E 101 4.37 -10.97 9.49
N ILE E 102 5.13 -10.45 10.45
CA ILE E 102 6.49 -9.99 10.18
C ILE E 102 7.37 -11.14 9.71
N GLY E 103 7.34 -12.26 10.45
CA GLY E 103 8.17 -13.40 10.07
C GLY E 103 7.82 -13.97 8.71
N ALA E 104 6.53 -14.01 8.38
CA ALA E 104 6.14 -14.52 7.07
C ALA E 104 6.61 -13.59 5.96
N HIS E 105 6.57 -12.28 6.20
CA HIS E 105 6.85 -11.33 5.13
C HIS E 105 8.33 -11.26 4.81
N VAL E 106 9.19 -11.23 5.83
CA VAL E 106 10.63 -11.19 5.60
C VAL E 106 11.10 -12.47 4.92
N LEU E 107 10.38 -13.58 5.12
CA LEU E 107 10.69 -14.84 4.45
C LEU E 107 10.25 -14.87 3.00
N GLY E 108 9.45 -13.92 2.55
CA GLY E 108 8.88 -13.99 1.22
C GLY E 108 7.65 -14.87 1.10
N ARG E 109 7.07 -15.31 2.21
CA ARG E 109 5.79 -16.02 2.19
C ARG E 109 4.69 -14.96 2.10
N PHE E 110 4.51 -14.45 0.89
CA PHE E 110 3.65 -13.27 0.70
C PHE E 110 2.18 -13.62 0.83
N GLY E 111 1.79 -14.84 0.46
CA GLY E 111 0.41 -15.26 0.67
C GLY E 111 0.07 -15.38 2.15
N LEU E 112 0.99 -15.95 2.93
CA LEU E 112 0.78 -16.06 4.37
C LEU E 112 0.75 -14.68 5.02
N SER E 113 1.63 -13.78 4.61
CA SER E 113 1.70 -12.47 5.27
C SER E 113 0.53 -11.58 4.86
N ARG E 114 0.08 -11.67 3.60
CA ARG E 114 -1.09 -10.89 3.20
C ARG E 114 -2.33 -11.33 3.96
N LYS E 115 -2.53 -12.64 4.11
CA LYS E 115 -3.71 -13.13 4.82
C LYS E 115 -3.64 -12.80 6.30
N LEU E 116 -2.47 -12.96 6.92
CA LEU E 116 -2.32 -12.61 8.33
C LEU E 116 -2.56 -11.12 8.55
N MET E 117 -2.02 -10.28 7.67
CA MET E 117 -2.18 -8.84 7.84
C MET E 117 -3.61 -8.41 7.57
N SER E 118 -4.29 -9.07 6.62
CA SER E 118 -5.68 -8.74 6.32
C SER E 118 -6.55 -8.92 7.55
N PHE E 119 -6.37 -10.04 8.27
CA PHE E 119 -7.17 -10.26 9.46
C PHE E 119 -6.85 -9.23 10.54
N VAL E 120 -5.56 -8.95 10.75
CA VAL E 120 -5.15 -7.99 11.77
C VAL E 120 -5.85 -6.65 11.54
N GLU E 121 -6.03 -6.26 10.29
CA GLU E 121 -6.64 -4.99 9.97
C GLU E 121 -8.15 -4.98 10.17
N THR E 122 -8.81 -6.14 10.15
CA THR E 122 -10.22 -6.18 10.51
C THR E 122 -10.43 -5.93 11.99
N MET E 123 -9.40 -6.14 12.80
CA MET E 123 -9.43 -5.88 14.23
C MET E 123 -9.10 -4.43 14.58
N ARG E 124 -8.79 -3.59 13.59
CA ARG E 124 -8.51 -2.19 13.85
C ARG E 124 -9.81 -1.44 14.13
N ASN E 125 -9.81 -0.64 15.19
CA ASN E 125 -10.90 0.29 15.47
C ASN E 125 -10.70 1.52 14.60
N PRO E 126 -11.56 1.73 13.60
CA PRO E 126 -11.30 2.85 12.67
C PRO E 126 -11.44 4.22 13.29
N ALA E 127 -12.13 4.35 14.43
CA ALA E 127 -12.30 5.65 15.06
C ALA E 127 -11.08 6.05 15.89
N THR E 128 -10.38 5.08 16.46
CA THR E 128 -9.27 5.37 17.38
C THR E 128 -7.92 4.95 16.85
N GLY E 129 -7.85 4.10 15.84
CA GLY E 129 -6.60 3.56 15.37
C GLY E 129 -6.06 2.40 16.17
N GLY E 130 -6.71 2.04 17.29
CA GLY E 130 -6.28 0.91 18.07
C GLY E 130 -6.80 -0.41 17.55
N PHE E 131 -6.20 -1.48 18.04
CA PHE E 131 -6.56 -2.83 17.63
C PHE E 131 -7.15 -3.58 18.81
N ARG E 132 -8.23 -4.32 18.55
CA ARG E 132 -9.01 -4.92 19.62
C ARG E 132 -8.18 -5.93 20.40
N SER E 133 -8.32 -5.89 21.73
CA SER E 133 -7.51 -6.72 22.61
C SER E 133 -7.95 -8.17 22.63
N HIS E 134 -9.24 -8.44 22.44
CA HIS E 134 -9.78 -9.79 22.47
C HIS E 134 -10.16 -10.24 21.06
N GLY E 135 -9.88 -11.51 20.75
CA GLY E 135 -10.12 -12.02 19.43
C GLY E 135 -11.58 -12.32 19.18
N PRO E 136 -11.87 -12.82 17.97
CA PRO E 136 -13.25 -13.17 17.62
C PRO E 136 -13.78 -14.26 18.54
N ALA E 137 -15.03 -14.09 18.97
CA ALA E 137 -15.75 -14.99 19.86
C ALA E 137 -15.13 -15.04 21.26
N ILE E 138 -14.14 -14.21 21.55
CA ILE E 138 -13.62 -14.08 22.91
C ILE E 138 -14.46 -13.00 23.60
N PRO E 139 -14.99 -13.25 24.80
CA PRO E 139 -15.77 -12.22 25.48
C PRO E 139 -14.96 -10.95 25.69
N GLY E 140 -15.56 -9.81 25.39
CA GLY E 140 -14.88 -8.53 25.51
C GLY E 140 -15.81 -7.40 25.15
N ASP E 141 -15.31 -6.18 25.34
CA ASP E 141 -16.10 -4.97 25.17
C ASP E 141 -15.56 -4.06 24.06
N GLY E 142 -14.63 -4.54 23.24
CA GLY E 142 -14.06 -3.73 22.19
C GLY E 142 -12.86 -2.90 22.61
N ARG E 143 -12.28 -3.18 23.77
CA ARG E 143 -11.12 -2.42 24.22
C ARG E 143 -9.92 -2.67 23.32
N CYS E 144 -9.01 -1.70 23.30
CA CYS E 144 -7.78 -1.76 22.52
C CYS E 144 -6.62 -1.42 23.42
N ASP E 145 -5.52 -2.16 23.29
CA ASP E 145 -4.36 -1.98 24.15
C ASP E 145 -3.14 -1.57 23.33
N SER E 146 -2.13 -1.06 24.04
CA SER E 146 -0.94 -0.54 23.38
C SER E 146 -0.07 -1.63 22.78
N VAL E 147 -0.17 -2.86 23.27
CA VAL E 147 0.66 -3.95 22.73
C VAL E 147 0.06 -4.48 21.43
N SER E 148 -1.26 -4.76 21.44
CA SER E 148 -1.93 -5.17 20.20
C SER E 148 -1.76 -4.12 19.11
N THR E 149 -1.79 -2.85 19.49
CA THR E 149 -1.68 -1.76 18.51
C THR E 149 -0.24 -1.62 18.00
N SER E 150 0.74 -1.77 18.90
CA SER E 150 2.13 -1.56 18.50
C SER E 150 2.64 -2.68 17.62
N ILE E 151 2.32 -3.94 17.96
CA ILE E 151 2.80 -5.03 17.13
C ILE E 151 2.05 -5.06 15.79
N SER E 152 0.79 -4.60 15.78
CA SER E 152 0.07 -4.52 14.52
C SER E 152 0.63 -3.40 13.64
N GLY E 153 0.96 -2.25 14.25
CA GLY E 153 1.60 -1.19 13.50
C GLY E 153 2.95 -1.61 12.95
N LEU E 154 3.71 -2.38 13.73
CA LEU E 154 5.00 -2.86 13.25
C LEU E 154 4.84 -3.83 12.09
N ALA E 155 3.85 -4.73 12.19
CA ALA E 155 3.56 -5.62 11.07
C ALA E 155 3.11 -4.84 9.84
N ALA E 156 2.40 -3.73 10.05
CA ALA E 156 1.98 -2.90 8.92
C ALA E 156 3.19 -2.25 8.25
N LEU E 157 4.17 -1.82 9.03
CA LEU E 157 5.40 -1.27 8.46
C LEU E 157 6.11 -2.32 7.61
N TYR E 158 6.23 -3.54 8.13
CA TYR E 158 6.92 -4.59 7.40
C TYR E 158 6.18 -4.99 6.13
N THR E 159 4.85 -4.95 6.15
CA THR E 159 4.06 -5.23 4.96
C THR E 159 3.80 -4.00 4.10
N GLY E 160 4.29 -2.84 4.52
CA GLY E 160 4.17 -1.64 3.71
C GLY E 160 2.82 -0.97 3.77
N ARG E 161 2.01 -1.25 4.79
CA ARG E 161 0.72 -0.58 4.96
C ARG E 161 0.93 0.56 5.95
N VAL E 162 1.54 1.63 5.46
CA VAL E 162 2.00 2.71 6.33
C VAL E 162 0.83 3.51 6.89
N ASP E 163 -0.27 3.61 6.15
CA ASP E 163 -1.45 4.30 6.66
C ASP E 163 -1.99 3.62 7.91
N THR E 164 -1.96 2.28 7.94
CA THR E 164 -2.36 1.55 9.14
C THR E 164 -1.40 1.83 10.29
N ALA E 165 -0.09 1.86 10.01
CA ALA E 165 0.88 2.14 11.06
C ALA E 165 0.72 3.56 11.59
N ARG E 166 0.53 4.54 10.70
CA ARG E 166 0.27 5.90 11.14
C ARG E 166 -0.97 5.96 12.02
N SER E 167 -2.02 5.24 11.66
CA SER E 167 -3.23 5.22 12.47
C SER E 167 -2.97 4.57 13.82
N ALA E 168 -2.17 3.49 13.84
CA ALA E 168 -1.77 2.88 15.09
C ALA E 168 -0.98 3.87 15.95
N ALA E 169 -0.15 4.71 15.32
CA ALA E 169 0.59 5.73 16.04
C ALA E 169 -0.33 6.76 16.64
N ASP E 170 -1.40 7.15 15.93
CA ASP E 170 -2.36 8.09 16.46
C ASP E 170 -2.98 7.57 17.74
N PHE E 171 -3.30 6.27 17.78
CA PHE E 171 -3.83 5.67 18.99
C PHE E 171 -2.84 5.75 20.15
N LEU E 172 -1.56 5.50 19.87
CA LEU E 172 -0.56 5.54 20.94
C LEU E 172 -0.36 6.95 21.46
N GLY E 173 -0.35 7.94 20.56
CA GLY E 173 -0.23 9.32 20.99
C GLY E 173 -1.40 9.77 21.85
N SER E 174 -2.62 9.40 21.45
CA SER E 174 -3.79 9.77 22.24
C SER E 174 -3.81 9.03 23.57
N LEU E 175 -3.37 7.77 23.59
CA LEU E 175 -3.26 7.03 24.84
C LEU E 175 -2.24 7.68 25.77
N TRP E 176 -1.17 8.22 25.21
CA TRP E 176 -0.13 8.85 26.02
C TRP E 176 -0.62 10.18 26.61
N VAL E 177 -1.18 11.04 25.76
CA VAL E 177 -1.69 12.32 26.23
C VAL E 177 -2.82 12.14 27.23
N GLY E 178 -3.65 11.12 27.05
CA GLY E 178 -4.79 10.92 27.92
C GLY E 178 -4.54 10.22 29.23
N GLN E 179 -3.28 9.95 29.58
CA GLN E 179 -2.97 9.27 30.83
C GLN E 179 -3.41 10.12 32.01
N PRO E 180 -4.29 9.62 32.89
CA PRO E 180 -4.78 10.45 34.00
C PRO E 180 -3.79 10.59 35.16
N ASP E 181 -2.82 9.69 35.27
CA ASP E 181 -1.90 9.66 36.40
C ASP E 181 -0.61 8.96 35.99
N ARG E 182 0.06 9.48 34.96
CA ARG E 182 1.16 8.75 34.33
C ARG E 182 2.33 8.51 35.27
N LYS E 183 2.50 9.33 36.31
CA LYS E 183 3.61 9.14 37.23
C LYS E 183 3.41 7.98 38.18
N ASN E 184 2.17 7.53 38.37
CA ASN E 184 1.86 6.37 39.21
C ASN E 184 1.53 5.12 38.38
N VAL E 185 0.71 5.27 37.35
CA VAL E 185 0.21 4.13 36.58
C VAL E 185 0.21 4.49 35.10
N PHE E 186 0.60 3.54 34.26
CA PHE E 186 0.42 3.64 32.82
C PHE E 186 -0.74 2.73 32.44
N HIS E 187 -1.90 3.33 32.16
CA HIS E 187 -3.06 2.58 31.70
C HIS E 187 -2.88 2.30 30.21
N ALA E 188 -2.63 1.04 29.86
CA ALA E 188 -2.27 0.67 28.50
C ALA E 188 -3.47 0.36 27.62
N VAL E 189 -4.70 0.61 28.11
CA VAL E 189 -5.90 0.20 27.42
C VAL E 189 -6.84 1.39 27.27
N ALA E 190 -7.47 1.51 26.10
CA ALA E 190 -8.54 2.45 25.85
C ALA E 190 -9.79 1.68 25.44
N ASP E 191 -10.95 2.30 25.61
CA ASP E 191 -12.19 1.63 25.25
C ASP E 191 -12.49 1.89 23.78
N ALA E 192 -13.64 1.37 23.32
CA ALA E 192 -13.97 1.42 21.90
C ALA E 192 -14.11 2.86 21.39
N SER E 193 -14.42 3.81 22.27
CA SER E 193 -14.54 5.21 21.87
C SER E 193 -13.24 5.98 22.04
N GLY E 194 -12.18 5.33 22.52
CA GLY E 194 -10.87 5.95 22.62
C GLY E 194 -10.52 6.57 23.94
N ALA E 195 -11.40 6.46 24.95
CA ALA E 195 -11.10 6.98 26.27
C ALA E 195 -10.21 6.00 27.03
N VAL E 196 -9.21 6.54 27.73
CA VAL E 196 -8.30 5.69 28.50
C VAL E 196 -9.09 4.92 29.54
N LEU E 197 -8.87 3.61 29.59
CA LEU E 197 -9.64 2.71 30.43
C LEU E 197 -8.90 2.48 31.73
N THR E 198 -9.49 2.91 32.85
CA THR E 198 -8.88 2.80 34.17
C THR E 198 -9.54 1.72 35.02
N SER E 199 -10.33 0.84 34.41
CA SER E 199 -11.00 -0.21 35.14
C SER E 199 -9.99 -1.20 35.73
N ASP E 200 -10.44 -1.92 36.76
CA ASP E 200 -9.57 -2.89 37.41
C ASP E 200 -9.17 -4.03 36.47
N ASP E 201 -10.07 -4.41 35.55
CA ASP E 201 -9.79 -5.49 34.61
C ASP E 201 -9.00 -5.04 33.39
N ALA E 202 -8.58 -3.77 33.36
CA ALA E 202 -7.79 -3.25 32.26
C ALA E 202 -6.31 -3.25 32.63
N VAL E 203 -5.47 -3.58 31.66
CA VAL E 203 -4.03 -3.65 31.90
C VAL E 203 -3.52 -2.30 32.37
N ALA E 204 -2.78 -2.32 33.48
CA ALA E 204 -2.24 -1.10 34.07
C ALA E 204 -0.88 -1.42 34.68
N VAL E 205 0.14 -0.69 34.23
CA VAL E 205 1.51 -0.91 34.71
C VAL E 205 1.74 -0.02 35.94
N GLN E 206 2.19 -0.63 37.02
CA GLN E 206 2.62 0.11 38.21
C GLN E 206 4.05 0.58 37.97
N VAL E 207 4.20 1.83 37.54
CA VAL E 207 5.49 2.30 37.04
C VAL E 207 6.52 2.56 38.13
N ARG E 208 6.10 2.57 39.41
CA ARG E 208 7.04 2.73 40.51
C ARG E 208 7.23 1.45 41.30
N LYS E 209 6.80 0.31 40.75
CA LYS E 209 6.98 -0.98 41.37
C LYS E 209 7.66 -1.93 40.39
N ALA E 210 8.40 -2.89 40.94
CA ALA E 210 9.08 -3.90 40.12
C ALA E 210 8.13 -5.07 39.85
N GLU E 211 7.12 -4.79 39.02
CA GLU E 211 6.05 -5.76 38.77
C GLU E 211 5.86 -6.05 37.28
N GLY E 212 6.87 -5.81 36.46
CA GLY E 212 6.86 -6.25 35.07
C GLY E 212 5.89 -5.52 34.16
N ASP E 213 5.50 -6.21 33.09
CA ASP E 213 4.57 -5.70 32.09
C ASP E 213 5.07 -4.40 31.46
N TRP E 214 6.39 -4.21 31.43
CA TRP E 214 6.95 -2.97 30.90
C TRP E 214 6.84 -2.89 29.39
N TYR E 215 6.62 -4.00 28.71
CA TYR E 215 6.55 -3.98 27.25
C TYR E 215 5.29 -3.31 26.72
N PHE E 216 4.30 -3.04 27.59
CA PHE E 216 3.18 -2.20 27.18
C PHE E 216 3.60 -0.76 26.94
N ILE E 217 4.79 -0.40 27.40
CA ILE E 217 5.38 0.91 27.12
C ILE E 217 6.55 0.80 26.15
N GLY E 218 7.37 -0.26 26.29
CA GLY E 218 8.59 -0.35 25.50
C GLY E 218 8.36 -0.82 24.08
N LEU E 219 7.30 -1.58 23.83
CA LEU E 219 7.01 -2.01 22.47
C LEU E 219 6.42 -0.84 21.67
N PRO E 220 5.54 -0.01 22.25
CA PRO E 220 5.20 1.24 21.56
C PRO E 220 6.41 2.08 21.23
N ALA E 221 7.40 2.14 22.13
CA ALA E 221 8.61 2.92 21.85
C ALA E 221 9.38 2.35 20.67
N PHE E 222 9.51 1.02 20.62
CA PHE E 222 10.15 0.38 19.47
C PHE E 222 9.40 0.69 18.18
N PHE E 223 8.09 0.42 18.15
CA PHE E 223 7.32 0.63 16.93
C PHE E 223 7.38 2.08 16.47
N LEU E 224 7.23 3.02 17.41
CA LEU E 224 7.24 4.43 17.04
C LEU E 224 8.60 4.86 16.50
N THR E 225 9.68 4.28 17.02
CA THR E 225 10.99 4.57 16.47
C THR E 225 11.11 4.06 15.05
N ALA E 226 10.61 2.83 14.80
CA ALA E 226 10.66 2.30 13.44
C ALA E 226 9.78 3.10 12.50
N LEU E 227 8.64 3.58 13.00
CA LEU E 227 7.77 4.42 12.18
C LEU E 227 8.46 5.75 11.84
N TYR E 228 9.19 6.32 12.81
CA TYR E 228 9.96 7.52 12.51
C TYR E 228 11.02 7.23 11.47
N GLU E 229 11.72 6.10 11.58
CA GLU E 229 12.69 5.74 10.56
C GLU E 229 12.00 5.58 9.20
N ALA E 230 10.78 5.05 9.18
CA ALA E 230 10.07 4.86 7.92
C ALA E 230 9.59 6.17 7.31
N THR E 231 9.23 7.15 8.14
CA THR E 231 8.58 8.37 7.67
C THR E 231 9.39 9.64 7.90
N GLU E 232 10.29 9.65 8.89
CA GLU E 232 10.99 10.86 9.30
C GLU E 232 10.01 11.97 9.70
N ASP E 233 8.84 11.57 10.18
CA ASP E 233 7.89 12.48 10.80
C ASP E 233 8.30 12.67 12.26
N ARG E 234 8.71 13.89 12.60
CA ARG E 234 9.28 14.16 13.91
C ARG E 234 8.32 13.86 15.05
N ALA E 235 7.03 13.79 14.78
CA ALA E 235 6.06 13.51 15.83
C ALA E 235 6.28 12.11 16.41
N TYR E 236 6.66 11.15 15.57
CA TYR E 236 6.88 9.79 16.04
C TYR E 236 8.18 9.65 16.82
N LEU E 237 9.21 10.41 16.44
CA LEU E 237 10.45 10.43 17.21
C LEU E 237 10.24 11.09 18.57
N ASP E 238 9.51 12.21 18.60
CA ASP E 238 9.26 12.90 19.86
C ASP E 238 8.47 12.02 20.82
N LEU E 239 7.51 11.25 20.31
CA LEU E 239 6.74 10.37 21.18
C LEU E 239 7.58 9.19 21.64
N ALA E 240 8.38 8.61 20.74
CA ALA E 240 9.25 7.50 21.14
C ALA E 240 10.27 7.94 22.18
N THR E 241 10.81 9.15 22.03
CA THR E 241 11.77 9.65 23.02
C THR E 241 11.09 10.00 24.34
N ASP E 242 9.85 10.47 24.29
CA ASP E 242 9.10 10.72 25.53
C ASP E 242 8.82 9.42 26.27
N LEU E 243 8.65 8.31 25.55
CA LEU E 243 8.42 7.03 26.20
C LEU E 243 9.70 6.45 26.78
N MET E 244 10.83 6.63 26.09
CA MET E 244 12.11 6.18 26.62
C MET E 244 12.51 6.97 27.85
N THR E 245 12.34 8.29 27.81
CA THR E 245 12.60 9.12 28.98
C THR E 245 11.64 8.78 30.11
N TYR E 246 10.39 8.43 29.77
CA TYR E 246 9.43 8.01 30.77
C TYR E 246 9.88 6.73 31.47
N MET E 247 10.41 5.76 30.70
CA MET E 247 10.89 4.53 31.31
C MET E 247 12.21 4.72 32.03
N ASP E 248 13.05 5.64 31.56
CA ASP E 248 14.38 5.79 32.14
C ASP E 248 14.35 6.51 33.48
N GLU E 249 13.55 7.57 33.59
CA GLU E 249 13.53 8.44 34.76
C GLU E 249 12.31 8.25 35.64
N ASP E 250 11.11 8.18 35.05
CA ASP E 250 9.90 8.07 35.86
C ASP E 250 9.63 6.64 36.30
N CYS E 251 10.07 5.65 35.52
CA CYS E 251 9.71 4.27 35.79
C CYS E 251 10.75 3.59 36.67
N ASP E 252 10.31 2.53 37.35
CA ASP E 252 11.17 1.73 38.20
C ASP E 252 12.34 1.16 37.39
N GLU E 253 13.44 0.88 38.09
CA GLU E 253 14.60 0.26 37.44
C GLU E 253 14.24 -1.08 36.78
N ASP E 254 13.20 -1.75 37.28
CA ASP E 254 12.75 -3.00 36.68
C ASP E 254 12.35 -2.84 35.22
N ALA E 255 12.02 -1.62 34.78
CA ALA E 255 11.68 -1.40 33.38
C ALA E 255 12.81 -1.79 32.44
N PHE E 256 14.05 -1.76 32.95
CA PHE E 256 15.22 -2.16 32.17
C PHE E 256 15.85 -3.44 32.70
N VAL E 257 15.17 -4.18 33.58
CA VAL E 257 15.74 -5.38 34.17
C VAL E 257 14.78 -6.56 33.99
N ASP E 258 13.48 -6.27 34.03
CA ASP E 258 12.46 -7.30 33.85
C ASP E 258 12.66 -8.00 32.50
N SER E 259 12.14 -9.22 32.41
CA SER E 259 12.28 -10.03 31.20
C SER E 259 11.64 -9.36 29.97
N SER E 260 10.69 -8.46 30.19
CA SER E 260 10.05 -7.75 29.08
C SER E 260 10.79 -6.48 28.69
N CYS E 261 12.02 -6.28 29.17
CA CYS E 261 12.77 -5.06 28.88
C CYS E 261 13.42 -5.06 27.50
N GLY E 262 13.44 -6.20 26.81
CA GLY E 262 14.07 -6.30 25.50
C GLY E 262 13.53 -5.34 24.47
N ALA E 264 12.37 -2.26 25.08
CA ALA E 264 12.99 -0.98 25.38
C ALA E 264 14.43 -0.94 24.90
N GLY E 265 15.12 -2.08 25.04
CA GLY E 265 16.49 -2.15 24.57
C GLY E 265 16.61 -2.06 23.06
N VAL E 266 15.66 -2.68 22.35
CA VAL E 266 15.67 -2.59 20.89
C VAL E 266 15.36 -1.17 20.45
N ALA E 267 14.41 -0.51 21.11
CA ALA E 267 14.11 0.88 20.80
C ALA E 267 15.32 1.77 21.09
N ALA E 268 16.01 1.53 22.20
CA ALA E 268 17.19 2.32 22.54
C ALA E 268 18.30 2.11 21.53
N ALA E 269 18.54 0.87 21.12
CA ALA E 269 19.55 0.61 20.11
C ALA E 269 19.19 1.27 18.79
N LEU E 270 17.91 1.20 18.41
CA LEU E 270 17.45 1.83 17.17
C LEU E 270 17.59 3.34 17.26
N LEU E 271 17.22 3.93 18.41
CA LEU E 271 17.34 5.37 18.59
C LEU E 271 18.78 5.83 18.61
N TYR E 272 19.71 4.95 19.03
CA TYR E 272 21.12 5.31 19.03
C TYR E 272 21.64 5.47 17.61
N ARG E 273 21.31 4.52 16.73
CA ARG E 273 21.75 4.65 15.34
C ARG E 273 21.14 5.89 14.68
N LEU E 274 19.90 6.23 15.05
CA LEU E 274 19.22 7.35 14.40
C LEU E 274 19.64 8.70 14.96
N THR E 275 19.79 8.82 16.28
CA THR E 275 20.10 10.09 16.92
C THR E 275 21.54 10.21 17.37
N GLY E 276 22.20 9.11 17.71
CA GLY E 276 23.57 9.16 18.17
C GLY E 276 23.75 9.54 19.63
N ARG E 277 22.67 9.80 20.35
CA ARG E 277 22.78 10.17 21.75
C ARG E 277 23.32 9.01 22.58
N PRO E 278 24.39 9.21 23.35
CA PRO E 278 25.03 8.08 24.04
C PRO E 278 24.17 7.43 25.09
N ARG E 279 23.17 8.13 25.64
CA ARG E 279 22.33 7.52 26.66
C ARG E 279 21.58 6.31 26.10
N TYR E 280 21.11 6.40 24.84
CA TYR E 280 20.42 5.29 24.22
C TYR E 280 21.35 4.10 24.04
N ARG E 281 22.61 4.37 23.68
CA ARG E 281 23.59 3.29 23.56
C ARG E 281 23.80 2.59 24.90
N GLU E 282 23.77 3.36 25.99
CA GLU E 282 23.98 2.76 27.31
C GLU E 282 22.80 1.88 27.73
N ILE E 283 21.58 2.35 27.47
CA ILE E 283 20.40 1.53 27.75
C ILE E 283 20.45 0.22 26.96
N ALA E 284 20.79 0.30 25.67
CA ALA E 284 20.80 -0.88 24.83
C ALA E 284 21.93 -1.83 25.20
N GLU E 285 23.11 -1.29 25.49
CA GLU E 285 24.23 -2.12 25.94
C GLU E 285 23.90 -2.85 27.24
N GLY E 286 23.34 -2.12 28.20
CA GLY E 286 23.02 -2.73 29.49
C GLY E 286 21.96 -3.81 29.38
N ILE E 287 20.89 -3.52 28.65
CA ILE E 287 19.85 -4.53 28.45
C ILE E 287 20.40 -5.71 27.65
N GLY E 288 21.24 -5.43 26.65
CA GLY E 288 21.79 -6.49 25.84
C GLY E 288 22.68 -7.44 26.63
N THR E 289 23.58 -6.88 27.45
CA THR E 289 24.46 -7.73 28.24
C THR E 289 23.72 -8.43 29.36
N LEU E 290 22.65 -7.82 29.89
CA LEU E 290 21.87 -8.47 30.93
C LEU E 290 21.18 -9.72 30.41
N LEU E 291 20.60 -9.63 29.22
CA LEU E 291 19.98 -10.82 28.63
C LEU E 291 21.01 -11.89 28.32
N CYS E 292 22.23 -11.49 27.94
CA CYS E 292 23.30 -12.46 27.69
C CYS E 292 23.67 -13.21 28.95
N GLU E 293 23.72 -12.51 30.08
CA GLU E 293 24.10 -13.14 31.34
C GLU E 293 23.04 -14.13 31.81
N ARG E 294 21.78 -13.91 31.43
CA ARG E 294 20.71 -14.80 31.87
C ARG E 294 20.60 -16.05 31.01
N GLN E 295 21.26 -16.07 29.86
CA GLN E 295 21.16 -17.22 28.96
C GLN E 295 21.73 -18.46 29.65
N SER E 296 21.12 -19.61 29.37
CA SER E 296 21.63 -20.86 29.89
C SER E 296 22.88 -21.28 29.12
N PRO E 297 23.71 -22.15 29.69
CA PRO E 297 24.88 -22.64 28.95
C PRO E 297 24.50 -23.39 27.68
N TYR E 298 23.32 -24.01 27.65
CA TYR E 298 22.91 -24.82 26.50
C TYR E 298 22.35 -23.98 25.36
N GLY E 299 22.00 -22.72 25.62
CA GLY E 299 21.57 -21.79 24.59
C GLY E 299 20.18 -21.24 24.77
N TYR E 300 19.30 -21.98 25.44
CA TYR E 300 17.95 -21.50 25.69
C TYR E 300 17.94 -20.49 26.82
N TRP E 301 16.83 -19.78 26.94
CA TRP E 301 16.50 -18.99 28.13
C TRP E 301 15.35 -19.67 28.86
N SER E 302 15.41 -19.65 30.19
CA SER E 302 14.34 -20.25 30.99
C SER E 302 14.21 -19.49 32.30
N GLU E 303 13.02 -19.61 32.89
CA GLU E 303 12.78 -19.00 34.19
C GLU E 303 13.41 -19.82 35.31
N GLU E 304 13.22 -21.13 35.28
CA GLU E 304 13.71 -21.99 36.35
C GLU E 304 14.34 -23.29 35.86
N GLU E 305 14.47 -23.50 34.55
CA GLU E 305 15.10 -24.70 34.03
C GLU E 305 16.61 -24.46 33.87
N THR E 306 17.38 -25.50 34.18
CA THR E 306 18.84 -25.43 34.04
C THR E 306 19.47 -26.65 33.39
N GLY E 307 18.73 -27.74 33.18
CA GLY E 307 19.32 -28.94 32.63
C GLY E 307 19.44 -28.91 31.12
N ASP E 308 19.97 -30.02 30.59
CA ASP E 308 20.14 -30.20 29.15
C ASP E 308 18.86 -30.78 28.55
N VAL E 309 17.82 -29.96 28.55
CA VAL E 309 16.49 -30.43 28.22
C VAL E 309 16.29 -30.48 26.70
N ALA E 310 15.29 -31.25 26.29
CA ALA E 310 14.92 -31.39 24.88
C ALA E 310 13.74 -30.51 24.48
N ASP E 311 13.04 -29.92 25.43
CA ASP E 311 11.93 -29.02 25.14
C ASP E 311 11.79 -28.04 26.30
N LEU E 312 10.86 -27.11 26.17
CA LEU E 312 10.67 -26.06 27.15
C LEU E 312 9.20 -25.74 27.34
N PHE E 313 8.89 -25.23 28.53
CA PHE E 313 7.62 -24.55 28.77
C PHE E 313 7.39 -23.50 27.69
N TRP E 314 6.12 -23.32 27.29
CA TRP E 314 5.82 -22.44 26.16
C TRP E 314 6.38 -21.05 26.37
N GLY E 315 6.31 -20.54 27.60
CA GLY E 315 6.82 -19.20 27.87
C GLY E 315 8.33 -19.12 27.75
N ASP E 316 9.03 -20.19 28.15
CA ASP E 316 10.48 -20.22 28.01
C ASP E 316 10.89 -20.30 26.55
N LEU E 317 10.16 -21.10 25.76
CA LEU E 317 10.48 -21.22 24.34
C LEU E 317 10.19 -19.91 23.61
N ASP E 318 9.09 -19.24 23.94
CA ASP E 318 8.82 -17.93 23.37
C ASP E 318 9.93 -16.94 23.72
N MET E 319 10.32 -16.91 24.99
CA MET E 319 11.41 -16.03 25.42
C MET E 319 12.71 -16.34 24.69
N THR E 320 12.96 -17.62 24.40
CA THR E 320 14.20 -18.00 23.74
C THR E 320 14.24 -17.46 22.32
N ALA E 321 13.18 -17.71 21.54
CA ALA E 321 13.10 -17.11 20.21
C ALA E 321 13.06 -15.60 20.27
N GLU E 322 12.47 -15.03 21.33
CA GLU E 322 12.38 -13.58 21.44
C GLU E 322 13.74 -12.96 21.68
N TYR E 323 14.60 -13.61 22.46
CA TYR E 323 15.90 -13.03 22.75
C TYR E 323 16.87 -13.20 21.58
N VAL E 324 16.62 -14.18 20.70
CA VAL E 324 17.35 -14.22 19.43
C VAL E 324 17.12 -12.93 18.66
N LEU E 325 15.86 -12.51 18.56
CA LEU E 325 15.52 -11.28 17.86
C LEU E 325 16.15 -10.05 18.52
N TRP E 326 15.87 -9.86 19.80
CA TRP E 326 16.30 -8.63 20.47
C TRP E 326 17.82 -8.51 20.49
N LEU E 327 18.52 -9.60 20.80
CA LEU E 327 19.98 -9.53 20.84
C LEU E 327 20.56 -9.24 19.47
N ASP E 328 19.92 -9.77 18.42
CA ASP E 328 20.38 -9.46 17.06
C ASP E 328 20.07 -8.02 16.68
N LEU E 329 18.87 -7.55 16.97
CA LEU E 329 18.51 -6.18 16.61
C LEU E 329 19.34 -5.17 17.40
N ILE E 330 19.54 -5.40 18.69
CA ILE E 330 20.38 -4.51 19.50
C ILE E 330 21.81 -4.53 18.96
N GLY E 331 22.33 -5.73 18.69
CA GLY E 331 23.69 -5.83 18.21
C GLY E 331 23.93 -5.14 16.88
N ARG E 332 22.97 -5.25 15.95
CA ARG E 332 23.19 -4.67 14.64
C ARG E 332 23.02 -3.16 14.67
N ASN E 333 22.17 -2.66 15.55
CA ASN E 333 21.95 -1.22 15.63
C ASN E 333 23.03 -0.53 16.44
N LEU E 334 23.56 -1.19 17.46
CA LEU E 334 24.70 -0.64 18.17
C LEU E 334 25.94 -0.62 17.27
N ALA E 335 26.18 -1.70 16.52
CA ALA E 335 27.34 -1.75 15.64
C ALA E 335 27.24 -0.72 14.52
N SER E 336 26.04 -0.56 13.95
CA SER E 336 25.88 0.42 12.88
C SER E 336 25.87 1.84 13.41
N GLY E 337 25.29 2.05 14.60
CA GLY E 337 25.37 3.37 15.21
C GLY E 337 26.79 3.78 15.50
N GLU E 338 27.63 2.82 15.91
CA GLU E 338 29.04 3.11 16.13
C GLU E 338 29.71 3.57 14.84
N ARG E 339 29.48 2.85 13.74
CA ARG E 339 30.07 3.23 12.46
C ARG E 339 29.56 4.60 12.00
N VAL E 340 28.27 4.88 12.24
CA VAL E 340 27.69 6.14 11.77
C VAL E 340 28.18 7.32 12.59
N TRP E 341 28.22 7.18 13.91
CA TRP E 341 28.62 8.24 14.83
C TRP E 341 30.05 8.09 15.31
N ALA E 342 30.94 7.56 14.47
CA ALA E 342 32.34 7.37 14.84
C ALA E 342 33.04 8.69 15.10
N ASN F 10 -42.12 -50.45 -8.12
CA ASN F 10 -41.57 -50.16 -6.81
C ASN F 10 -42.31 -49.01 -6.14
N SER F 11 -42.78 -49.26 -4.91
CA SER F 11 -43.50 -48.27 -4.14
C SER F 11 -42.55 -47.16 -3.67
N PRO F 12 -43.07 -46.05 -3.15
CA PRO F 12 -42.16 -45.02 -2.60
C PRO F 12 -41.25 -45.54 -1.51
N HIS F 13 -41.75 -46.41 -0.62
CA HIS F 13 -40.91 -46.97 0.44
C HIS F 13 -39.74 -47.76 -0.13
N GLU F 14 -39.97 -48.46 -1.25
CA GLU F 14 -38.90 -49.25 -1.84
C GLU F 14 -37.86 -48.37 -2.50
N LEU F 15 -38.30 -47.28 -3.14
CA LEU F 15 -37.34 -46.34 -3.72
C LEU F 15 -36.49 -45.70 -2.64
N LYS F 16 -37.12 -45.35 -1.51
CA LYS F 16 -36.37 -44.77 -0.39
C LYS F 16 -35.41 -45.79 0.22
N ASN F 17 -35.81 -47.06 0.28
CA ASN F 17 -34.86 -48.08 0.73
C ASN F 17 -33.61 -48.10 -0.13
N ALA F 18 -33.76 -48.07 -1.45
CA ALA F 18 -32.60 -48.09 -2.33
C ALA F 18 -31.72 -46.86 -2.11
N ALA F 19 -32.32 -45.69 -1.92
CA ALA F 19 -31.53 -44.49 -1.67
C ALA F 19 -30.71 -44.62 -0.39
N GLN F 20 -31.31 -45.18 0.66
CA GLN F 20 -30.61 -45.29 1.94
C GLN F 20 -29.47 -46.29 1.88
N ARG F 21 -29.67 -47.41 1.18
CA ARG F 21 -28.60 -48.39 1.01
C ARG F 21 -27.40 -47.77 0.29
N ALA F 22 -27.67 -46.95 -0.72
CA ALA F 22 -26.59 -46.25 -1.40
C ALA F 22 -25.98 -45.17 -0.52
N ALA F 23 -26.80 -44.56 0.34
CA ALA F 23 -26.30 -43.51 1.23
C ALA F 23 -25.41 -44.10 2.31
N ASP F 24 -25.84 -45.21 2.92
CA ASP F 24 -24.98 -45.91 3.87
C ASP F 24 -23.67 -46.34 3.22
N TRP F 25 -23.74 -46.74 1.96
CA TRP F 25 -22.54 -47.15 1.22
C TRP F 25 -21.55 -45.98 1.12
N LEU F 26 -22.05 -44.80 0.77
CA LEU F 26 -21.19 -43.62 0.65
C LEU F 26 -20.58 -43.25 2.00
N VAL F 27 -21.40 -43.21 3.05
CA VAL F 27 -20.92 -42.80 4.36
C VAL F 27 -19.89 -43.78 4.90
N GLU F 28 -20.12 -45.09 4.67
CA GLU F 28 -19.19 -46.10 5.14
C GLU F 28 -17.80 -45.88 4.56
N ARG F 29 -17.71 -45.38 3.33
CA ARG F 29 -16.44 -45.20 2.64
C ARG F 29 -16.01 -43.75 2.57
N GLN F 30 -16.64 -42.87 3.33
CA GLN F 30 -16.24 -41.47 3.33
C GLN F 30 -14.86 -41.32 3.95
N ARG F 31 -14.07 -40.41 3.40
CA ARG F 31 -12.72 -40.17 3.86
C ARG F 31 -12.73 -39.24 5.08
N PRO F 32 -11.66 -39.25 5.88
CA PRO F 32 -11.66 -38.44 7.12
C PRO F 32 -11.84 -36.96 6.86
N ASN F 33 -11.35 -36.43 5.74
CA ASN F 33 -11.48 -35.02 5.45
C ASN F 33 -12.87 -34.64 4.94
N GLY F 34 -13.76 -35.61 4.76
CA GLY F 34 -15.09 -35.38 4.26
C GLY F 34 -15.30 -35.78 2.82
N ALA F 35 -14.23 -36.02 2.07
CA ALA F 35 -14.36 -36.36 0.66
C ALA F 35 -14.98 -37.74 0.49
N LEU F 36 -15.74 -37.89 -0.58
CA LEU F 36 -16.35 -39.17 -0.92
C LEU F 36 -15.32 -40.07 -1.61
N PRO F 37 -15.55 -41.39 -1.62
CA PRO F 37 -14.53 -42.32 -2.14
C PRO F 37 -14.41 -42.34 -3.67
N SER F 38 -13.76 -41.32 -4.21
CA SER F 38 -13.50 -41.23 -5.64
C SER F 38 -12.07 -41.64 -5.95
N ARG F 39 -11.89 -42.37 -7.04
CA ARG F 39 -10.55 -42.76 -7.46
C ARG F 39 -9.73 -41.58 -7.95
N THR F 40 -10.39 -40.48 -8.34
CA THR F 40 -9.72 -39.23 -8.66
C THR F 40 -10.33 -38.12 -7.80
N ALA F 41 -9.49 -37.28 -7.22
CA ALA F 41 -9.93 -36.21 -6.35
C ALA F 41 -10.31 -35.00 -7.21
N VAL F 42 -11.58 -34.97 -7.63
CA VAL F 42 -12.11 -33.87 -8.43
C VAL F 42 -13.49 -33.51 -7.88
N ILE F 43 -13.87 -32.24 -8.04
CA ILE F 43 -15.10 -31.78 -7.42
C ILE F 43 -16.33 -32.37 -8.10
N GLU F 44 -16.19 -32.80 -9.37
CA GLU F 44 -17.33 -33.41 -10.04
C GLU F 44 -17.63 -34.82 -9.55
N SER F 45 -16.94 -35.30 -8.52
CA SER F 45 -17.22 -36.60 -7.93
C SER F 45 -18.04 -36.52 -6.66
N CYS F 46 -18.20 -35.33 -6.08
CA CYS F 46 -18.90 -35.22 -4.81
C CYS F 46 -19.76 -33.96 -4.71
N TYR F 47 -20.02 -33.26 -5.82
CA TYR F 47 -20.76 -32.01 -5.72
C TYR F 47 -22.21 -32.23 -5.30
N LYS F 48 -22.76 -33.41 -5.55
CA LYS F 48 -24.09 -33.75 -5.07
C LYS F 48 -24.08 -34.34 -3.67
N GLY F 49 -22.91 -34.45 -3.04
CA GLY F 49 -22.79 -35.19 -1.80
C GLY F 49 -23.53 -34.54 -0.65
N MET F 50 -23.39 -33.21 -0.49
CA MET F 50 -24.04 -32.52 0.61
C MET F 50 -25.55 -32.70 0.58
N TRP F 51 -26.16 -32.42 -0.57
CA TRP F 51 -27.61 -32.54 -0.70
C TRP F 51 -28.06 -33.99 -0.53
N ALA F 52 -27.35 -34.93 -1.16
CA ALA F 52 -27.78 -36.33 -1.14
C ALA F 52 -27.67 -36.93 0.25
N LEU F 53 -26.56 -36.66 0.95
CA LEU F 53 -26.38 -37.25 2.27
C LEU F 53 -27.28 -36.59 3.30
N HIS F 54 -27.50 -35.27 3.19
CA HIS F 54 -28.48 -34.62 4.05
C HIS F 54 -29.87 -35.19 3.82
N THR F 55 -30.22 -35.43 2.55
CA THR F 55 -31.51 -35.99 2.22
C THR F 55 -31.72 -37.36 2.86
N ALA F 56 -30.65 -38.14 3.00
CA ALA F 56 -30.70 -39.44 3.62
C ALA F 56 -30.59 -39.38 5.14
N GLY F 57 -30.55 -38.18 5.71
CA GLY F 57 -30.40 -38.04 7.15
C GLY F 57 -29.00 -38.24 7.66
N HIS F 58 -28.02 -38.48 6.79
CA HIS F 58 -26.62 -38.57 7.20
C HIS F 58 -26.03 -37.15 7.29
N THR F 59 -26.51 -36.43 8.31
CA THR F 59 -26.22 -35.00 8.42
C THR F 59 -24.75 -34.75 8.77
N GLN F 60 -24.17 -35.56 9.65
CA GLN F 60 -22.76 -35.38 9.96
C GLN F 60 -21.87 -35.75 8.78
N ALA F 61 -22.28 -36.74 7.99
CA ALA F 61 -21.55 -37.06 6.77
C ALA F 61 -21.70 -35.95 5.74
N ALA F 62 -22.92 -35.42 5.58
CA ALA F 62 -23.13 -34.30 4.67
C ALA F 62 -22.36 -33.08 5.13
N SER F 63 -22.33 -32.83 6.44
CA SER F 63 -21.55 -31.71 6.95
C SER F 63 -20.06 -31.93 6.72
N ALA F 64 -19.61 -33.18 6.75
CA ALA F 64 -18.21 -33.47 6.44
C ALA F 64 -17.88 -33.13 5.00
N VAL F 65 -18.81 -33.44 4.08
CA VAL F 65 -18.65 -33.00 2.70
C VAL F 65 -18.62 -31.47 2.64
N ALA F 66 -19.41 -30.81 3.48
CA ALA F 66 -19.38 -29.35 3.52
C ALA F 66 -18.02 -28.85 3.99
N ASP F 67 -17.40 -29.56 4.93
CA ASP F 67 -16.06 -29.19 5.38
C ASP F 67 -15.05 -29.31 4.25
N TYR F 68 -15.10 -30.43 3.52
CA TYR F 68 -14.21 -30.65 2.39
C TYR F 68 -14.42 -29.59 1.31
N VAL F 69 -15.67 -29.33 0.95
CA VAL F 69 -15.96 -28.34 -0.08
C VAL F 69 -15.55 -26.95 0.38
N THR F 70 -15.71 -26.66 1.67
CA THR F 70 -15.30 -25.36 2.20
C THR F 70 -13.81 -25.14 2.04
N SER F 71 -13.01 -26.18 2.24
CA SER F 71 -11.56 -26.07 2.14
C SER F 71 -11.08 -25.81 0.71
N LEU F 72 -11.94 -26.02 -0.29
CA LEU F 72 -11.61 -25.74 -1.69
C LEU F 72 -12.14 -24.41 -2.17
N LEU F 73 -12.97 -23.73 -1.37
CA LEU F 73 -13.68 -22.54 -1.84
C LEU F 73 -12.71 -21.36 -1.99
N GLN F 74 -12.73 -20.73 -3.15
CA GLN F 74 -11.93 -19.55 -3.45
C GLN F 74 -12.66 -18.29 -2.99
N PRO F 75 -11.93 -17.18 -2.79
CA PRO F 75 -12.58 -15.95 -2.31
C PRO F 75 -13.68 -15.43 -3.23
N ASP F 76 -13.67 -15.79 -4.51
CA ASP F 76 -14.74 -15.34 -5.40
C ASP F 76 -16.00 -16.19 -5.30
N GLY F 77 -15.97 -17.29 -4.56
CA GLY F 77 -17.12 -18.17 -4.44
C GLY F 77 -17.15 -19.34 -5.40
N ASP F 78 -16.10 -19.55 -6.19
CA ASP F 78 -16.03 -20.65 -7.13
C ASP F 78 -15.07 -21.72 -6.63
N ILE F 79 -15.23 -22.93 -7.18
CA ILE F 79 -14.27 -24.01 -7.00
C ILE F 79 -13.78 -24.41 -8.39
N PRO F 80 -12.76 -23.72 -8.91
CA PRO F 80 -12.31 -23.98 -10.28
C PRO F 80 -11.52 -25.26 -10.42
N GLN F 81 -10.88 -25.71 -9.34
CA GLN F 81 -10.17 -26.98 -9.33
C GLN F 81 -10.39 -27.61 -7.97
N PRO F 82 -10.38 -28.95 -7.86
CA PRO F 82 -10.15 -29.94 -8.94
C PRO F 82 -11.34 -30.26 -9.84
N ARG F 83 -11.11 -30.07 -11.14
CA ARG F 83 -12.01 -30.40 -12.24
C ARG F 83 -11.20 -31.00 -13.38
N GLU F 84 -11.70 -32.09 -13.97
CA GLU F 84 -10.96 -32.71 -15.06
C GLU F 84 -11.90 -33.04 -16.22
N GLU F 85 -13.15 -33.37 -15.90
CA GLU F 85 -14.10 -33.71 -16.94
C GLU F 85 -14.44 -32.48 -17.77
N ARG F 86 -14.33 -32.61 -19.10
CA ARG F 86 -14.55 -31.50 -20.00
C ARG F 86 -15.97 -30.94 -19.88
N TYR F 87 -16.94 -31.80 -19.57
CA TYR F 87 -18.32 -31.33 -19.44
C TYR F 87 -18.47 -30.34 -18.30
N PHE F 88 -17.58 -30.40 -17.30
CA PHE F 88 -17.57 -29.44 -16.22
C PHE F 88 -16.62 -28.27 -16.50
N LEU F 89 -16.26 -28.06 -17.76
CA LEU F 89 -15.39 -26.97 -18.17
C LEU F 89 -16.02 -26.12 -19.25
N ASP F 90 -16.52 -26.73 -20.32
CA ASP F 90 -17.11 -26.00 -21.44
C ASP F 90 -18.59 -26.25 -21.64
N VAL F 91 -19.10 -27.42 -21.23
CA VAL F 91 -20.49 -27.77 -21.52
C VAL F 91 -21.43 -27.15 -20.48
N HIS F 92 -21.30 -27.57 -19.21
CA HIS F 92 -22.05 -27.00 -18.10
C HIS F 92 -21.12 -26.90 -16.89
N TYR F 93 -20.31 -25.85 -16.88
CA TYR F 93 -19.36 -25.62 -15.80
C TYR F 93 -20.08 -25.45 -14.46
N LEU F 94 -21.18 -24.69 -14.45
CA LEU F 94 -21.95 -24.41 -13.24
C LEU F 94 -22.76 -25.60 -12.74
N TYR F 95 -22.74 -26.73 -13.45
CA TYR F 95 -23.48 -27.91 -12.99
C TYR F 95 -23.01 -28.33 -11.60
N ALA F 96 -21.69 -28.29 -11.35
CA ALA F 96 -21.19 -28.61 -10.03
C ALA F 96 -21.60 -27.55 -9.01
N ASN F 97 -21.46 -26.27 -9.38
CA ASN F 97 -21.80 -25.19 -8.46
C ASN F 97 -23.26 -25.23 -8.03
N GLY F 98 -24.15 -25.68 -8.93
CA GLY F 98 -25.56 -25.67 -8.61
C GLY F 98 -25.92 -26.61 -7.46
N TYR F 99 -25.46 -27.87 -7.54
CA TYR F 99 -25.75 -28.81 -6.47
C TYR F 99 -25.03 -28.43 -5.18
N LEU F 100 -23.85 -27.82 -5.29
CA LEU F 100 -23.13 -27.39 -4.09
C LEU F 100 -23.89 -26.29 -3.36
N THR F 101 -24.42 -25.32 -4.11
CA THR F 101 -25.20 -24.25 -3.50
C THR F 101 -26.42 -24.81 -2.78
N ILE F 102 -27.15 -25.71 -3.43
CA ILE F 102 -28.34 -26.30 -2.81
C ILE F 102 -27.95 -27.12 -1.60
N GLY F 103 -26.92 -27.96 -1.73
CA GLY F 103 -26.49 -28.79 -0.62
C GLY F 103 -26.02 -27.96 0.57
N ALA F 104 -25.31 -26.86 0.29
CA ALA F 104 -24.84 -26.00 1.37
C ALA F 104 -25.99 -25.29 2.06
N HIS F 105 -26.98 -24.83 1.28
CA HIS F 105 -28.06 -24.05 1.86
C HIS F 105 -28.97 -24.91 2.74
N VAL F 106 -29.32 -26.12 2.27
CA VAL F 106 -30.19 -27.00 3.06
C VAL F 106 -29.51 -27.47 4.34
N LEU F 107 -28.17 -27.51 4.37
CA LEU F 107 -27.43 -27.84 5.58
C LEU F 107 -27.37 -26.69 6.57
N GLY F 108 -27.75 -25.49 6.17
CA GLY F 108 -27.58 -24.33 7.02
C GLY F 108 -26.23 -23.66 6.90
N ARG F 109 -25.38 -24.10 5.97
CA ARG F 109 -24.10 -23.45 5.68
C ARG F 109 -24.37 -22.21 4.84
N PHE F 110 -24.89 -21.18 5.50
CA PHE F 110 -25.33 -19.97 4.81
C PHE F 110 -24.15 -19.18 4.24
N GLY F 111 -22.99 -19.21 4.90
CA GLY F 111 -21.82 -18.57 4.33
C GLY F 111 -21.34 -19.25 3.08
N LEU F 112 -21.31 -20.58 3.08
CA LEU F 112 -20.96 -21.32 1.88
C LEU F 112 -22.00 -21.11 0.78
N SER F 113 -23.29 -21.15 1.13
CA SER F 113 -24.32 -21.01 0.10
C SER F 113 -24.35 -19.61 -0.48
N ARG F 114 -24.15 -18.58 0.35
CA ARG F 114 -24.14 -17.21 -0.16
C ARG F 114 -23.03 -17.01 -1.18
N LYS F 115 -21.82 -17.47 -0.86
CA LYS F 115 -20.69 -17.27 -1.75
C LYS F 115 -20.81 -18.12 -3.01
N LEU F 116 -21.25 -19.38 -2.88
CA LEU F 116 -21.46 -20.21 -4.06
C LEU F 116 -22.49 -19.60 -4.99
N MET F 117 -23.60 -19.10 -4.43
CA MET F 117 -24.64 -18.51 -5.26
C MET F 117 -24.21 -17.17 -5.85
N SER F 118 -23.40 -16.40 -5.10
CA SER F 118 -22.94 -15.12 -5.62
C SER F 118 -22.06 -15.30 -6.85
N PHE F 119 -21.22 -16.33 -6.86
CA PHE F 119 -20.42 -16.58 -8.05
C PHE F 119 -21.31 -17.05 -9.21
N VAL F 120 -22.30 -17.89 -8.92
CA VAL F 120 -23.25 -18.34 -9.93
C VAL F 120 -23.87 -17.13 -10.63
N GLU F 121 -24.20 -16.09 -9.88
CA GLU F 121 -24.83 -14.90 -10.45
C GLU F 121 -23.88 -14.17 -11.40
N THR F 122 -22.57 -14.19 -11.13
CA THR F 122 -21.61 -13.54 -12.02
C THR F 122 -21.52 -14.21 -13.38
N MET F 123 -22.09 -15.40 -13.54
CA MET F 123 -22.10 -16.11 -14.83
C MET F 123 -23.42 -15.95 -15.57
N ARG F 124 -24.36 -15.18 -15.01
CA ARG F 124 -25.67 -15.02 -15.63
C ARG F 124 -25.62 -13.93 -16.69
N ASN F 125 -26.14 -14.25 -17.88
CA ASN F 125 -26.32 -13.26 -18.95
C ASN F 125 -27.57 -12.45 -18.64
N PRO F 126 -27.43 -11.17 -18.30
CA PRO F 126 -28.62 -10.38 -17.91
C PRO F 126 -29.55 -10.08 -19.05
N ALA F 127 -29.10 -10.14 -20.30
CA ALA F 127 -29.94 -9.86 -21.45
C ALA F 127 -30.77 -11.05 -21.90
N THR F 128 -30.40 -12.27 -21.49
CA THR F 128 -31.10 -13.48 -21.91
C THR F 128 -31.62 -14.32 -20.75
N GLY F 129 -31.08 -14.17 -19.54
CA GLY F 129 -31.42 -15.03 -18.43
C GLY F 129 -30.65 -16.33 -18.39
N GLY F 130 -29.84 -16.63 -19.40
CA GLY F 130 -29.07 -17.85 -19.40
C GLY F 130 -27.81 -17.73 -18.55
N PHE F 131 -27.19 -18.87 -18.31
CA PHE F 131 -25.96 -18.95 -17.54
C PHE F 131 -24.85 -19.50 -18.42
N ARG F 132 -23.71 -18.81 -18.43
CA ARG F 132 -22.62 -19.14 -19.35
C ARG F 132 -22.16 -20.57 -19.14
N SER F 133 -21.81 -21.24 -20.25
CA SER F 133 -21.48 -22.65 -20.22
C SER F 133 -20.05 -22.93 -19.79
N HIS F 134 -19.13 -21.97 -19.94
CA HIS F 134 -17.72 -22.18 -19.63
C HIS F 134 -17.30 -21.31 -18.47
N GLY F 135 -16.39 -21.82 -17.64
CA GLY F 135 -15.95 -21.14 -16.45
C GLY F 135 -15.03 -19.98 -16.72
N PRO F 136 -14.75 -19.18 -15.68
CA PRO F 136 -13.93 -17.98 -15.87
C PRO F 136 -12.52 -18.28 -16.35
N ALA F 137 -11.98 -19.46 -16.07
CA ALA F 137 -10.64 -19.83 -16.51
C ALA F 137 -10.66 -20.60 -17.83
N ILE F 138 -11.82 -20.74 -18.46
CA ILE F 138 -11.98 -21.53 -19.67
C ILE F 138 -12.39 -20.58 -20.78
N PRO F 139 -11.69 -20.54 -21.91
CA PRO F 139 -12.08 -19.63 -23.00
C PRO F 139 -13.35 -20.10 -23.69
N GLY F 140 -14.14 -19.15 -24.15
CA GLY F 140 -15.36 -19.47 -24.86
C GLY F 140 -16.05 -18.21 -25.33
N ASP F 141 -17.16 -18.40 -26.04
CA ASP F 141 -17.89 -17.31 -26.70
C ASP F 141 -19.08 -16.82 -25.89
N GLY F 142 -19.18 -17.18 -24.62
CA GLY F 142 -20.28 -16.72 -23.80
C GLY F 142 -21.60 -17.41 -24.04
N ARG F 143 -21.59 -18.59 -24.65
CA ARG F 143 -22.82 -19.34 -24.87
C ARG F 143 -23.43 -19.79 -23.55
N CYS F 144 -24.74 -19.97 -23.55
CA CYS F 144 -25.50 -20.41 -22.39
C CYS F 144 -26.32 -21.64 -22.77
N ASP F 145 -26.26 -22.68 -21.93
CA ASP F 145 -26.94 -23.93 -22.20
C ASP F 145 -28.11 -24.12 -21.23
N SER F 146 -28.92 -25.13 -21.53
CA SER F 146 -30.13 -25.38 -20.76
C SER F 146 -29.81 -25.95 -19.38
N VAL F 147 -28.74 -26.74 -19.27
CA VAL F 147 -28.41 -27.37 -17.99
C VAL F 147 -27.89 -26.34 -17.00
N SER F 148 -26.89 -25.55 -17.40
CA SER F 148 -26.35 -24.52 -16.52
C SER F 148 -27.43 -23.55 -16.08
N THR F 149 -28.37 -23.23 -16.97
CA THR F 149 -29.42 -22.28 -16.63
C THR F 149 -30.41 -22.88 -15.65
N SER F 150 -30.80 -24.15 -15.86
CA SER F 150 -31.82 -24.75 -15.01
C SER F 150 -31.27 -25.10 -13.63
N ILE F 151 -30.03 -25.57 -13.55
CA ILE F 151 -29.46 -25.92 -12.25
C ILE F 151 -29.15 -24.66 -11.45
N SER F 152 -28.78 -23.56 -12.13
CA SER F 152 -28.56 -22.30 -11.43
C SER F 152 -29.89 -21.70 -10.98
N GLY F 153 -30.93 -21.82 -11.82
CA GLY F 153 -32.25 -21.39 -11.39
C GLY F 153 -32.81 -22.22 -10.27
N LEU F 154 -32.51 -23.52 -10.26
CA LEU F 154 -32.90 -24.36 -9.13
C LEU F 154 -32.17 -23.93 -7.87
N ALA F 155 -30.87 -23.65 -7.97
CA ALA F 155 -30.13 -23.13 -6.84
C ALA F 155 -30.68 -21.77 -6.40
N ALA F 156 -31.08 -20.94 -7.36
CA ALA F 156 -31.69 -19.65 -7.02
C ALA F 156 -32.97 -19.85 -6.22
N LEU F 157 -33.73 -20.90 -6.54
CA LEU F 157 -34.98 -21.16 -5.80
C LEU F 157 -34.70 -21.53 -4.35
N TYR F 158 -33.66 -22.33 -4.10
CA TYR F 158 -33.35 -22.73 -2.74
C TYR F 158 -32.77 -21.58 -1.93
N THR F 159 -32.06 -20.66 -2.58
CA THR F 159 -31.47 -19.52 -1.90
C THR F 159 -32.40 -18.31 -1.85
N GLY F 160 -33.63 -18.44 -2.35
CA GLY F 160 -34.59 -17.35 -2.26
C GLY F 160 -34.39 -16.23 -3.25
N ARG F 161 -33.59 -16.44 -4.30
CA ARG F 161 -33.41 -15.46 -5.36
C ARG F 161 -34.38 -15.80 -6.50
N VAL F 162 -35.64 -15.44 -6.28
CA VAL F 162 -36.70 -15.85 -7.20
C VAL F 162 -36.62 -15.09 -8.52
N ASP F 163 -36.15 -13.84 -8.50
CA ASP F 163 -35.97 -13.10 -9.75
C ASP F 163 -34.97 -13.80 -10.67
N THR F 164 -33.88 -14.31 -10.10
CA THR F 164 -32.92 -15.06 -10.90
C THR F 164 -33.56 -16.30 -11.52
N ALA F 165 -34.39 -17.01 -10.75
CA ALA F 165 -35.03 -18.22 -11.26
C ALA F 165 -36.03 -17.88 -12.36
N ARG F 166 -36.86 -16.85 -12.15
CA ARG F 166 -37.80 -16.43 -13.18
C ARG F 166 -37.07 -16.07 -14.47
N SER F 167 -35.97 -15.33 -14.35
CA SER F 167 -35.19 -14.97 -15.53
C SER F 167 -34.59 -16.20 -16.19
N ALA F 168 -34.24 -17.22 -15.40
CA ALA F 168 -33.77 -18.47 -15.97
C ALA F 168 -34.86 -19.19 -16.75
N ALA F 169 -36.11 -19.09 -16.30
CA ALA F 169 -37.21 -19.67 -17.06
C ALA F 169 -37.46 -18.90 -18.35
N ASP F 170 -37.23 -17.58 -18.35
CA ASP F 170 -37.36 -16.80 -19.58
C ASP F 170 -36.40 -17.31 -20.64
N PHE F 171 -35.16 -17.61 -20.24
CA PHE F 171 -34.19 -18.18 -21.18
C PHE F 171 -34.67 -19.53 -21.71
N LEU F 172 -35.24 -20.36 -20.84
CA LEU F 172 -35.68 -21.69 -21.28
C LEU F 172 -36.88 -21.58 -22.21
N GLY F 173 -37.78 -20.63 -21.95
CA GLY F 173 -38.90 -20.42 -22.85
C GLY F 173 -38.46 -19.94 -24.22
N SER F 174 -37.46 -19.04 -24.24
CA SER F 174 -36.93 -18.57 -25.51
C SER F 174 -36.22 -19.68 -26.27
N LEU F 175 -35.49 -20.54 -25.55
CA LEU F 175 -34.81 -21.65 -26.20
C LEU F 175 -35.80 -22.65 -26.78
N TRP F 176 -36.94 -22.83 -26.10
CA TRP F 176 -37.95 -23.77 -26.58
C TRP F 176 -38.65 -23.23 -27.82
N VAL F 177 -39.04 -21.96 -27.80
CA VAL F 177 -39.70 -21.37 -28.96
C VAL F 177 -38.74 -21.23 -30.13
N GLY F 178 -37.46 -21.01 -29.86
CA GLY F 178 -36.46 -20.83 -30.90
C GLY F 178 -35.97 -22.08 -31.57
N GLN F 179 -36.57 -23.23 -31.29
CA GLN F 179 -36.08 -24.49 -31.83
C GLN F 179 -36.35 -24.60 -33.32
N PRO F 180 -35.33 -24.76 -34.17
CA PRO F 180 -35.58 -24.84 -35.62
C PRO F 180 -36.34 -26.08 -36.03
N ASP F 181 -36.18 -27.19 -35.31
CA ASP F 181 -36.89 -28.43 -35.62
C ASP F 181 -36.86 -29.38 -34.43
N ARG F 182 -37.67 -29.10 -33.40
CA ARG F 182 -37.73 -29.93 -32.22
C ARG F 182 -38.18 -31.36 -32.52
N LYS F 183 -38.77 -31.59 -33.70
CA LYS F 183 -39.16 -32.94 -34.10
C LYS F 183 -37.95 -33.86 -34.26
N ASN F 184 -36.80 -33.31 -34.67
CA ASN F 184 -35.63 -34.11 -34.96
C ASN F 184 -34.44 -33.85 -34.05
N VAL F 185 -34.23 -32.62 -33.60
CA VAL F 185 -33.09 -32.27 -32.76
C VAL F 185 -33.53 -31.21 -31.75
N PHE F 186 -33.04 -31.33 -30.52
CA PHE F 186 -33.22 -30.29 -29.51
C PHE F 186 -31.87 -29.63 -29.27
N HIS F 187 -31.72 -28.39 -29.74
CA HIS F 187 -30.52 -27.61 -29.49
C HIS F 187 -30.62 -26.96 -28.12
N ALA F 188 -29.77 -27.40 -27.19
CA ALA F 188 -29.83 -26.97 -25.80
C ALA F 188 -29.04 -25.70 -25.53
N VAL F 189 -28.33 -25.16 -26.52
CA VAL F 189 -27.42 -24.04 -26.33
C VAL F 189 -27.92 -22.83 -27.11
N ALA F 190 -27.75 -21.66 -26.52
CA ALA F 190 -27.94 -20.38 -27.18
C ALA F 190 -26.64 -19.57 -27.09
N ASP F 191 -26.52 -18.56 -27.95
CA ASP F 191 -25.35 -17.70 -27.92
C ASP F 191 -25.57 -16.53 -26.97
N ALA F 192 -24.59 -15.62 -26.91
CA ALA F 192 -24.65 -14.51 -25.96
C ALA F 192 -25.81 -13.55 -26.23
N SER F 193 -26.39 -13.59 -27.43
CA SER F 193 -27.51 -12.74 -27.78
C SER F 193 -28.85 -13.43 -27.57
N GLY F 194 -28.86 -14.70 -27.17
CA GLY F 194 -30.08 -15.43 -26.96
C GLY F 194 -30.55 -16.26 -28.14
N ALA F 195 -29.87 -16.20 -29.28
CA ALA F 195 -30.27 -16.98 -30.44
C ALA F 195 -29.84 -18.43 -30.28
N VAL F 196 -30.73 -19.34 -30.69
CA VAL F 196 -30.42 -20.76 -30.61
C VAL F 196 -29.20 -21.07 -31.46
N LEU F 197 -28.23 -21.76 -30.86
CA LEU F 197 -26.97 -22.07 -31.51
C LEU F 197 -27.04 -23.47 -32.11
N THR F 198 -26.92 -23.55 -33.44
CA THR F 198 -27.02 -24.82 -34.16
C THR F 198 -25.67 -25.32 -34.67
N SER F 199 -24.57 -24.71 -34.25
CA SER F 199 -23.26 -25.14 -34.70
C SER F 199 -22.93 -26.54 -34.17
N ASP F 200 -21.93 -27.16 -34.80
CA ASP F 200 -21.61 -28.55 -34.47
C ASP F 200 -21.00 -28.70 -33.09
N ASP F 201 -20.33 -27.66 -32.58
CA ASP F 201 -19.70 -27.70 -31.28
C ASP F 201 -20.65 -27.38 -30.14
N ALA F 202 -21.94 -27.27 -30.42
CA ALA F 202 -22.95 -27.01 -29.40
C ALA F 202 -23.72 -28.29 -29.10
N VAL F 203 -24.21 -28.39 -27.86
CA VAL F 203 -24.97 -29.57 -27.44
C VAL F 203 -26.26 -29.65 -28.26
N ALA F 204 -26.48 -30.80 -28.88
CA ALA F 204 -27.68 -31.05 -29.67
C ALA F 204 -28.10 -32.50 -29.43
N VAL F 205 -29.25 -32.68 -28.78
CA VAL F 205 -29.75 -34.01 -28.48
C VAL F 205 -30.42 -34.58 -29.73
N GLN F 206 -29.94 -35.72 -30.19
CA GLN F 206 -30.60 -36.43 -31.29
C GLN F 206 -31.90 -37.02 -30.76
N VAL F 207 -33.01 -36.32 -31.01
CA VAL F 207 -34.26 -36.62 -30.33
C VAL F 207 -34.88 -37.94 -30.80
N ARG F 208 -34.51 -38.42 -31.98
CA ARG F 208 -35.05 -39.66 -32.52
C ARG F 208 -34.06 -40.82 -32.38
N LYS F 209 -33.02 -40.66 -31.58
CA LYS F 209 -31.99 -41.67 -31.40
C LYS F 209 -31.80 -41.94 -29.91
N ALA F 210 -31.26 -43.12 -29.61
CA ALA F 210 -31.01 -43.52 -28.23
C ALA F 210 -29.55 -43.28 -27.86
N GLU F 211 -29.22 -41.98 -27.71
CA GLU F 211 -27.85 -41.56 -27.49
C GLU F 211 -27.73 -40.57 -26.33
N GLY F 212 -28.58 -40.73 -25.31
CA GLY F 212 -28.41 -40.05 -24.04
C GLY F 212 -28.60 -38.55 -24.13
N ASP F 213 -27.95 -37.84 -23.19
CA ASP F 213 -28.00 -36.39 -23.08
C ASP F 213 -29.41 -35.87 -22.85
N TRP F 214 -30.33 -36.74 -22.42
CA TRP F 214 -31.72 -36.34 -22.24
C TRP F 214 -31.91 -35.34 -21.11
N TYR F 215 -30.97 -35.27 -20.17
CA TYR F 215 -31.11 -34.34 -19.06
C TYR F 215 -31.03 -32.88 -19.49
N PHE F 216 -30.55 -32.60 -20.70
CA PHE F 216 -30.64 -31.26 -21.25
C PHE F 216 -32.07 -30.84 -21.50
N ILE F 217 -33.02 -31.78 -21.50
CA ILE F 217 -34.43 -31.49 -21.52
C ILE F 217 -35.09 -31.79 -20.18
N GLY F 218 -34.65 -32.86 -19.52
CA GLY F 218 -35.30 -33.28 -18.28
C GLY F 218 -35.01 -32.38 -17.10
N LEU F 219 -33.80 -31.80 -17.05
CA LEU F 219 -33.49 -30.90 -15.94
C LEU F 219 -34.25 -29.58 -16.05
N PRO F 220 -34.37 -28.94 -17.23
CA PRO F 220 -35.31 -27.80 -17.32
C PRO F 220 -36.72 -28.16 -16.89
N ALA F 221 -37.21 -29.36 -17.23
CA ALA F 221 -38.54 -29.78 -16.79
C ALA F 221 -38.64 -29.81 -15.28
N PHE F 222 -37.60 -30.30 -14.61
CA PHE F 222 -37.58 -30.32 -13.16
C PHE F 222 -37.59 -28.90 -12.59
N PHE F 223 -36.64 -28.06 -13.01
CA PHE F 223 -36.56 -26.71 -12.47
C PHE F 223 -37.84 -25.94 -12.71
N LEU F 224 -38.39 -26.02 -13.92
CA LEU F 224 -39.59 -25.27 -14.26
C LEU F 224 -40.77 -25.69 -13.38
N THR F 225 -40.89 -26.99 -13.11
CA THR F 225 -41.96 -27.46 -12.22
C THR F 225 -41.79 -26.91 -10.81
N ALA F 226 -40.56 -26.97 -10.30
CA ALA F 226 -40.29 -26.40 -8.97
C ALA F 226 -40.51 -24.90 -8.95
N LEU F 227 -40.23 -24.21 -10.07
CA LEU F 227 -40.52 -22.79 -10.14
C LEU F 227 -42.03 -22.54 -10.19
N TYR F 228 -42.77 -23.42 -10.87
CA TYR F 228 -44.22 -23.31 -10.83
C TYR F 228 -44.74 -23.54 -9.42
N GLU F 229 -44.17 -24.50 -8.69
CA GLU F 229 -44.54 -24.69 -7.29
C GLU F 229 -44.25 -23.44 -6.48
N ALA F 230 -43.16 -22.74 -6.80
CA ALA F 230 -42.75 -21.58 -6.03
C ALA F 230 -43.63 -20.37 -6.33
N THR F 231 -44.04 -20.19 -7.59
CA THR F 231 -44.76 -19.00 -8.00
C THR F 231 -46.23 -19.23 -8.33
N GLU F 232 -46.63 -20.47 -8.64
CA GLU F 232 -47.98 -20.76 -9.13
C GLU F 232 -48.29 -19.99 -10.42
N ASP F 233 -47.24 -19.67 -11.18
CA ASP F 233 -47.39 -19.03 -12.48
C ASP F 233 -47.63 -20.11 -13.52
N ARG F 234 -48.79 -20.06 -14.18
CA ARG F 234 -49.19 -21.09 -15.13
C ARG F 234 -48.18 -21.25 -16.27
N ALA F 235 -47.47 -20.17 -16.64
CA ALA F 235 -46.54 -20.25 -17.76
C ALA F 235 -45.43 -21.26 -17.50
N TYR F 236 -44.96 -21.35 -16.25
CA TYR F 236 -43.89 -22.28 -15.94
C TYR F 236 -44.40 -23.73 -15.96
N LEU F 237 -45.65 -23.93 -15.55
CA LEU F 237 -46.24 -25.26 -15.62
C LEU F 237 -46.48 -25.67 -17.07
N ASP F 238 -46.95 -24.75 -17.91
CA ASP F 238 -47.19 -25.06 -19.31
C ASP F 238 -45.92 -25.52 -20.01
N LEU F 239 -44.83 -24.81 -19.80
CA LEU F 239 -43.56 -25.19 -20.43
C LEU F 239 -43.04 -26.50 -19.86
N ALA F 240 -43.16 -26.69 -18.54
CA ALA F 240 -42.72 -27.95 -17.94
C ALA F 240 -43.47 -29.13 -18.53
N THR F 241 -44.80 -29.02 -18.65
CA THR F 241 -45.59 -30.09 -19.23
C THR F 241 -45.34 -30.21 -20.73
N ASP F 242 -45.05 -29.09 -21.41
CA ASP F 242 -44.66 -29.18 -22.82
C ASP F 242 -43.37 -29.98 -22.97
N LEU F 243 -42.40 -29.78 -22.07
CA LEU F 243 -41.16 -30.54 -22.15
C LEU F 243 -41.38 -32.00 -21.80
N MET F 244 -42.28 -32.28 -20.85
CA MET F 244 -42.56 -33.66 -20.47
C MET F 244 -43.29 -34.40 -21.58
N THR F 245 -44.32 -33.78 -22.16
CA THR F 245 -44.96 -34.36 -23.33
C THR F 245 -43.96 -34.56 -24.46
N TYR F 246 -43.03 -33.62 -24.62
CA TYR F 246 -42.00 -33.72 -25.65
C TYR F 246 -41.17 -34.98 -25.46
N MET F 247 -40.69 -35.23 -24.24
CA MET F 247 -39.90 -36.43 -23.98
C MET F 247 -40.75 -37.68 -24.04
N ASP F 248 -42.05 -37.57 -23.76
CA ASP F 248 -42.92 -38.73 -23.75
C ASP F 248 -43.35 -39.12 -25.16
N GLU F 249 -43.80 -38.14 -25.96
CA GLU F 249 -44.34 -38.41 -27.29
C GLU F 249 -43.25 -38.45 -28.37
N ASP F 250 -42.51 -37.35 -28.52
CA ASP F 250 -41.65 -37.16 -29.68
C ASP F 250 -40.24 -37.72 -29.49
N CYS F 251 -39.79 -37.86 -28.25
CA CYS F 251 -38.44 -38.35 -28.02
C CYS F 251 -38.40 -39.87 -28.08
N ASP F 252 -37.20 -40.39 -28.36
CA ASP F 252 -36.98 -41.82 -28.32
C ASP F 252 -37.30 -42.37 -26.93
N GLU F 253 -37.61 -43.67 -26.88
CA GLU F 253 -37.89 -44.32 -25.61
C GLU F 253 -36.71 -44.22 -24.65
N ASP F 254 -35.51 -43.95 -25.16
CA ASP F 254 -34.33 -43.80 -24.32
C ASP F 254 -34.43 -42.59 -23.40
N ALA F 255 -35.37 -41.67 -23.66
CA ALA F 255 -35.49 -40.49 -22.80
C ALA F 255 -35.88 -40.87 -21.38
N PHE F 256 -36.59 -41.99 -21.21
CA PHE F 256 -36.97 -42.49 -19.90
C PHE F 256 -36.20 -43.75 -19.51
N VAL F 257 -35.12 -44.06 -20.23
CA VAL F 257 -34.32 -45.26 -20.00
C VAL F 257 -32.85 -44.93 -19.74
N ASP F 258 -32.32 -43.95 -20.47
CA ASP F 258 -30.92 -43.57 -20.31
C ASP F 258 -30.65 -43.13 -18.88
N SER F 259 -29.38 -43.28 -18.46
CA SER F 259 -29.00 -43.00 -17.07
C SER F 259 -29.36 -41.59 -16.65
N SER F 260 -29.45 -40.65 -17.59
CA SER F 260 -29.81 -39.27 -17.29
C SER F 260 -31.32 -39.05 -17.20
N CYS F 261 -32.13 -40.12 -17.24
CA CYS F 261 -33.58 -39.97 -17.19
C CYS F 261 -34.10 -39.64 -15.79
N GLY F 262 -33.24 -39.63 -14.78
CA GLY F 262 -33.67 -39.37 -13.42
C GLY F 262 -34.30 -38.01 -13.23
N ALA F 264 -36.05 -36.28 -15.39
CA ALA F 264 -37.41 -36.32 -15.90
C ALA F 264 -38.31 -37.09 -14.94
N GLY F 265 -37.76 -38.13 -14.32
CA GLY F 265 -38.52 -38.88 -13.34
C GLY F 265 -38.85 -38.05 -12.10
N VAL F 266 -37.90 -37.23 -11.65
CA VAL F 266 -38.17 -36.31 -10.56
C VAL F 266 -39.19 -35.26 -10.99
N ALA F 267 -39.03 -34.72 -12.19
CA ALA F 267 -39.98 -33.74 -12.71
C ALA F 267 -41.38 -34.32 -12.79
N ALA F 268 -41.51 -35.57 -13.25
CA ALA F 268 -42.82 -36.21 -13.31
C ALA F 268 -43.38 -36.43 -11.91
N ALA F 269 -42.52 -36.79 -10.96
CA ALA F 269 -42.99 -37.04 -9.60
C ALA F 269 -43.58 -35.77 -8.99
N LEU F 270 -42.89 -34.65 -9.16
CA LEU F 270 -43.40 -33.38 -8.66
C LEU F 270 -44.68 -32.97 -9.39
N LEU F 271 -44.72 -33.19 -10.70
CA LEU F 271 -45.90 -32.81 -11.48
C LEU F 271 -47.13 -33.60 -11.04
N TYR F 272 -46.94 -34.86 -10.65
CA TYR F 272 -48.07 -35.66 -10.17
C TYR F 272 -48.63 -35.09 -8.87
N ARG F 273 -47.75 -34.72 -7.94
CA ARG F 273 -48.21 -34.19 -6.66
C ARG F 273 -48.85 -32.82 -6.81
N LEU F 274 -48.42 -32.05 -7.82
CA LEU F 274 -48.99 -30.73 -8.06
C LEU F 274 -50.28 -30.77 -8.88
N THR F 275 -50.35 -31.65 -9.87
CA THR F 275 -51.46 -31.64 -10.82
C THR F 275 -52.41 -32.82 -10.69
N GLY F 276 -51.92 -33.98 -10.26
CA GLY F 276 -52.76 -35.17 -10.18
C GLY F 276 -52.82 -36.00 -11.45
N ARG F 277 -52.12 -35.58 -12.50
CA ARG F 277 -52.00 -36.34 -13.74
C ARG F 277 -51.53 -37.77 -13.44
N PRO F 278 -52.34 -38.80 -13.73
CA PRO F 278 -51.86 -40.18 -13.55
C PRO F 278 -50.70 -40.55 -14.48
N ARG F 279 -50.57 -39.89 -15.63
CA ARG F 279 -49.46 -40.21 -16.52
C ARG F 279 -48.12 -39.85 -15.88
N TYR F 280 -48.09 -38.76 -15.10
CA TYR F 280 -46.84 -38.37 -14.45
C TYR F 280 -46.47 -39.34 -13.33
N ARG F 281 -47.46 -39.93 -12.66
CA ARG F 281 -47.16 -41.00 -11.71
C ARG F 281 -46.56 -42.19 -12.41
N GLU F 282 -47.08 -42.55 -13.58
CA GLU F 282 -46.55 -43.70 -14.32
C GLU F 282 -45.13 -43.44 -14.79
N ILE F 283 -44.84 -42.23 -15.24
CA ILE F 283 -43.49 -41.91 -15.71
C ILE F 283 -42.50 -41.97 -14.55
N ALA F 284 -42.86 -41.36 -13.41
CA ALA F 284 -41.98 -41.35 -12.26
C ALA F 284 -41.81 -42.75 -11.67
N GLU F 285 -42.88 -43.53 -11.61
CA GLU F 285 -42.78 -44.90 -11.10
C GLU F 285 -41.87 -45.75 -11.97
N GLY F 286 -42.05 -45.67 -13.30
CA GLY F 286 -41.22 -46.46 -14.18
C GLY F 286 -39.75 -46.10 -14.10
N ILE F 287 -39.45 -44.81 -13.98
CA ILE F 287 -38.05 -44.37 -13.90
C ILE F 287 -37.46 -44.75 -12.56
N GLY F 288 -38.19 -44.50 -11.47
CA GLY F 288 -37.69 -44.86 -10.15
C GLY F 288 -37.44 -46.35 -10.01
N THR F 289 -38.38 -47.17 -10.51
CA THR F 289 -38.17 -48.62 -10.49
C THR F 289 -36.97 -49.01 -11.33
N LEU F 290 -36.82 -48.40 -12.50
CA LEU F 290 -35.70 -48.73 -13.38
C LEU F 290 -34.36 -48.46 -12.70
N LEU F 291 -34.25 -47.35 -11.98
CA LEU F 291 -33.01 -47.06 -11.25
C LEU F 291 -32.79 -48.06 -10.12
N CYS F 292 -33.86 -48.53 -9.49
CA CYS F 292 -33.71 -49.52 -8.43
C CYS F 292 -33.15 -50.83 -8.96
N GLU F 293 -33.73 -51.32 -10.06
CA GLU F 293 -33.28 -52.59 -10.64
C GLU F 293 -31.86 -52.51 -11.18
N ARG F 294 -31.35 -51.30 -11.41
CA ARG F 294 -29.97 -51.14 -11.86
C ARG F 294 -28.99 -51.08 -10.70
N GLN F 295 -29.47 -50.85 -9.49
CA GLN F 295 -28.59 -50.69 -8.35
C GLN F 295 -27.80 -51.97 -8.09
N SER F 296 -26.52 -51.82 -7.79
CA SER F 296 -25.72 -52.96 -7.39
C SER F 296 -26.27 -53.54 -6.09
N PRO F 297 -26.17 -54.85 -5.90
CA PRO F 297 -26.57 -55.44 -4.61
C PRO F 297 -25.77 -54.93 -3.43
N TYR F 298 -24.70 -54.17 -3.66
CA TYR F 298 -23.89 -53.59 -2.59
C TYR F 298 -24.31 -52.18 -2.22
N GLY F 299 -25.09 -51.50 -3.07
CA GLY F 299 -25.55 -50.16 -2.74
C GLY F 299 -25.24 -49.12 -3.79
N TYR F 300 -24.05 -49.18 -4.36
CA TYR F 300 -23.63 -48.20 -5.34
C TYR F 300 -24.31 -48.43 -6.68
N TRP F 301 -24.14 -47.47 -7.59
CA TRP F 301 -24.48 -47.61 -9.00
C TRP F 301 -23.21 -47.51 -9.82
N SER F 302 -23.11 -48.32 -10.86
CA SER F 302 -21.92 -48.30 -11.70
C SER F 302 -22.26 -48.90 -13.06
N GLU F 303 -21.42 -48.57 -14.03
CA GLU F 303 -21.60 -49.09 -15.39
C GLU F 303 -21.10 -50.53 -15.51
N GLU F 304 -19.89 -50.81 -15.01
CA GLU F 304 -19.33 -52.15 -15.14
C GLU F 304 -18.67 -52.66 -13.86
N GLU F 305 -18.96 -52.08 -12.70
CA GLU F 305 -18.42 -52.58 -11.44
C GLU F 305 -19.38 -53.60 -10.83
N THR F 306 -18.82 -54.70 -10.35
CA THR F 306 -19.62 -55.80 -9.81
C THR F 306 -19.19 -56.28 -8.44
N GLY F 307 -17.98 -55.94 -7.97
CA GLY F 307 -17.48 -56.45 -6.71
C GLY F 307 -17.77 -55.52 -5.54
N ASP F 308 -17.32 -55.96 -4.37
CA ASP F 308 -17.45 -55.16 -3.14
C ASP F 308 -16.28 -54.19 -3.10
N VAL F 309 -16.39 -53.13 -3.90
CA VAL F 309 -15.29 -52.21 -4.09
C VAL F 309 -15.26 -51.19 -2.95
N ALA F 310 -14.07 -50.62 -2.73
CA ALA F 310 -13.87 -49.56 -1.75
C ALA F 310 -14.11 -48.17 -2.31
N ASP F 311 -13.93 -47.98 -3.61
CA ASP F 311 -14.12 -46.66 -4.22
C ASP F 311 -14.72 -46.85 -5.61
N LEU F 312 -14.92 -45.73 -6.30
CA LEU F 312 -15.50 -45.76 -7.63
C LEU F 312 -14.86 -44.67 -8.47
N PHE F 313 -14.90 -44.85 -9.79
CA PHE F 313 -14.58 -43.76 -10.69
C PHE F 313 -15.55 -42.62 -10.47
N TRP F 314 -15.11 -41.40 -10.73
CA TRP F 314 -15.88 -40.21 -10.37
C TRP F 314 -17.30 -40.24 -10.94
N GLY F 315 -17.47 -40.81 -12.14
CA GLY F 315 -18.79 -40.84 -12.74
C GLY F 315 -19.75 -41.77 -12.02
N ASP F 316 -19.25 -42.92 -11.57
CA ASP F 316 -20.10 -43.83 -10.81
C ASP F 316 -20.39 -43.28 -9.41
N LEU F 317 -19.41 -42.61 -8.80
CA LEU F 317 -19.64 -41.99 -7.50
C LEU F 317 -20.66 -40.87 -7.62
N ASP F 318 -20.55 -40.05 -8.67
CA ASP F 318 -21.52 -38.98 -8.89
C ASP F 318 -22.91 -39.55 -9.12
N MET F 319 -23.01 -40.60 -9.93
CA MET F 319 -24.31 -41.20 -10.21
C MET F 319 -24.93 -41.80 -8.95
N THR F 320 -24.09 -42.41 -8.09
CA THR F 320 -24.60 -43.04 -6.89
C THR F 320 -25.26 -42.01 -5.97
N ALA F 321 -24.56 -40.92 -5.67
CA ALA F 321 -25.17 -39.87 -4.85
C ALA F 321 -26.31 -39.19 -5.59
N GLU F 322 -26.26 -39.13 -6.92
CA GLU F 322 -27.34 -38.52 -7.67
C GLU F 322 -28.62 -39.35 -7.55
N TYR F 323 -28.50 -40.68 -7.64
CA TYR F 323 -29.68 -41.53 -7.54
C TYR F 323 -30.21 -41.60 -6.12
N VAL F 324 -29.40 -41.26 -5.11
CA VAL F 324 -29.93 -41.08 -3.77
C VAL F 324 -30.92 -39.93 -3.75
N LEU F 325 -30.57 -38.83 -4.43
CA LEU F 325 -31.47 -37.69 -4.51
C LEU F 325 -32.74 -38.03 -5.30
N TRP F 326 -32.57 -38.54 -6.53
CA TRP F 326 -33.72 -38.75 -7.40
C TRP F 326 -34.70 -39.75 -6.80
N LEU F 327 -34.19 -40.89 -6.31
CA LEU F 327 -35.08 -41.88 -5.72
C LEU F 327 -35.80 -41.33 -4.49
N ASP F 328 -35.18 -40.41 -3.76
CA ASP F 328 -35.84 -39.81 -2.61
C ASP F 328 -36.83 -38.74 -3.03
N LEU F 329 -36.45 -37.87 -4.00
CA LEU F 329 -37.39 -36.89 -4.50
C LEU F 329 -38.60 -37.56 -5.14
N ILE F 330 -38.38 -38.64 -5.89
CA ILE F 330 -39.47 -39.34 -6.54
C ILE F 330 -40.38 -40.00 -5.50
N GLY F 331 -39.79 -40.67 -4.52
CA GLY F 331 -40.60 -41.37 -3.53
C GLY F 331 -41.44 -40.43 -2.69
N ARG F 332 -40.87 -39.30 -2.27
CA ARG F 332 -41.61 -38.38 -1.42
C ARG F 332 -42.70 -37.65 -2.19
N ASN F 333 -42.53 -37.46 -3.51
CA ASN F 333 -43.54 -36.78 -4.29
C ASN F 333 -44.64 -37.74 -4.76
N LEU F 334 -44.29 -39.01 -4.98
CA LEU F 334 -45.30 -40.02 -5.28
C LEU F 334 -46.15 -40.32 -4.05
N ALA F 335 -45.51 -40.45 -2.89
CA ALA F 335 -46.26 -40.72 -1.66
C ALA F 335 -47.19 -39.57 -1.32
N SER F 336 -46.69 -38.33 -1.44
CA SER F 336 -47.55 -37.17 -1.17
C SER F 336 -48.68 -37.07 -2.19
N GLY F 337 -48.38 -37.38 -3.46
CA GLY F 337 -49.41 -37.32 -4.49
C GLY F 337 -50.52 -38.33 -4.26
N GLU F 338 -50.17 -39.54 -3.83
CA GLU F 338 -51.17 -40.55 -3.52
C GLU F 338 -52.07 -40.11 -2.37
N ARG F 339 -51.51 -39.31 -1.44
CA ARG F 339 -52.29 -38.77 -0.33
C ARG F 339 -53.16 -37.59 -0.78
N VAL F 340 -52.59 -36.69 -1.59
CA VAL F 340 -53.34 -35.51 -2.00
C VAL F 340 -54.45 -35.87 -2.98
N TRP F 341 -54.20 -36.84 -3.86
CA TRP F 341 -55.15 -37.25 -4.88
C TRP F 341 -55.63 -38.67 -4.58
N ALA F 342 -56.41 -38.80 -3.52
CA ALA F 342 -56.93 -40.11 -3.11
C ALA F 342 -58.39 -40.27 -3.52
#